data_5YQX
# 
_entry.id   5YQX 
# 
_audit_conform.dict_name       mmcif_pdbx.dic 
_audit_conform.dict_version    5.387 
_audit_conform.dict_location   http://mmcif.pdb.org/dictionaries/ascii/mmcif_pdbx.dic 
# 
loop_
_database_2.database_id 
_database_2.database_code 
_database_2.pdbx_database_accession 
_database_2.pdbx_DOI 
PDB   5YQX         pdb_00005yqx 10.2210/pdb5yqx/pdb 
WWPDB D_1300005460 ?            ?                   
# 
loop_
_pdbx_audit_revision_history.ordinal 
_pdbx_audit_revision_history.data_content_type 
_pdbx_audit_revision_history.major_revision 
_pdbx_audit_revision_history.minor_revision 
_pdbx_audit_revision_history.revision_date 
1 'Structure model' 1 0 2018-11-28 
2 'Structure model' 1 1 2019-06-12 
3 'Structure model' 1 2 2024-03-27 
# 
_pdbx_audit_revision_details.ordinal             1 
_pdbx_audit_revision_details.revision_ordinal    1 
_pdbx_audit_revision_details.data_content_type   'Structure model' 
_pdbx_audit_revision_details.provider            repository 
_pdbx_audit_revision_details.type                'Initial release' 
_pdbx_audit_revision_details.description         ? 
_pdbx_audit_revision_details.details             ? 
# 
loop_
_pdbx_audit_revision_group.ordinal 
_pdbx_audit_revision_group.revision_ordinal 
_pdbx_audit_revision_group.data_content_type 
_pdbx_audit_revision_group.group 
1 2 'Structure model' 'Data collection'     
2 2 'Structure model' 'Database references' 
3 3 'Structure model' 'Data collection'     
4 3 'Structure model' 'Database references' 
# 
loop_
_pdbx_audit_revision_category.ordinal 
_pdbx_audit_revision_category.revision_ordinal 
_pdbx_audit_revision_category.data_content_type 
_pdbx_audit_revision_category.category 
1 2 'Structure model' citation        
2 2 'Structure model' citation_author 
3 3 'Structure model' chem_comp_atom  
4 3 'Structure model' chem_comp_bond  
5 3 'Structure model' database_2      
# 
loop_
_pdbx_audit_revision_item.ordinal 
_pdbx_audit_revision_item.revision_ordinal 
_pdbx_audit_revision_item.data_content_type 
_pdbx_audit_revision_item.item 
1  2 'Structure model' '_citation.country'                   
2  2 'Structure model' '_citation.journal_abbrev'            
3  2 'Structure model' '_citation.journal_id_ASTM'           
4  2 'Structure model' '_citation.journal_id_CSD'            
5  2 'Structure model' '_citation.journal_id_ISSN'           
6  2 'Structure model' '_citation.journal_volume'            
7  2 'Structure model' '_citation.page_first'                
8  2 'Structure model' '_citation.page_last'                 
9  2 'Structure model' '_citation.pdbx_database_id_DOI'      
10 2 'Structure model' '_citation.pdbx_database_id_PubMed'   
11 2 'Structure model' '_citation.title'                     
12 2 'Structure model' '_citation.year'                      
13 3 'Structure model' '_database_2.pdbx_DOI'                
14 3 'Structure model' '_database_2.pdbx_database_accession' 
# 
_pdbx_database_status.status_code                     REL 
_pdbx_database_status.status_code_sf                  REL 
_pdbx_database_status.status_code_mr                  ? 
_pdbx_database_status.entry_id                        5YQX 
_pdbx_database_status.recvd_initial_deposition_date   2017-11-08 
_pdbx_database_status.SG_entry                        N 
_pdbx_database_status.deposit_site                    PDBJ 
_pdbx_database_status.process_site                    PDBJ 
_pdbx_database_status.status_code_cs                  ? 
_pdbx_database_status.methods_development_category    ? 
_pdbx_database_status.pdb_format_compatible           Y 
_pdbx_database_status.status_code_nmr_data            ? 
# 
loop_
_audit_author.name 
_audit_author.pdbx_ordinal 
_audit_author.identifier_ORCID 
'Xue, X.'   1 ? 
'Zhang, Y.' 2 ? 
'Wang, C.'  3 ? 
'Song, M.'  4 ? 
# 
_citation.abstract                  ? 
_citation.abstract_id_CAS           ? 
_citation.book_id_ISBN              ? 
_citation.book_publisher            ? 
_citation.book_publisher_city       ? 
_citation.book_title                ? 
_citation.coordinate_linkage        ? 
_citation.country                   FR 
_citation.database_id_Medline       ? 
_citation.details                   ? 
_citation.id                        primary 
_citation.journal_abbrev            Eur.J.Med.Chem. 
_citation.journal_id_ASTM           EJMCA5 
_citation.journal_id_CSD            0493 
_citation.journal_id_ISSN           0223-5234 
_citation.journal_full              ? 
_citation.journal_issue             ? 
_citation.journal_volume            152 
_citation.language                  ? 
_citation.page_first                542 
_citation.page_last                 559 
_citation.title                     
;Benzoxazinone-containing 3,5-dimethylisoxazole derivatives as BET bromodomain inhibitors for treatment of castration-resistant prostate cancer.
;
_citation.year                      2018 
_citation.database_id_CSD           ? 
_citation.pdbx_database_id_DOI      10.1016/j.ejmech.2018.04.034 
_citation.pdbx_database_id_PubMed   29758518 
_citation.unpublished_flag          ? 
# 
loop_
_citation_author.citation_id 
_citation_author.name 
_citation_author.ordinal 
_citation_author.identifier_ORCID 
primary 'Xue, X.'   1  ? 
primary 'Zhang, Y.' 2  ? 
primary 'Wang, C.'  3  ? 
primary 'Zhang, M.' 4  ? 
primary 'Xiang, Q.' 5  ? 
primary 'Wang, J.'  6  ? 
primary 'Wang, A.'  7  ? 
primary 'Li, C.'    8  ? 
primary 'Zhang, C.' 9  ? 
primary 'Zou, L.'   10 ? 
primary 'Wang, R.'  11 ? 
primary 'Wu, S.'    12 ? 
primary 'Lu, Y.'    13 ? 
primary 'Chen, H.'  14 ? 
primary 'Ding, K.'  15 ? 
primary 'Li, G.'    16 ? 
primary 'Xu, Y.'    17 ? 
# 
loop_
_entity.id 
_entity.type 
_entity.src_method 
_entity.pdbx_description 
_entity.formula_weight 
_entity.pdbx_number_of_molecules 
_entity.pdbx_ec 
_entity.pdbx_mutation 
_entity.pdbx_fragment 
_entity.details 
1 polymer     man 'Bromodomain-containing protein 4'                                                    16638.213 1  ? ? ? ? 
2 non-polymer syn '(2R)-2-(cyclopropylmethyl)-7-(3,5-dimethyl-1,2-oxazol-4-yl)-4H-1,4-benzoxazin-3-one' 298.336   1  ? ? ? ? 
3 non-polymer syn 1,2-ETHANEDIOL                                                                        62.068    1  ? ? ? ? 
4 non-polymer syn GLYCEROL                                                                              92.094    1  ? ? ? ? 
5 water       nat water                                                                                 18.015    68 ? ? ? ? 
# 
_entity_name_com.entity_id   1 
_entity_name_com.name        'Protein HUNK1' 
# 
_entity_poly.entity_id                      1 
_entity_poly.type                           'polypeptide(L)' 
_entity_poly.nstd_linkage                   no 
_entity_poly.nstd_monomer                   no 
_entity_poly.pdbx_seq_one_letter_code       
;MKKGHHHHHHLVPRGSNPPPPETSNPNKPKRQTNQLQYLLRVVLKTLWKHQFAWPFQQPVDAVKLNLPDYYKIIKTPMDM
GTIKKRLENNYYWNAQECIQDFNTMFTNCYIYNKPGDDIVLMAEALEKLFLQKINELPTE
;
_entity_poly.pdbx_seq_one_letter_code_can   
;MKKGHHHHHHLVPRGSNPPPPETSNPNKPKRQTNQLQYLLRVVLKTLWKHQFAWPFQQPVDAVKLNLPDYYKIIKTPMDM
GTIKKRLENNYYWNAQECIQDFNTMFTNCYIYNKPGDDIVLMAEALEKLFLQKINELPTE
;
_entity_poly.pdbx_strand_id                 A 
_entity_poly.pdbx_target_identifier         ? 
# 
loop_
_pdbx_entity_nonpoly.entity_id 
_pdbx_entity_nonpoly.name 
_pdbx_entity_nonpoly.comp_id 
2 '(2R)-2-(cyclopropylmethyl)-7-(3,5-dimethyl-1,2-oxazol-4-yl)-4H-1,4-benzoxazin-3-one' E0K 
3 1,2-ETHANEDIOL                                                                        EDO 
4 GLYCEROL                                                                              GOL 
5 water                                                                                 HOH 
# 
loop_
_entity_poly_seq.entity_id 
_entity_poly_seq.num 
_entity_poly_seq.mon_id 
_entity_poly_seq.hetero 
1 1   MET n 
1 2   LYS n 
1 3   LYS n 
1 4   GLY n 
1 5   HIS n 
1 6   HIS n 
1 7   HIS n 
1 8   HIS n 
1 9   HIS n 
1 10  HIS n 
1 11  LEU n 
1 12  VAL n 
1 13  PRO n 
1 14  ARG n 
1 15  GLY n 
1 16  SER n 
1 17  ASN n 
1 18  PRO n 
1 19  PRO n 
1 20  PRO n 
1 21  PRO n 
1 22  GLU n 
1 23  THR n 
1 24  SER n 
1 25  ASN n 
1 26  PRO n 
1 27  ASN n 
1 28  LYS n 
1 29  PRO n 
1 30  LYS n 
1 31  ARG n 
1 32  GLN n 
1 33  THR n 
1 34  ASN n 
1 35  GLN n 
1 36  LEU n 
1 37  GLN n 
1 38  TYR n 
1 39  LEU n 
1 40  LEU n 
1 41  ARG n 
1 42  VAL n 
1 43  VAL n 
1 44  LEU n 
1 45  LYS n 
1 46  THR n 
1 47  LEU n 
1 48  TRP n 
1 49  LYS n 
1 50  HIS n 
1 51  GLN n 
1 52  PHE n 
1 53  ALA n 
1 54  TRP n 
1 55  PRO n 
1 56  PHE n 
1 57  GLN n 
1 58  GLN n 
1 59  PRO n 
1 60  VAL n 
1 61  ASP n 
1 62  ALA n 
1 63  VAL n 
1 64  LYS n 
1 65  LEU n 
1 66  ASN n 
1 67  LEU n 
1 68  PRO n 
1 69  ASP n 
1 70  TYR n 
1 71  TYR n 
1 72  LYS n 
1 73  ILE n 
1 74  ILE n 
1 75  LYS n 
1 76  THR n 
1 77  PRO n 
1 78  MET n 
1 79  ASP n 
1 80  MET n 
1 81  GLY n 
1 82  THR n 
1 83  ILE n 
1 84  LYS n 
1 85  LYS n 
1 86  ARG n 
1 87  LEU n 
1 88  GLU n 
1 89  ASN n 
1 90  ASN n 
1 91  TYR n 
1 92  TYR n 
1 93  TRP n 
1 94  ASN n 
1 95  ALA n 
1 96  GLN n 
1 97  GLU n 
1 98  CYS n 
1 99  ILE n 
1 100 GLN n 
1 101 ASP n 
1 102 PHE n 
1 103 ASN n 
1 104 THR n 
1 105 MET n 
1 106 PHE n 
1 107 THR n 
1 108 ASN n 
1 109 CYS n 
1 110 TYR n 
1 111 ILE n 
1 112 TYR n 
1 113 ASN n 
1 114 LYS n 
1 115 PRO n 
1 116 GLY n 
1 117 ASP n 
1 118 ASP n 
1 119 ILE n 
1 120 VAL n 
1 121 LEU n 
1 122 MET n 
1 123 ALA n 
1 124 GLU n 
1 125 ALA n 
1 126 LEU n 
1 127 GLU n 
1 128 LYS n 
1 129 LEU n 
1 130 PHE n 
1 131 LEU n 
1 132 GLN n 
1 133 LYS n 
1 134 ILE n 
1 135 ASN n 
1 136 GLU n 
1 137 LEU n 
1 138 PRO n 
1 139 THR n 
1 140 GLU n 
# 
_entity_src_gen.entity_id                          1 
_entity_src_gen.pdbx_src_id                        1 
_entity_src_gen.pdbx_alt_source_flag               sample 
_entity_src_gen.pdbx_seq_type                      'Biological sequence' 
_entity_src_gen.pdbx_beg_seq_num                   1 
_entity_src_gen.pdbx_end_seq_num                   140 
_entity_src_gen.gene_src_common_name               Human 
_entity_src_gen.gene_src_genus                     ? 
_entity_src_gen.pdbx_gene_src_gene                 'BRD4, HUNK1' 
_entity_src_gen.gene_src_species                   ? 
_entity_src_gen.gene_src_strain                    ? 
_entity_src_gen.gene_src_tissue                    ? 
_entity_src_gen.gene_src_tissue_fraction           ? 
_entity_src_gen.gene_src_details                   ? 
_entity_src_gen.pdbx_gene_src_fragment             ? 
_entity_src_gen.pdbx_gene_src_scientific_name      'Homo sapiens' 
_entity_src_gen.pdbx_gene_src_ncbi_taxonomy_id     9606 
_entity_src_gen.pdbx_gene_src_variant              ? 
_entity_src_gen.pdbx_gene_src_cell_line            ? 
_entity_src_gen.pdbx_gene_src_atcc                 ? 
_entity_src_gen.pdbx_gene_src_organ                ? 
_entity_src_gen.pdbx_gene_src_organelle            ? 
_entity_src_gen.pdbx_gene_src_cell                 ? 
_entity_src_gen.pdbx_gene_src_cellular_location    ? 
_entity_src_gen.host_org_common_name               ? 
_entity_src_gen.pdbx_host_org_scientific_name      'Escherichia coli BL21' 
_entity_src_gen.pdbx_host_org_ncbi_taxonomy_id     511693 
_entity_src_gen.host_org_genus                     ? 
_entity_src_gen.pdbx_host_org_gene                 ? 
_entity_src_gen.pdbx_host_org_organ                ? 
_entity_src_gen.host_org_species                   ? 
_entity_src_gen.pdbx_host_org_tissue               ? 
_entity_src_gen.pdbx_host_org_tissue_fraction      ? 
_entity_src_gen.pdbx_host_org_strain               BL21 
_entity_src_gen.pdbx_host_org_variant              ? 
_entity_src_gen.pdbx_host_org_cell_line            ? 
_entity_src_gen.pdbx_host_org_atcc                 ? 
_entity_src_gen.pdbx_host_org_culture_collection   ? 
_entity_src_gen.pdbx_host_org_cell                 ? 
_entity_src_gen.pdbx_host_org_organelle            ? 
_entity_src_gen.pdbx_host_org_cellular_location    ? 
_entity_src_gen.pdbx_host_org_vector_type          ? 
_entity_src_gen.pdbx_host_org_vector               ? 
_entity_src_gen.host_org_details                   ? 
_entity_src_gen.expression_system_id               ? 
_entity_src_gen.plasmid_name                       ? 
_entity_src_gen.plasmid_details                    ? 
_entity_src_gen.pdbx_description                   ? 
# 
loop_
_chem_comp.id 
_chem_comp.type 
_chem_comp.mon_nstd_flag 
_chem_comp.name 
_chem_comp.pdbx_synonyms 
_chem_comp.formula 
_chem_comp.formula_weight 
ALA 'L-peptide linking' y ALANINE                                                                               ? 'C3 H7 N O2'     
89.093  
ARG 'L-peptide linking' y ARGININE                                                                              ? 'C6 H15 N4 O2 1' 
175.209 
ASN 'L-peptide linking' y ASPARAGINE                                                                            ? 'C4 H8 N2 O3'    
132.118 
ASP 'L-peptide linking' y 'ASPARTIC ACID'                                                                       ? 'C4 H7 N O4'     
133.103 
CYS 'L-peptide linking' y CYSTEINE                                                                              ? 'C3 H7 N O2 S'   
121.158 
E0K non-polymer         . '(2R)-2-(cyclopropylmethyl)-7-(3,5-dimethyl-1,2-oxazol-4-yl)-4H-1,4-benzoxazin-3-one' ? 'C17 H18 N2 O3'  
298.336 
EDO non-polymer         . 1,2-ETHANEDIOL                                                                        'ETHYLENE GLYCOL' 
'C2 H6 O2'       62.068  
GLN 'L-peptide linking' y GLUTAMINE                                                                             ? 'C5 H10 N2 O3'   
146.144 
GLU 'L-peptide linking' y 'GLUTAMIC ACID'                                                                       ? 'C5 H9 N O4'     
147.129 
GLY 'peptide linking'   y GLYCINE                                                                               ? 'C2 H5 N O2'     
75.067  
GOL non-polymer         . GLYCEROL                                                                              
'GLYCERIN; PROPANE-1,2,3-TRIOL' 'C3 H8 O3'       92.094  
HIS 'L-peptide linking' y HISTIDINE                                                                             ? 'C6 H10 N3 O2 1' 
156.162 
HOH non-polymer         . WATER                                                                                 ? 'H2 O'           
18.015  
ILE 'L-peptide linking' y ISOLEUCINE                                                                            ? 'C6 H13 N O2'    
131.173 
LEU 'L-peptide linking' y LEUCINE                                                                               ? 'C6 H13 N O2'    
131.173 
LYS 'L-peptide linking' y LYSINE                                                                                ? 'C6 H15 N2 O2 1' 
147.195 
MET 'L-peptide linking' y METHIONINE                                                                            ? 'C5 H11 N O2 S'  
149.211 
PHE 'L-peptide linking' y PHENYLALANINE                                                                         ? 'C9 H11 N O2'    
165.189 
PRO 'L-peptide linking' y PROLINE                                                                               ? 'C5 H9 N O2'     
115.130 
SER 'L-peptide linking' y SERINE                                                                                ? 'C3 H7 N O3'     
105.093 
THR 'L-peptide linking' y THREONINE                                                                             ? 'C4 H9 N O3'     
119.119 
TRP 'L-peptide linking' y TRYPTOPHAN                                                                            ? 'C11 H12 N2 O2'  
204.225 
TYR 'L-peptide linking' y TYROSINE                                                                              ? 'C9 H11 N O3'    
181.189 
VAL 'L-peptide linking' y VALINE                                                                                ? 'C5 H11 N O2'    
117.146 
# 
loop_
_pdbx_poly_seq_scheme.asym_id 
_pdbx_poly_seq_scheme.entity_id 
_pdbx_poly_seq_scheme.seq_id 
_pdbx_poly_seq_scheme.mon_id 
_pdbx_poly_seq_scheme.ndb_seq_num 
_pdbx_poly_seq_scheme.pdb_seq_num 
_pdbx_poly_seq_scheme.auth_seq_num 
_pdbx_poly_seq_scheme.pdb_mon_id 
_pdbx_poly_seq_scheme.auth_mon_id 
_pdbx_poly_seq_scheme.pdb_strand_id 
_pdbx_poly_seq_scheme.pdb_ins_code 
_pdbx_poly_seq_scheme.hetero 
A 1 1   MET 1   28  ?   ?   ?   A . n 
A 1 2   LYS 2   29  ?   ?   ?   A . n 
A 1 3   LYS 3   30  ?   ?   ?   A . n 
A 1 4   GLY 4   31  ?   ?   ?   A . n 
A 1 5   HIS 5   32  ?   ?   ?   A . n 
A 1 6   HIS 6   33  ?   ?   ?   A . n 
A 1 7   HIS 7   34  ?   ?   ?   A . n 
A 1 8   HIS 8   35  ?   ?   ?   A . n 
A 1 9   HIS 9   36  ?   ?   ?   A . n 
A 1 10  HIS 10  37  ?   ?   ?   A . n 
A 1 11  LEU 11  38  ?   ?   ?   A . n 
A 1 12  VAL 12  39  ?   ?   ?   A . n 
A 1 13  PRO 13  40  ?   ?   ?   A . n 
A 1 14  ARG 14  41  ?   ?   ?   A . n 
A 1 15  GLY 15  42  42  GLY GLY A . n 
A 1 16  SER 16  43  43  SER SER A . n 
A 1 17  ASN 17  44  44  ASN ASN A . n 
A 1 18  PRO 18  45  45  PRO PRO A . n 
A 1 19  PRO 19  46  46  PRO PRO A . n 
A 1 20  PRO 20  47  47  PRO PRO A . n 
A 1 21  PRO 21  48  48  PRO PRO A . n 
A 1 22  GLU 22  49  49  GLU GLU A . n 
A 1 23  THR 23  50  50  THR THR A . n 
A 1 24  SER 24  51  51  SER SER A . n 
A 1 25  ASN 25  52  52  ASN ASN A . n 
A 1 26  PRO 26  53  53  PRO PRO A . n 
A 1 27  ASN 27  54  54  ASN ASN A . n 
A 1 28  LYS 28  55  55  LYS LYS A . n 
A 1 29  PRO 29  56  56  PRO PRO A . n 
A 1 30  LYS 30  57  57  LYS LYS A . n 
A 1 31  ARG 31  58  58  ARG ARG A . n 
A 1 32  GLN 32  59  59  GLN GLN A . n 
A 1 33  THR 33  60  60  THR THR A . n 
A 1 34  ASN 34  61  61  ASN ASN A . n 
A 1 35  GLN 35  62  62  GLN GLN A . n 
A 1 36  LEU 36  63  63  LEU LEU A . n 
A 1 37  GLN 37  64  64  GLN GLN A . n 
A 1 38  TYR 38  65  65  TYR TYR A . n 
A 1 39  LEU 39  66  66  LEU LEU A . n 
A 1 40  LEU 40  67  67  LEU LEU A . n 
A 1 41  ARG 41  68  68  ARG ARG A . n 
A 1 42  VAL 42  69  69  VAL VAL A . n 
A 1 43  VAL 43  70  70  VAL VAL A . n 
A 1 44  LEU 44  71  71  LEU LEU A . n 
A 1 45  LYS 45  72  72  LYS LYS A . n 
A 1 46  THR 46  73  73  THR THR A . n 
A 1 47  LEU 47  74  74  LEU LEU A . n 
A 1 48  TRP 48  75  75  TRP TRP A . n 
A 1 49  LYS 49  76  76  LYS LYS A . n 
A 1 50  HIS 50  77  77  HIS HIS A . n 
A 1 51  GLN 51  78  78  GLN GLN A . n 
A 1 52  PHE 52  79  79  PHE PHE A . n 
A 1 53  ALA 53  80  80  ALA ALA A . n 
A 1 54  TRP 54  81  81  TRP TRP A . n 
A 1 55  PRO 55  82  82  PRO PRO A . n 
A 1 56  PHE 56  83  83  PHE PHE A . n 
A 1 57  GLN 57  84  84  GLN GLN A . n 
A 1 58  GLN 58  85  85  GLN GLN A . n 
A 1 59  PRO 59  86  86  PRO PRO A . n 
A 1 60  VAL 60  87  87  VAL VAL A . n 
A 1 61  ASP 61  88  88  ASP ASP A . n 
A 1 62  ALA 62  89  89  ALA ALA A . n 
A 1 63  VAL 63  90  90  VAL VAL A . n 
A 1 64  LYS 64  91  91  LYS LYS A . n 
A 1 65  LEU 65  92  92  LEU LEU A . n 
A 1 66  ASN 66  93  93  ASN ASN A . n 
A 1 67  LEU 67  94  94  LEU LEU A . n 
A 1 68  PRO 68  95  95  PRO PRO A . n 
A 1 69  ASP 69  96  96  ASP ASP A . n 
A 1 70  TYR 70  97  97  TYR TYR A . n 
A 1 71  TYR 71  98  98  TYR TYR A . n 
A 1 72  LYS 72  99  99  LYS LYS A . n 
A 1 73  ILE 73  100 100 ILE ILE A . n 
A 1 74  ILE 74  101 101 ILE ILE A . n 
A 1 75  LYS 75  102 102 LYS LYS A . n 
A 1 76  THR 76  103 103 THR THR A . n 
A 1 77  PRO 77  104 104 PRO PRO A . n 
A 1 78  MET 78  105 105 MET MET A . n 
A 1 79  ASP 79  106 106 ASP ASP A . n 
A 1 80  MET 80  107 107 MET MET A . n 
A 1 81  GLY 81  108 108 GLY GLY A . n 
A 1 82  THR 82  109 109 THR THR A . n 
A 1 83  ILE 83  110 110 ILE ILE A . n 
A 1 84  LYS 84  111 111 LYS LYS A . n 
A 1 85  LYS 85  112 112 LYS LYS A . n 
A 1 86  ARG 86  113 113 ARG ARG A . n 
A 1 87  LEU 87  114 114 LEU LEU A . n 
A 1 88  GLU 88  115 115 GLU GLU A . n 
A 1 89  ASN 89  116 116 ASN ASN A . n 
A 1 90  ASN 90  117 117 ASN ASN A . n 
A 1 91  TYR 91  118 118 TYR TYR A . n 
A 1 92  TYR 92  119 119 TYR TYR A . n 
A 1 93  TRP 93  120 120 TRP TRP A . n 
A 1 94  ASN 94  121 121 ASN ASN A . n 
A 1 95  ALA 95  122 122 ALA ALA A . n 
A 1 96  GLN 96  123 123 GLN GLN A . n 
A 1 97  GLU 97  124 124 GLU GLU A . n 
A 1 98  CYS 98  125 125 CYS CYS A . n 
A 1 99  ILE 99  126 126 ILE ILE A . n 
A 1 100 GLN 100 127 127 GLN GLN A . n 
A 1 101 ASP 101 128 128 ASP ASP A . n 
A 1 102 PHE 102 129 129 PHE PHE A . n 
A 1 103 ASN 103 130 130 ASN ASN A . n 
A 1 104 THR 104 131 131 THR THR A . n 
A 1 105 MET 105 132 132 MET MET A . n 
A 1 106 PHE 106 133 133 PHE PHE A . n 
A 1 107 THR 107 134 134 THR THR A . n 
A 1 108 ASN 108 135 135 ASN ASN A . n 
A 1 109 CYS 109 136 136 CYS CYS A . n 
A 1 110 TYR 110 137 137 TYR TYR A . n 
A 1 111 ILE 111 138 138 ILE ILE A . n 
A 1 112 TYR 112 139 139 TYR TYR A . n 
A 1 113 ASN 113 140 140 ASN ASN A . n 
A 1 114 LYS 114 141 141 LYS LYS A . n 
A 1 115 PRO 115 142 142 PRO PRO A . n 
A 1 116 GLY 116 143 143 GLY GLY A . n 
A 1 117 ASP 117 144 144 ASP ASP A . n 
A 1 118 ASP 118 145 145 ASP ASP A . n 
A 1 119 ILE 119 146 146 ILE ILE A . n 
A 1 120 VAL 120 147 147 VAL VAL A . n 
A 1 121 LEU 121 148 148 LEU LEU A . n 
A 1 122 MET 122 149 149 MET MET A . n 
A 1 123 ALA 123 150 150 ALA ALA A . n 
A 1 124 GLU 124 151 151 GLU GLU A . n 
A 1 125 ALA 125 152 152 ALA ALA A . n 
A 1 126 LEU 126 153 153 LEU LEU A . n 
A 1 127 GLU 127 154 154 GLU GLU A . n 
A 1 128 LYS 128 155 155 LYS LYS A . n 
A 1 129 LEU 129 156 156 LEU LEU A . n 
A 1 130 PHE 130 157 157 PHE PHE A . n 
A 1 131 LEU 131 158 158 LEU LEU A . n 
A 1 132 GLN 132 159 159 GLN GLN A . n 
A 1 133 LYS 133 160 160 LYS LYS A . n 
A 1 134 ILE 134 161 161 ILE ILE A . n 
A 1 135 ASN 135 162 162 ASN ASN A . n 
A 1 136 GLU 136 163 163 GLU GLU A . n 
A 1 137 LEU 137 164 164 LEU LEU A . n 
A 1 138 PRO 138 165 165 PRO PRO A . n 
A 1 139 THR 139 166 166 THR THR A . n 
A 1 140 GLU 140 167 167 GLU GLU A . n 
# 
loop_
_pdbx_nonpoly_scheme.asym_id 
_pdbx_nonpoly_scheme.entity_id 
_pdbx_nonpoly_scheme.mon_id 
_pdbx_nonpoly_scheme.ndb_seq_num 
_pdbx_nonpoly_scheme.pdb_seq_num 
_pdbx_nonpoly_scheme.auth_seq_num 
_pdbx_nonpoly_scheme.pdb_mon_id 
_pdbx_nonpoly_scheme.auth_mon_id 
_pdbx_nonpoly_scheme.pdb_strand_id 
_pdbx_nonpoly_scheme.pdb_ins_code 
B 2 E0K 1  201 2  E0K E0K A . 
C 3 EDO 1  202 2  EDO EDO A . 
D 4 GOL 1  203 1  GOL GOL A . 
E 5 HOH 1  301 55 HOH HOH A . 
E 5 HOH 2  302 46 HOH HOH A . 
E 5 HOH 3  303 58 HOH HOH A . 
E 5 HOH 4  304 11 HOH HOH A . 
E 5 HOH 5  305 39 HOH HOH A . 
E 5 HOH 6  306 1  HOH HOH A . 
E 5 HOH 7  307 22 HOH HOH A . 
E 5 HOH 8  308 63 HOH HOH A . 
E 5 HOH 9  309 54 HOH HOH A . 
E 5 HOH 10 310 9  HOH HOH A . 
E 5 HOH 11 311 2  HOH HOH A . 
E 5 HOH 12 312 25 HOH HOH A . 
E 5 HOH 13 313 47 HOH HOH A . 
E 5 HOH 14 314 30 HOH HOH A . 
E 5 HOH 15 315 53 HOH HOH A . 
E 5 HOH 16 316 7  HOH HOH A . 
E 5 HOH 17 317 14 HOH HOH A . 
E 5 HOH 18 318 15 HOH HOH A . 
E 5 HOH 19 319 37 HOH HOH A . 
E 5 HOH 20 320 43 HOH HOH A . 
E 5 HOH 21 321 5  HOH HOH A . 
E 5 HOH 22 322 18 HOH HOH A . 
E 5 HOH 23 323 3  HOH HOH A . 
E 5 HOH 24 324 66 HOH HOH A . 
E 5 HOH 25 325 4  HOH HOH A . 
E 5 HOH 26 326 24 HOH HOH A . 
E 5 HOH 27 327 44 HOH HOH A . 
E 5 HOH 28 328 40 HOH HOH A . 
E 5 HOH 29 329 20 HOH HOH A . 
E 5 HOH 30 330 38 HOH HOH A . 
E 5 HOH 31 331 41 HOH HOH A . 
E 5 HOH 32 332 67 HOH HOH A . 
E 5 HOH 33 333 45 HOH HOH A . 
E 5 HOH 34 334 68 HOH HOH A . 
E 5 HOH 35 335 48 HOH HOH A . 
E 5 HOH 36 336 17 HOH HOH A . 
E 5 HOH 37 337 19 HOH HOH A . 
E 5 HOH 38 338 28 HOH HOH A . 
E 5 HOH 39 339 65 HOH HOH A . 
E 5 HOH 40 340 31 HOH HOH A . 
E 5 HOH 41 341 49 HOH HOH A . 
E 5 HOH 42 342 13 HOH HOH A . 
E 5 HOH 43 343 12 HOH HOH A . 
E 5 HOH 44 344 29 HOH HOH A . 
E 5 HOH 45 345 6  HOH HOH A . 
E 5 HOH 46 346 50 HOH HOH A . 
E 5 HOH 47 347 23 HOH HOH A . 
E 5 HOH 48 348 21 HOH HOH A . 
E 5 HOH 49 349 26 HOH HOH A . 
E 5 HOH 50 350 36 HOH HOH A . 
E 5 HOH 51 351 62 HOH HOH A . 
E 5 HOH 52 352 16 HOH HOH A . 
E 5 HOH 53 353 10 HOH HOH A . 
E 5 HOH 54 354 52 HOH HOH A . 
E 5 HOH 55 355 57 HOH HOH A . 
E 5 HOH 56 356 34 HOH HOH A . 
E 5 HOH 57 357 42 HOH HOH A . 
E 5 HOH 58 358 61 HOH HOH A . 
E 5 HOH 59 359 27 HOH HOH A . 
E 5 HOH 60 360 8  HOH HOH A . 
E 5 HOH 61 361 51 HOH HOH A . 
E 5 HOH 62 362 35 HOH HOH A . 
E 5 HOH 63 363 33 HOH HOH A . 
E 5 HOH 64 364 56 HOH HOH A . 
E 5 HOH 65 365 32 HOH HOH A . 
E 5 HOH 66 366 59 HOH HOH A . 
E 5 HOH 67 367 70 HOH HOH A . 
E 5 HOH 68 368 64 HOH HOH A . 
# 
loop_
_software.citation_id 
_software.classification 
_software.compiler_name 
_software.compiler_version 
_software.contact_author 
_software.contact_author_email 
_software.date 
_software.description 
_software.dependencies 
_software.hardware 
_software.language 
_software.location 
_software.mods 
_software.name 
_software.os 
_software.os_version 
_software.type 
_software.version 
_software.pdbx_ordinal 
? 'data collection' ? ? ? ? ? ? ? ? ? ? ? MOSFLM      ? ? ? .        1 
? 'data scaling'    ? ? ? ? ? ? ? ? ? ? ? Aimless     ? ? ? 0.5.17   2 
? refinement        ? ? ? ? ? ? ? ? ? ? ? REFMAC      ? ? ? 5.8.0135 3 
? 'data extraction' ? ? ? ? ? ? ? ? ? ? ? PDB_EXTRACT ? ? ? 3.22     4 
? 'data reduction'  ? ? ? ? ? ? ? ? ? ? ? iMOSFLM     ? ? ? .        5 
? phasing           ? ? ? ? ? ? ? ? ? ? ? MOLREP      ? ? ? .        6 
# 
_cell.angle_alpha                  90.000 
_cell.angle_alpha_esd              ? 
_cell.angle_beta                   90.000 
_cell.angle_beta_esd               ? 
_cell.angle_gamma                  90.000 
_cell.angle_gamma_esd              ? 
_cell.entry_id                     5YQX 
_cell.details                      ? 
_cell.formula_units_Z              ? 
_cell.length_a                     43.410 
_cell.length_a_esd                 ? 
_cell.length_b                     47.280 
_cell.length_b_esd                 ? 
_cell.length_c                     60.610 
_cell.length_c_esd                 ? 
_cell.volume                       ? 
_cell.volume_esd                   ? 
_cell.Z_PDB                        4 
_cell.reciprocal_angle_alpha       ? 
_cell.reciprocal_angle_beta        ? 
_cell.reciprocal_angle_gamma       ? 
_cell.reciprocal_angle_alpha_esd   ? 
_cell.reciprocal_angle_beta_esd    ? 
_cell.reciprocal_angle_gamma_esd   ? 
_cell.reciprocal_length_a          ? 
_cell.reciprocal_length_b          ? 
_cell.reciprocal_length_c          ? 
_cell.reciprocal_length_a_esd      ? 
_cell.reciprocal_length_b_esd      ? 
_cell.reciprocal_length_c_esd      ? 
_cell.pdbx_unique_axis             ? 
# 
_symmetry.entry_id                         5YQX 
_symmetry.cell_setting                     ? 
_symmetry.Int_Tables_number                19 
_symmetry.space_group_name_Hall            ? 
_symmetry.space_group_name_H-M             'P 21 21 21' 
_symmetry.pdbx_full_space_group_name_H-M   ? 
# 
_exptl.absorpt_coefficient_mu     ? 
_exptl.absorpt_correction_T_max   ? 
_exptl.absorpt_correction_T_min   ? 
_exptl.absorpt_correction_type    ? 
_exptl.absorpt_process_details    ? 
_exptl.entry_id                   5YQX 
_exptl.crystals_number            1 
_exptl.details                    ? 
_exptl.method                     'X-RAY DIFFRACTION' 
_exptl.method_details             ? 
# 
_exptl_crystal.colour                      ? 
_exptl_crystal.density_diffrn              ? 
_exptl_crystal.density_Matthews            1.87 
_exptl_crystal.density_method              ? 
_exptl_crystal.density_percent_sol         34.19 
_exptl_crystal.description                 ? 
_exptl_crystal.F_000                       ? 
_exptl_crystal.id                          1 
_exptl_crystal.preparation                 ? 
_exptl_crystal.size_max                    ? 
_exptl_crystal.size_mid                    ? 
_exptl_crystal.size_min                    ? 
_exptl_crystal.size_rad                    ? 
_exptl_crystal.colour_lustre               ? 
_exptl_crystal.colour_modifier             ? 
_exptl_crystal.colour_primary              ? 
_exptl_crystal.density_meas                ? 
_exptl_crystal.density_meas_esd            ? 
_exptl_crystal.density_meas_gt             ? 
_exptl_crystal.density_meas_lt             ? 
_exptl_crystal.density_meas_temp           ? 
_exptl_crystal.density_meas_temp_esd       ? 
_exptl_crystal.density_meas_temp_gt        ? 
_exptl_crystal.density_meas_temp_lt        ? 
_exptl_crystal.pdbx_crystal_image_url      ? 
_exptl_crystal.pdbx_crystal_image_format   ? 
_exptl_crystal.pdbx_mosaicity              ? 
_exptl_crystal.pdbx_mosaicity_esd          ? 
# 
_exptl_crystal_grow.apparatus       ? 
_exptl_crystal_grow.atmosphere      ? 
_exptl_crystal_grow.crystal_id      1 
_exptl_crystal_grow.details         ? 
_exptl_crystal_grow.method          'VAPOR DIFFUSION, SITTING DROP' 
_exptl_crystal_grow.method_ref      ? 
_exptl_crystal_grow.pH              7.5 
_exptl_crystal_grow.pressure        ? 
_exptl_crystal_grow.pressure_esd    ? 
_exptl_crystal_grow.seeding         ? 
_exptl_crystal_grow.seeding_ref     ? 
_exptl_crystal_grow.temp            277 
_exptl_crystal_grow.temp_details    ? 
_exptl_crystal_grow.temp_esd        ? 
_exptl_crystal_grow.time            ? 
_exptl_crystal_grow.pdbx_details    '0.1M HEPES pH 7.5, 20% PEG 3350, 10% EtGhly, 0.2M NaCl' 
_exptl_crystal_grow.pdbx_pH_range   ? 
# 
_diffrn.ambient_environment    ? 
_diffrn.ambient_temp           80 
_diffrn.ambient_temp_details   ? 
_diffrn.ambient_temp_esd       ? 
_diffrn.crystal_id             1 
_diffrn.crystal_support        ? 
_diffrn.crystal_treatment      ? 
_diffrn.details                ? 
_diffrn.id                     1 
_diffrn.ambient_pressure       ? 
_diffrn.ambient_pressure_esd   ? 
_diffrn.ambient_pressure_gt    ? 
_diffrn.ambient_pressure_lt    ? 
_diffrn.ambient_temp_gt        ? 
_diffrn.ambient_temp_lt        ? 
# 
_diffrn_detector.details                      ? 
_diffrn_detector.detector                     PIXEL 
_diffrn_detector.diffrn_id                    1 
_diffrn_detector.type                         'DECTRIS PILATUS3 6M' 
_diffrn_detector.area_resol_mean              ? 
_diffrn_detector.dtime                        ? 
_diffrn_detector.pdbx_frames_total            ? 
_diffrn_detector.pdbx_collection_time_total   ? 
_diffrn_detector.pdbx_collection_date         2017-04-01 
# 
_diffrn_radiation.collimation                      ? 
_diffrn_radiation.diffrn_id                        1 
_diffrn_radiation.filter_edge                      ? 
_diffrn_radiation.inhomogeneity                    ? 
_diffrn_radiation.monochromator                    ? 
_diffrn_radiation.polarisn_norm                    ? 
_diffrn_radiation.polarisn_ratio                   ? 
_diffrn_radiation.probe                            ? 
_diffrn_radiation.type                             ? 
_diffrn_radiation.xray_symbol                      ? 
_diffrn_radiation.wavelength_id                    1 
_diffrn_radiation.pdbx_monochromatic_or_laue_m_l   M 
_diffrn_radiation.pdbx_wavelength_list             ? 
_diffrn_radiation.pdbx_wavelength                  ? 
_diffrn_radiation.pdbx_diffrn_protocol             'SINGLE WAVELENGTH' 
_diffrn_radiation.pdbx_analyzer                    ? 
_diffrn_radiation.pdbx_scattering_type             x-ray 
# 
_diffrn_radiation_wavelength.id           1 
_diffrn_radiation_wavelength.wavelength   0.97776 
_diffrn_radiation_wavelength.wt           1.0 
# 
_diffrn_source.current                     ? 
_diffrn_source.details                     ? 
_diffrn_source.diffrn_id                   1 
_diffrn_source.power                       ? 
_diffrn_source.size                        ? 
_diffrn_source.source                      SYNCHROTRON 
_diffrn_source.target                      ? 
_diffrn_source.type                        'SSRF BEAMLINE BL19U1' 
_diffrn_source.voltage                     ? 
_diffrn_source.take-off_angle              ? 
_diffrn_source.pdbx_wavelength_list        0.97776 
_diffrn_source.pdbx_wavelength             ? 
_diffrn_source.pdbx_synchrotron_beamline   BL19U1 
_diffrn_source.pdbx_synchrotron_site       SSRF 
# 
_reflns.B_iso_Wilson_estimate            ? 
_reflns.entry_id                         5YQX 
_reflns.data_reduction_details           ? 
_reflns.data_reduction_method            ? 
_reflns.d_resolution_high                1.820 
_reflns.d_resolution_low                 60.610 
_reflns.details                          ? 
_reflns.limit_h_max                      ? 
_reflns.limit_h_min                      ? 
_reflns.limit_k_max                      ? 
_reflns.limit_k_min                      ? 
_reflns.limit_l_max                      ? 
_reflns.limit_l_min                      ? 
_reflns.number_all                       ? 
_reflns.number_obs                       11689 
_reflns.observed_criterion               ? 
_reflns.observed_criterion_F_max         ? 
_reflns.observed_criterion_F_min         ? 
_reflns.observed_criterion_I_max         ? 
_reflns.observed_criterion_I_min         ? 
_reflns.observed_criterion_sigma_F       ? 
_reflns.observed_criterion_sigma_I       ? 
_reflns.percent_possible_obs             99.800 
_reflns.R_free_details                   ? 
_reflns.Rmerge_F_all                     ? 
_reflns.Rmerge_F_obs                     ? 
_reflns.Friedel_coverage                 ? 
_reflns.number_gt                        ? 
_reflns.threshold_expression             ? 
_reflns.pdbx_redundancy                  11.400 
_reflns.pdbx_Rmerge_I_obs                0.058 
_reflns.pdbx_Rmerge_I_all                ? 
_reflns.pdbx_Rsym_value                  ? 
_reflns.pdbx_netI_over_av_sigmaI         ? 
_reflns.pdbx_netI_over_sigmaI            25.200 
_reflns.pdbx_res_netI_over_av_sigmaI_2   ? 
_reflns.pdbx_res_netI_over_sigmaI_2      ? 
_reflns.pdbx_chi_squared                 ? 
_reflns.pdbx_scaling_rejects             ? 
_reflns.pdbx_d_res_high_opt              ? 
_reflns.pdbx_d_res_low_opt               ? 
_reflns.pdbx_d_res_opt_method            ? 
_reflns.phase_calculation_details        ? 
_reflns.pdbx_Rrim_I_all                  0.061 
_reflns.pdbx_Rpim_I_all                  0.018 
_reflns.pdbx_d_opt                       ? 
_reflns.pdbx_number_measured_all         ? 
_reflns.pdbx_diffrn_id                   1 
_reflns.pdbx_ordinal                     1 
_reflns.pdbx_CC_half                     0.999 
_reflns.pdbx_R_split                     ? 
# 
_reflns_shell.d_res_high                  1.820 
_reflns_shell.d_res_low                   1.860 
_reflns_shell.meanI_over_sigI_all         ? 
_reflns_shell.meanI_over_sigI_obs         ? 
_reflns_shell.number_measured_all         ? 
_reflns_shell.number_measured_obs         ? 
_reflns_shell.number_possible             ? 
_reflns_shell.number_unique_all           ? 
_reflns_shell.number_unique_obs           654 
_reflns_shell.percent_possible_all        100.000 
_reflns_shell.percent_possible_obs        ? 
_reflns_shell.Rmerge_F_all                ? 
_reflns_shell.Rmerge_F_obs                ? 
_reflns_shell.Rmerge_I_all                ? 
_reflns_shell.Rmerge_I_obs                0.230 
_reflns_shell.meanI_over_sigI_gt          ? 
_reflns_shell.meanI_over_uI_all           ? 
_reflns_shell.meanI_over_uI_gt            ? 
_reflns_shell.number_measured_gt          ? 
_reflns_shell.number_unique_gt            ? 
_reflns_shell.percent_possible_gt         ? 
_reflns_shell.Rmerge_F_gt                 ? 
_reflns_shell.Rmerge_I_gt                 ? 
_reflns_shell.pdbx_redundancy             12.100 
_reflns_shell.pdbx_Rsym_value             ? 
_reflns_shell.pdbx_chi_squared            ? 
_reflns_shell.pdbx_netI_over_sigmaI_all   ? 
_reflns_shell.pdbx_netI_over_sigmaI_obs   ? 
_reflns_shell.pdbx_Rrim_I_all             0.240 
_reflns_shell.pdbx_Rpim_I_all             0.068 
_reflns_shell.pdbx_rejects                ? 
_reflns_shell.pdbx_ordinal                1 
_reflns_shell.pdbx_diffrn_id              1 
_reflns_shell.pdbx_CC_half                0.986 
_reflns_shell.pdbx_R_split                ? 
# 
_refine.aniso_B[1][1]                            -0.5700 
_refine.aniso_B[1][2]                            -0.0000 
_refine.aniso_B[1][3]                            -0.0000 
_refine.aniso_B[2][2]                            1.4300 
_refine.aniso_B[2][3]                            -0.0000 
_refine.aniso_B[3][3]                            -0.8700 
_refine.B_iso_max                                67.250 
_refine.B_iso_mean                               22.1140 
_refine.B_iso_min                                11.010 
_refine.correlation_coeff_Fo_to_Fc               0.9610 
_refine.correlation_coeff_Fo_to_Fc_free          0.9360 
_refine.details                                  
'HYDROGENS HAVE BEEN ADDED IN THE RIDING POSITIONS U VALUES      : REFINED INDIVIDUALLY' 
_refine.diff_density_max                         ? 
_refine.diff_density_max_esd                     ? 
_refine.diff_density_min                         ? 
_refine.diff_density_min_esd                     ? 
_refine.diff_density_rms                         ? 
_refine.diff_density_rms_esd                     ? 
_refine.entry_id                                 5YQX 
_refine.pdbx_refine_id                           'X-RAY DIFFRACTION' 
_refine.ls_abs_structure_details                 ? 
_refine.ls_abs_structure_Flack                   ? 
_refine.ls_abs_structure_Flack_esd               ? 
_refine.ls_abs_structure_Rogers                  ? 
_refine.ls_abs_structure_Rogers_esd              ? 
_refine.ls_d_res_high                            1.8200 
_refine.ls_d_res_low                             37.2800 
_refine.ls_extinction_coef                       ? 
_refine.ls_extinction_coef_esd                   ? 
_refine.ls_extinction_expression                 ? 
_refine.ls_extinction_method                     ? 
_refine.ls_goodness_of_fit_all                   ? 
_refine.ls_goodness_of_fit_all_esd               ? 
_refine.ls_goodness_of_fit_obs                   ? 
_refine.ls_goodness_of_fit_obs_esd               ? 
_refine.ls_hydrogen_treatment                    ? 
_refine.ls_matrix_type                           ? 
_refine.ls_number_constraints                    ? 
_refine.ls_number_parameters                     ? 
_refine.ls_number_reflns_all                     ? 
_refine.ls_number_reflns_obs                     11096 
_refine.ls_number_reflns_R_free                  554 
_refine.ls_number_reflns_R_work                  ? 
_refine.ls_number_restraints                     ? 
_refine.ls_percent_reflns_obs                    99.6700 
_refine.ls_percent_reflns_R_free                 4.8000 
_refine.ls_R_factor_all                          ? 
_refine.ls_R_factor_obs                          0.1639 
_refine.ls_R_factor_R_free                       0.2188 
_refine.ls_R_factor_R_free_error                 ? 
_refine.ls_R_factor_R_free_error_details         ? 
_refine.ls_R_factor_R_work                       0.1612 
_refine.ls_R_Fsqd_factor_obs                     ? 
_refine.ls_R_I_factor_obs                        ? 
_refine.ls_redundancy_reflns_all                 ? 
_refine.ls_redundancy_reflns_obs                 ? 
_refine.ls_restrained_S_all                      ? 
_refine.ls_restrained_S_obs                      ? 
_refine.ls_shift_over_esd_max                    ? 
_refine.ls_shift_over_esd_mean                   ? 
_refine.ls_structure_factor_coef                 ? 
_refine.ls_weighting_details                     ? 
_refine.ls_weighting_scheme                      ? 
_refine.ls_wR_factor_all                         ? 
_refine.ls_wR_factor_obs                         ? 
_refine.ls_wR_factor_R_free                      ? 
_refine.ls_wR_factor_R_work                      ? 
_refine.occupancy_max                            ? 
_refine.occupancy_min                            ? 
_refine.solvent_model_details                    ? 
_refine.solvent_model_param_bsol                 ? 
_refine.solvent_model_param_ksol                 ? 
_refine.ls_R_factor_gt                           ? 
_refine.ls_goodness_of_fit_gt                    ? 
_refine.ls_goodness_of_fit_ref                   ? 
_refine.ls_shift_over_su_max                     ? 
_refine.ls_shift_over_su_max_lt                  ? 
_refine.ls_shift_over_su_mean                    ? 
_refine.ls_shift_over_su_mean_lt                 ? 
_refine.pdbx_ls_sigma_I                          ? 
_refine.pdbx_ls_sigma_F                          0.000 
_refine.pdbx_ls_sigma_Fsqd                       ? 
_refine.pdbx_data_cutoff_high_absF               ? 
_refine.pdbx_data_cutoff_high_rms_absF           ? 
_refine.pdbx_data_cutoff_low_absF                ? 
_refine.pdbx_isotropic_thermal_model             ? 
_refine.pdbx_ls_cross_valid_method               THROUGHOUT 
_refine.pdbx_method_to_determine_struct          ? 
_refine.pdbx_starting_model                      ? 
_refine.pdbx_stereochemistry_target_values       ? 
_refine.pdbx_R_Free_selection_details            RANDOM 
_refine.pdbx_stereochem_target_val_spec_case     ? 
_refine.pdbx_overall_ESU_R                       0.1270 
_refine.pdbx_overall_ESU_R_Free                  0.1310 
_refine.pdbx_solvent_vdw_probe_radii             1.2000 
_refine.pdbx_solvent_ion_probe_radii             0.8000 
_refine.pdbx_solvent_shrinkage_radii             0.8000 
_refine.pdbx_real_space_R                        ? 
_refine.pdbx_density_correlation                 ? 
_refine.pdbx_pd_number_of_powder_patterns        ? 
_refine.pdbx_pd_number_of_points                 ? 
_refine.pdbx_pd_meas_number_of_points            ? 
_refine.pdbx_pd_proc_ls_prof_R_factor            ? 
_refine.pdbx_pd_proc_ls_prof_wR_factor           ? 
_refine.pdbx_pd_Marquardt_correlation_coeff      ? 
_refine.pdbx_pd_Fsqrd_R_factor                   ? 
_refine.pdbx_pd_ls_matrix_band_width             ? 
_refine.pdbx_overall_phase_error                 ? 
_refine.pdbx_overall_SU_R_free_Cruickshank_DPI   ? 
_refine.pdbx_overall_SU_R_free_Blow_DPI          ? 
_refine.pdbx_overall_SU_R_Blow_DPI               ? 
_refine.pdbx_TLS_residual_ADP_flag               ? 
_refine.pdbx_diffrn_id                           1 
_refine.overall_SU_B                             2.2010 
_refine.overall_SU_ML                            0.0710 
_refine.overall_SU_R_Cruickshank_DPI             ? 
_refine.overall_SU_R_free                        ? 
_refine.overall_FOM_free_R_set                   ? 
_refine.overall_FOM_work_R_set                   ? 
_refine.pdbx_average_fsc_overall                 ? 
_refine.pdbx_average_fsc_work                    ? 
_refine.pdbx_average_fsc_free                    ? 
# 
_refine_hist.cycle_id                         final 
_refine_hist.pdbx_refine_id                   'X-RAY DIFFRACTION' 
_refine_hist.d_res_high                       1.8200 
_refine_hist.d_res_low                        37.2800 
_refine_hist.pdbx_number_atoms_ligand         32 
_refine_hist.number_atoms_solvent             68 
_refine_hist.number_atoms_total               1148 
_refine_hist.pdbx_number_residues_total       126 
_refine_hist.pdbx_B_iso_mean_ligand           23.09 
_refine_hist.pdbx_B_iso_mean_solvent          24.49 
_refine_hist.pdbx_number_atoms_protein        1048 
_refine_hist.pdbx_number_atoms_nucleic_acid   0 
# 
loop_
_refine_ls_restr.pdbx_refine_id 
_refine_ls_restr.criterion 
_refine_ls_restr.dev_ideal 
_refine_ls_restr.dev_ideal_target 
_refine_ls_restr.number 
_refine_ls_restr.rejects 
_refine_ls_restr.type 
_refine_ls_restr.weight 
_refine_ls_restr.pdbx_restraint_function 
'X-RAY DIFFRACTION' ? 0.017  0.020  1126 ? r_bond_refined_d       ? ? 
'X-RAY DIFFRACTION' ? 0.004  0.020  1071 ? r_bond_other_d         ? ? 
'X-RAY DIFFRACTION' ? 1.878  1.996  1535 ? r_angle_refined_deg    ? ? 
'X-RAY DIFFRACTION' ? 1.168  3.004  2479 ? r_angle_other_deg      ? ? 
'X-RAY DIFFRACTION' ? 5.402  5.000  129  ? r_dihedral_angle_1_deg ? ? 
'X-RAY DIFFRACTION' ? 40.258 25.926 54   ? r_dihedral_angle_2_deg ? ? 
'X-RAY DIFFRACTION' ? 15.039 15.000 195  ? r_dihedral_angle_3_deg ? ? 
'X-RAY DIFFRACTION' ? 29.667 15.000 3    ? r_dihedral_angle_4_deg ? ? 
'X-RAY DIFFRACTION' ? 0.121  0.200  162  ? r_chiral_restr         ? ? 
'X-RAY DIFFRACTION' ? 0.010  0.021  1256 ? r_gen_planes_refined   ? ? 
'X-RAY DIFFRACTION' ? 0.002  0.020  251  ? r_gen_planes_other     ? ? 
# 
_refine_ls_shell.pdbx_refine_id                   'X-RAY DIFFRACTION' 
_refine_ls_shell.d_res_high                       1.8190 
_refine_ls_shell.d_res_low                        1.8660 
_refine_ls_shell.number_reflns_all                833 
_refine_ls_shell.number_reflns_obs                ? 
_refine_ls_shell.number_reflns_R_free             32 
_refine_ls_shell.number_reflns_R_work             801 
_refine_ls_shell.percent_reflns_obs               99.7600 
_refine_ls_shell.percent_reflns_R_free            ? 
_refine_ls_shell.R_factor_all                     ? 
_refine_ls_shell.R_factor_obs                     ? 
_refine_ls_shell.R_factor_R_free                  0.2200 
_refine_ls_shell.R_factor_R_free_error            0.0000 
_refine_ls_shell.R_factor_R_work                  0.1380 
_refine_ls_shell.redundancy_reflns_all            ? 
_refine_ls_shell.redundancy_reflns_obs            ? 
_refine_ls_shell.wR_factor_all                    ? 
_refine_ls_shell.wR_factor_obs                    ? 
_refine_ls_shell.wR_factor_R_free                 ? 
_refine_ls_shell.wR_factor_R_work                 ? 
_refine_ls_shell.pdbx_total_number_of_bins_used   20 
_refine_ls_shell.pdbx_phase_error                 ? 
_refine_ls_shell.pdbx_fsc_work                    ? 
_refine_ls_shell.pdbx_fsc_free                    ? 
# 
_struct.entry_id                     5YQX 
_struct.title                        'Crystal Structure Analysis of the BRD4' 
_struct.pdbx_model_details           ? 
_struct.pdbx_formula_weight          ? 
_struct.pdbx_formula_weight_method   ? 
_struct.pdbx_model_type_details      ? 
_struct.pdbx_CASP_flag               N 
# 
_struct_keywords.entry_id        5YQX 
_struct_keywords.text            'BET, BRD4, Bromodomain, TRANSCRIPTION' 
_struct_keywords.pdbx_keywords   TRANSCRIPTION 
# 
loop_
_struct_asym.id 
_struct_asym.pdbx_blank_PDB_chainid_flag 
_struct_asym.pdbx_modified 
_struct_asym.entity_id 
_struct_asym.details 
A N N 1 ? 
B N N 2 ? 
C N N 3 ? 
D N N 4 ? 
E N N 5 ? 
# 
_struct_ref.id                         1 
_struct_ref.db_name                    UNP 
_struct_ref.db_code                    BRD4_HUMAN 
_struct_ref.pdbx_db_accession          O60885 
_struct_ref.pdbx_db_isoform            ? 
_struct_ref.entity_id                  1 
_struct_ref.pdbx_seq_one_letter_code   
;NPPPPETSNPNKPKRQTNQLQYLLRVVLKTLWKHQFAWPFQQPVDAVKLNLPDYYKIIKTPMDMGTIKKRLENNYYWNAQ
ECIQDFNTMFTNCYIYNKPGDDIVLMAEALEKLFLQKINELPTE
;
_struct_ref.pdbx_align_begin           44 
# 
_struct_ref_seq.align_id                      1 
_struct_ref_seq.ref_id                        1 
_struct_ref_seq.pdbx_PDB_id_code              5YQX 
_struct_ref_seq.pdbx_strand_id                A 
_struct_ref_seq.seq_align_beg                 17 
_struct_ref_seq.pdbx_seq_align_beg_ins_code   ? 
_struct_ref_seq.seq_align_end                 140 
_struct_ref_seq.pdbx_seq_align_end_ins_code   ? 
_struct_ref_seq.pdbx_db_accession             O60885 
_struct_ref_seq.db_align_beg                  44 
_struct_ref_seq.pdbx_db_align_beg_ins_code    ? 
_struct_ref_seq.db_align_end                  167 
_struct_ref_seq.pdbx_db_align_end_ins_code    ? 
_struct_ref_seq.pdbx_auth_seq_align_beg       44 
_struct_ref_seq.pdbx_auth_seq_align_end       167 
# 
loop_
_struct_ref_seq_dif.align_id 
_struct_ref_seq_dif.pdbx_pdb_id_code 
_struct_ref_seq_dif.mon_id 
_struct_ref_seq_dif.pdbx_pdb_strand_id 
_struct_ref_seq_dif.seq_num 
_struct_ref_seq_dif.pdbx_pdb_ins_code 
_struct_ref_seq_dif.pdbx_seq_db_name 
_struct_ref_seq_dif.pdbx_seq_db_accession_code 
_struct_ref_seq_dif.db_mon_id 
_struct_ref_seq_dif.pdbx_seq_db_seq_num 
_struct_ref_seq_dif.details 
_struct_ref_seq_dif.pdbx_auth_seq_num 
_struct_ref_seq_dif.pdbx_ordinal 
1 5YQX MET A 1  ? UNP O60885 ? ? 'expression tag' 28 1  
1 5YQX LYS A 2  ? UNP O60885 ? ? 'expression tag' 29 2  
1 5YQX LYS A 3  ? UNP O60885 ? ? 'expression tag' 30 3  
1 5YQX GLY A 4  ? UNP O60885 ? ? 'expression tag' 31 4  
1 5YQX HIS A 5  ? UNP O60885 ? ? 'expression tag' 32 5  
1 5YQX HIS A 6  ? UNP O60885 ? ? 'expression tag' 33 6  
1 5YQX HIS A 7  ? UNP O60885 ? ? 'expression tag' 34 7  
1 5YQX HIS A 8  ? UNP O60885 ? ? 'expression tag' 35 8  
1 5YQX HIS A 9  ? UNP O60885 ? ? 'expression tag' 36 9  
1 5YQX HIS A 10 ? UNP O60885 ? ? 'expression tag' 37 10 
1 5YQX LEU A 11 ? UNP O60885 ? ? 'expression tag' 38 11 
1 5YQX VAL A 12 ? UNP O60885 ? ? 'expression tag' 39 12 
1 5YQX PRO A 13 ? UNP O60885 ? ? 'expression tag' 40 13 
1 5YQX ARG A 14 ? UNP O60885 ? ? 'expression tag' 41 14 
1 5YQX GLY A 15 ? UNP O60885 ? ? 'expression tag' 42 15 
1 5YQX SER A 16 ? UNP O60885 ? ? 'expression tag' 43 16 
# 
_pdbx_struct_assembly.id                   1 
_pdbx_struct_assembly.details              author_and_software_defined_assembly 
_pdbx_struct_assembly.method_details       PISA 
_pdbx_struct_assembly.oligomeric_details   monomeric 
_pdbx_struct_assembly.oligomeric_count     1 
# 
loop_
_pdbx_struct_assembly_prop.biol_id 
_pdbx_struct_assembly_prop.type 
_pdbx_struct_assembly_prop.value 
_pdbx_struct_assembly_prop.details 
1 'ABSA (A^2)' 230  ? 
1 MORE         -0   ? 
1 'SSA (A^2)'  7220 ? 
# 
_pdbx_struct_assembly_gen.assembly_id       1 
_pdbx_struct_assembly_gen.oper_expression   1 
_pdbx_struct_assembly_gen.asym_id_list      A,B,C,D,E 
# 
_pdbx_struct_assembly_auth_evidence.id                     1 
_pdbx_struct_assembly_auth_evidence.assembly_id            1 
_pdbx_struct_assembly_auth_evidence.experimental_support   'assay for oligomerization' 
_pdbx_struct_assembly_auth_evidence.details                ? 
# 
_pdbx_struct_oper_list.id                   1 
_pdbx_struct_oper_list.type                 'identity operation' 
_pdbx_struct_oper_list.name                 1_555 
_pdbx_struct_oper_list.symmetry_operation   x,y,z 
_pdbx_struct_oper_list.matrix[1][1]         1.0000000000 
_pdbx_struct_oper_list.matrix[1][2]         0.0000000000 
_pdbx_struct_oper_list.matrix[1][3]         0.0000000000 
_pdbx_struct_oper_list.vector[1]            0.0000000000 
_pdbx_struct_oper_list.matrix[2][1]         0.0000000000 
_pdbx_struct_oper_list.matrix[2][2]         1.0000000000 
_pdbx_struct_oper_list.matrix[2][3]         0.0000000000 
_pdbx_struct_oper_list.vector[2]            0.0000000000 
_pdbx_struct_oper_list.matrix[3][1]         0.0000000000 
_pdbx_struct_oper_list.matrix[3][2]         0.0000000000 
_pdbx_struct_oper_list.matrix[3][3]         1.0000000000 
_pdbx_struct_oper_list.vector[3]            0.0000000000 
# 
loop_
_struct_conf.conf_type_id 
_struct_conf.id 
_struct_conf.pdbx_PDB_helix_id 
_struct_conf.beg_label_comp_id 
_struct_conf.beg_label_asym_id 
_struct_conf.beg_label_seq_id 
_struct_conf.pdbx_beg_PDB_ins_code 
_struct_conf.end_label_comp_id 
_struct_conf.end_label_asym_id 
_struct_conf.end_label_seq_id 
_struct_conf.pdbx_end_PDB_ins_code 
_struct_conf.beg_auth_comp_id 
_struct_conf.beg_auth_asym_id 
_struct_conf.beg_auth_seq_id 
_struct_conf.end_auth_comp_id 
_struct_conf.end_auth_asym_id 
_struct_conf.end_auth_seq_id 
_struct_conf.pdbx_PDB_helix_class 
_struct_conf.details 
_struct_conf.pdbx_PDB_helix_length 
HELX_P HELX_P1 AA1 THR A 33  ? VAL A 42  ? THR A 60  VAL A 69  1 ? 10 
HELX_P HELX_P2 AA2 VAL A 42  ? LYS A 49  ? VAL A 69  LYS A 76  1 ? 8  
HELX_P HELX_P3 AA3 ALA A 53  ? GLN A 57  ? ALA A 80  GLN A 84  5 ? 5  
HELX_P HELX_P4 AA4 ASP A 69  ? ILE A 74  ? ASP A 96  ILE A 101 1 ? 6  
HELX_P HELX_P5 AA5 ASP A 79  ? ASN A 89  ? ASP A 106 ASN A 116 1 ? 11 
HELX_P HELX_P6 AA6 ASN A 94  ? ASN A 113 ? ASN A 121 ASN A 140 1 ? 20 
HELX_P HELX_P7 AA7 ASP A 117 ? ASN A 135 ? ASP A 144 ASN A 162 1 ? 19 
# 
_struct_conf_type.id          HELX_P 
_struct_conf_type.criteria    ? 
_struct_conf_type.reference   ? 
# 
loop_
_struct_site.id 
_struct_site.pdbx_evidence_code 
_struct_site.pdbx_auth_asym_id 
_struct_site.pdbx_auth_comp_id 
_struct_site.pdbx_auth_seq_id 
_struct_site.pdbx_auth_ins_code 
_struct_site.pdbx_num_residues 
_struct_site.details 
AC1 Software A E0K 201 ? 13 'binding site for residue E0K A 201' 
AC2 Software A EDO 202 ? 6  'binding site for residue EDO A 202' 
AC3 Software A GOL 203 ? 8  'binding site for residue GOL A 203' 
# 
loop_
_struct_site_gen.id 
_struct_site_gen.site_id 
_struct_site_gen.pdbx_num_res 
_struct_site_gen.label_comp_id 
_struct_site_gen.label_asym_id 
_struct_site_gen.label_seq_id 
_struct_site_gen.pdbx_auth_ins_code 
_struct_site_gen.auth_comp_id 
_struct_site_gen.auth_asym_id 
_struct_site_gen.auth_seq_id 
_struct_site_gen.label_atom_id 
_struct_site_gen.label_alt_id 
_struct_site_gen.symmetry 
_struct_site_gen.details 
1  AC1 13 LYS A 30  ? LYS A 57  . ? 2_454 ? 
2  AC1 13 TRP A 54  ? TRP A 81  . ? 1_555 ? 
3  AC1 13 PRO A 55  ? PRO A 82  . ? 1_555 ? 
4  AC1 13 PHE A 56  ? PHE A 83  . ? 1_555 ? 
5  AC1 13 LEU A 65  ? LEU A 92  . ? 1_555 ? 
6  AC1 13 LEU A 67  ? LEU A 94  . ? 1_555 ? 
7  AC1 13 ASN A 89  ? ASN A 116 . ? 2_454 ? 
8  AC1 13 ASN A 113 ? ASN A 140 . ? 1_555 ? 
9  AC1 13 ILE A 119 ? ILE A 146 . ? 1_555 ? 
10 AC1 13 MET A 122 ? MET A 149 . ? 1_555 ? 
11 AC1 13 HOH E .   ? HOH A 306 . ? 1_555 ? 
12 AC1 13 HOH E .   ? HOH A 322 . ? 1_555 ? 
13 AC1 13 HOH E .   ? HOH A 336 . ? 1_555 ? 
14 AC2 6  THR A 46  ? THR A 73  . ? 1_555 ? 
15 AC2 6  HIS A 50  ? HIS A 77  . ? 1_555 ? 
16 AC2 6  GLN A 100 ? GLN A 127 . ? 3_555 ? 
17 AC2 6  ASN A 103 ? ASN A 130 . ? 3_555 ? 
18 AC2 6  THR A 104 ? THR A 131 . ? 3_555 ? 
19 AC2 6  THR A 107 ? THR A 134 . ? 3_555 ? 
20 AC3 8  ILE A 73  ? ILE A 100 . ? 1_555 ? 
21 AC3 8  ILE A 74  ? ILE A 101 . ? 1_555 ? 
22 AC3 8  LYS A 75  ? LYS A 102 . ? 1_555 ? 
23 AC3 8  THR A 76  ? THR A 103 . ? 1_555 ? 
24 AC3 8  ASN A 108 ? ASN A 135 . ? 1_555 ? 
25 AC3 8  ILE A 111 ? ILE A 138 . ? 1_555 ? 
26 AC3 8  LYS A 133 ? LYS A 160 . ? 3_545 ? 
27 AC3 8  HOH E .   ? HOH A 302 . ? 1_555 ? 
# 
_pdbx_validate_symm_contact.id                1 
_pdbx_validate_symm_contact.PDB_model_num     1 
_pdbx_validate_symm_contact.auth_atom_id_1    OE1 
_pdbx_validate_symm_contact.auth_asym_id_1    A 
_pdbx_validate_symm_contact.auth_comp_id_1    GLN 
_pdbx_validate_symm_contact.auth_seq_id_1     78 
_pdbx_validate_symm_contact.PDB_ins_code_1    ? 
_pdbx_validate_symm_contact.label_alt_id_1    ? 
_pdbx_validate_symm_contact.site_symmetry_1   1_555 
_pdbx_validate_symm_contact.auth_atom_id_2    OE1 
_pdbx_validate_symm_contact.auth_asym_id_2    A 
_pdbx_validate_symm_contact.auth_comp_id_2    GLN 
_pdbx_validate_symm_contact.auth_seq_id_2     127 
_pdbx_validate_symm_contact.PDB_ins_code_2    ? 
_pdbx_validate_symm_contact.label_alt_id_2    B 
_pdbx_validate_symm_contact.site_symmetry_2   3_555 
_pdbx_validate_symm_contact.dist              2.01 
# 
loop_
_pdbx_validate_torsion.id 
_pdbx_validate_torsion.PDB_model_num 
_pdbx_validate_torsion.auth_comp_id 
_pdbx_validate_torsion.auth_asym_id 
_pdbx_validate_torsion.auth_seq_id 
_pdbx_validate_torsion.PDB_ins_code 
_pdbx_validate_torsion.label_alt_id 
_pdbx_validate_torsion.phi 
_pdbx_validate_torsion.psi 
1 1 PRO A 165 ? ? -71.91 -165.74 
2 1 THR A 166 ? ? 76.71  40.91   
# 
loop_
_pdbx_unobs_or_zero_occ_residues.id 
_pdbx_unobs_or_zero_occ_residues.PDB_model_num 
_pdbx_unobs_or_zero_occ_residues.polymer_flag 
_pdbx_unobs_or_zero_occ_residues.occupancy_flag 
_pdbx_unobs_or_zero_occ_residues.auth_asym_id 
_pdbx_unobs_or_zero_occ_residues.auth_comp_id 
_pdbx_unobs_or_zero_occ_residues.auth_seq_id 
_pdbx_unobs_or_zero_occ_residues.PDB_ins_code 
_pdbx_unobs_or_zero_occ_residues.label_asym_id 
_pdbx_unobs_or_zero_occ_residues.label_comp_id 
_pdbx_unobs_or_zero_occ_residues.label_seq_id 
1  1 Y 1 A MET 28 ? A MET 1  
2  1 Y 1 A LYS 29 ? A LYS 2  
3  1 Y 1 A LYS 30 ? A LYS 3  
4  1 Y 1 A GLY 31 ? A GLY 4  
5  1 Y 1 A HIS 32 ? A HIS 5  
6  1 Y 1 A HIS 33 ? A HIS 6  
7  1 Y 1 A HIS 34 ? A HIS 7  
8  1 Y 1 A HIS 35 ? A HIS 8  
9  1 Y 1 A HIS 36 ? A HIS 9  
10 1 Y 1 A HIS 37 ? A HIS 10 
11 1 Y 1 A LEU 38 ? A LEU 11 
12 1 Y 1 A VAL 39 ? A VAL 12 
13 1 Y 1 A PRO 40 ? A PRO 13 
14 1 Y 1 A ARG 41 ? A ARG 14 
# 
loop_
_chem_comp_atom.comp_id 
_chem_comp_atom.atom_id 
_chem_comp_atom.type_symbol 
_chem_comp_atom.pdbx_aromatic_flag 
_chem_comp_atom.pdbx_stereo_config 
_chem_comp_atom.pdbx_ordinal 
ALA N    N N N 1   
ALA CA   C N S 2   
ALA C    C N N 3   
ALA O    O N N 4   
ALA CB   C N N 5   
ALA OXT  O N N 6   
ALA H    H N N 7   
ALA H2   H N N 8   
ALA HA   H N N 9   
ALA HB1  H N N 10  
ALA HB2  H N N 11  
ALA HB3  H N N 12  
ALA HXT  H N N 13  
ARG N    N N N 14  
ARG CA   C N S 15  
ARG C    C N N 16  
ARG O    O N N 17  
ARG CB   C N N 18  
ARG CG   C N N 19  
ARG CD   C N N 20  
ARG NE   N N N 21  
ARG CZ   C N N 22  
ARG NH1  N N N 23  
ARG NH2  N N N 24  
ARG OXT  O N N 25  
ARG H    H N N 26  
ARG H2   H N N 27  
ARG HA   H N N 28  
ARG HB2  H N N 29  
ARG HB3  H N N 30  
ARG HG2  H N N 31  
ARG HG3  H N N 32  
ARG HD2  H N N 33  
ARG HD3  H N N 34  
ARG HE   H N N 35  
ARG HH11 H N N 36  
ARG HH12 H N N 37  
ARG HH21 H N N 38  
ARG HH22 H N N 39  
ARG HXT  H N N 40  
ASN N    N N N 41  
ASN CA   C N S 42  
ASN C    C N N 43  
ASN O    O N N 44  
ASN CB   C N N 45  
ASN CG   C N N 46  
ASN OD1  O N N 47  
ASN ND2  N N N 48  
ASN OXT  O N N 49  
ASN H    H N N 50  
ASN H2   H N N 51  
ASN HA   H N N 52  
ASN HB2  H N N 53  
ASN HB3  H N N 54  
ASN HD21 H N N 55  
ASN HD22 H N N 56  
ASN HXT  H N N 57  
ASP N    N N N 58  
ASP CA   C N S 59  
ASP C    C N N 60  
ASP O    O N N 61  
ASP CB   C N N 62  
ASP CG   C N N 63  
ASP OD1  O N N 64  
ASP OD2  O N N 65  
ASP OXT  O N N 66  
ASP H    H N N 67  
ASP H2   H N N 68  
ASP HA   H N N 69  
ASP HB2  H N N 70  
ASP HB3  H N N 71  
ASP HD2  H N N 72  
ASP HXT  H N N 73  
CYS N    N N N 74  
CYS CA   C N R 75  
CYS C    C N N 76  
CYS O    O N N 77  
CYS CB   C N N 78  
CYS SG   S N N 79  
CYS OXT  O N N 80  
CYS H    H N N 81  
CYS H2   H N N 82  
CYS HA   H N N 83  
CYS HB2  H N N 84  
CYS HB3  H N N 85  
CYS HG   H N N 86  
CYS HXT  H N N 87  
E0K CAU  C N N 88  
E0K CAV  C N N 89  
E0K CAT  C N N 90  
E0K CAR  C N N 91  
E0K CAP  C N R 92  
E0K CAO  C N N 93  
E0K OAS  O N N 94  
E0K NAN  N N N 95  
E0K OAQ  O N N 96  
E0K CAL  C Y N 97  
E0K CAM  C Y N 98  
E0K CAK  C Y N 99  
E0K CAJ  C Y N 100 
E0K CAI  C Y N 101 
E0K CAH  C Y N 102 
E0K CAA  C Y N 103 
E0K CAB  C Y N 104 
E0K CAF  C N N 105 
E0K OAC  O Y N 106 
E0K NAD  N Y N 107 
E0K CAE  C Y N 108 
E0K CAG  C N N 109 
E0K H1   H N N 110 
E0K H2   H N N 111 
E0K H3   H N N 112 
E0K H4   H N N 113 
E0K H5   H N N 114 
E0K H6   H N N 115 
E0K H7   H N N 116 
E0K H8   H N N 117 
E0K H9   H N N 118 
E0K H10  H N N 119 
E0K H11  H N N 120 
E0K H12  H N N 121 
E0K H13  H N N 122 
E0K H14  H N N 123 
E0K H15  H N N 124 
E0K H16  H N N 125 
E0K H17  H N N 126 
E0K H18  H N N 127 
EDO C1   C N N 128 
EDO O1   O N N 129 
EDO C2   C N N 130 
EDO O2   O N N 131 
EDO H11  H N N 132 
EDO H12  H N N 133 
EDO HO1  H N N 134 
EDO H21  H N N 135 
EDO H22  H N N 136 
EDO HO2  H N N 137 
GLN N    N N N 138 
GLN CA   C N S 139 
GLN C    C N N 140 
GLN O    O N N 141 
GLN CB   C N N 142 
GLN CG   C N N 143 
GLN CD   C N N 144 
GLN OE1  O N N 145 
GLN NE2  N N N 146 
GLN OXT  O N N 147 
GLN H    H N N 148 
GLN H2   H N N 149 
GLN HA   H N N 150 
GLN HB2  H N N 151 
GLN HB3  H N N 152 
GLN HG2  H N N 153 
GLN HG3  H N N 154 
GLN HE21 H N N 155 
GLN HE22 H N N 156 
GLN HXT  H N N 157 
GLU N    N N N 158 
GLU CA   C N S 159 
GLU C    C N N 160 
GLU O    O N N 161 
GLU CB   C N N 162 
GLU CG   C N N 163 
GLU CD   C N N 164 
GLU OE1  O N N 165 
GLU OE2  O N N 166 
GLU OXT  O N N 167 
GLU H    H N N 168 
GLU H2   H N N 169 
GLU HA   H N N 170 
GLU HB2  H N N 171 
GLU HB3  H N N 172 
GLU HG2  H N N 173 
GLU HG3  H N N 174 
GLU HE2  H N N 175 
GLU HXT  H N N 176 
GLY N    N N N 177 
GLY CA   C N N 178 
GLY C    C N N 179 
GLY O    O N N 180 
GLY OXT  O N N 181 
GLY H    H N N 182 
GLY H2   H N N 183 
GLY HA2  H N N 184 
GLY HA3  H N N 185 
GLY HXT  H N N 186 
GOL C1   C N N 187 
GOL O1   O N N 188 
GOL C2   C N N 189 
GOL O2   O N N 190 
GOL C3   C N N 191 
GOL O3   O N N 192 
GOL H11  H N N 193 
GOL H12  H N N 194 
GOL HO1  H N N 195 
GOL H2   H N N 196 
GOL HO2  H N N 197 
GOL H31  H N N 198 
GOL H32  H N N 199 
GOL HO3  H N N 200 
HIS N    N N N 201 
HIS CA   C N S 202 
HIS C    C N N 203 
HIS O    O N N 204 
HIS CB   C N N 205 
HIS CG   C Y N 206 
HIS ND1  N Y N 207 
HIS CD2  C Y N 208 
HIS CE1  C Y N 209 
HIS NE2  N Y N 210 
HIS OXT  O N N 211 
HIS H    H N N 212 
HIS H2   H N N 213 
HIS HA   H N N 214 
HIS HB2  H N N 215 
HIS HB3  H N N 216 
HIS HD1  H N N 217 
HIS HD2  H N N 218 
HIS HE1  H N N 219 
HIS HE2  H N N 220 
HIS HXT  H N N 221 
HOH O    O N N 222 
HOH H1   H N N 223 
HOH H2   H N N 224 
ILE N    N N N 225 
ILE CA   C N S 226 
ILE C    C N N 227 
ILE O    O N N 228 
ILE CB   C N S 229 
ILE CG1  C N N 230 
ILE CG2  C N N 231 
ILE CD1  C N N 232 
ILE OXT  O N N 233 
ILE H    H N N 234 
ILE H2   H N N 235 
ILE HA   H N N 236 
ILE HB   H N N 237 
ILE HG12 H N N 238 
ILE HG13 H N N 239 
ILE HG21 H N N 240 
ILE HG22 H N N 241 
ILE HG23 H N N 242 
ILE HD11 H N N 243 
ILE HD12 H N N 244 
ILE HD13 H N N 245 
ILE HXT  H N N 246 
LEU N    N N N 247 
LEU CA   C N S 248 
LEU C    C N N 249 
LEU O    O N N 250 
LEU CB   C N N 251 
LEU CG   C N N 252 
LEU CD1  C N N 253 
LEU CD2  C N N 254 
LEU OXT  O N N 255 
LEU H    H N N 256 
LEU H2   H N N 257 
LEU HA   H N N 258 
LEU HB2  H N N 259 
LEU HB3  H N N 260 
LEU HG   H N N 261 
LEU HD11 H N N 262 
LEU HD12 H N N 263 
LEU HD13 H N N 264 
LEU HD21 H N N 265 
LEU HD22 H N N 266 
LEU HD23 H N N 267 
LEU HXT  H N N 268 
LYS N    N N N 269 
LYS CA   C N S 270 
LYS C    C N N 271 
LYS O    O N N 272 
LYS CB   C N N 273 
LYS CG   C N N 274 
LYS CD   C N N 275 
LYS CE   C N N 276 
LYS NZ   N N N 277 
LYS OXT  O N N 278 
LYS H    H N N 279 
LYS H2   H N N 280 
LYS HA   H N N 281 
LYS HB2  H N N 282 
LYS HB3  H N N 283 
LYS HG2  H N N 284 
LYS HG3  H N N 285 
LYS HD2  H N N 286 
LYS HD3  H N N 287 
LYS HE2  H N N 288 
LYS HE3  H N N 289 
LYS HZ1  H N N 290 
LYS HZ2  H N N 291 
LYS HZ3  H N N 292 
LYS HXT  H N N 293 
MET N    N N N 294 
MET CA   C N S 295 
MET C    C N N 296 
MET O    O N N 297 
MET CB   C N N 298 
MET CG   C N N 299 
MET SD   S N N 300 
MET CE   C N N 301 
MET OXT  O N N 302 
MET H    H N N 303 
MET H2   H N N 304 
MET HA   H N N 305 
MET HB2  H N N 306 
MET HB3  H N N 307 
MET HG2  H N N 308 
MET HG3  H N N 309 
MET HE1  H N N 310 
MET HE2  H N N 311 
MET HE3  H N N 312 
MET HXT  H N N 313 
PHE N    N N N 314 
PHE CA   C N S 315 
PHE C    C N N 316 
PHE O    O N N 317 
PHE CB   C N N 318 
PHE CG   C Y N 319 
PHE CD1  C Y N 320 
PHE CD2  C Y N 321 
PHE CE1  C Y N 322 
PHE CE2  C Y N 323 
PHE CZ   C Y N 324 
PHE OXT  O N N 325 
PHE H    H N N 326 
PHE H2   H N N 327 
PHE HA   H N N 328 
PHE HB2  H N N 329 
PHE HB3  H N N 330 
PHE HD1  H N N 331 
PHE HD2  H N N 332 
PHE HE1  H N N 333 
PHE HE2  H N N 334 
PHE HZ   H N N 335 
PHE HXT  H N N 336 
PRO N    N N N 337 
PRO CA   C N S 338 
PRO C    C N N 339 
PRO O    O N N 340 
PRO CB   C N N 341 
PRO CG   C N N 342 
PRO CD   C N N 343 
PRO OXT  O N N 344 
PRO H    H N N 345 
PRO HA   H N N 346 
PRO HB2  H N N 347 
PRO HB3  H N N 348 
PRO HG2  H N N 349 
PRO HG3  H N N 350 
PRO HD2  H N N 351 
PRO HD3  H N N 352 
PRO HXT  H N N 353 
SER N    N N N 354 
SER CA   C N S 355 
SER C    C N N 356 
SER O    O N N 357 
SER CB   C N N 358 
SER OG   O N N 359 
SER OXT  O N N 360 
SER H    H N N 361 
SER H2   H N N 362 
SER HA   H N N 363 
SER HB2  H N N 364 
SER HB3  H N N 365 
SER HG   H N N 366 
SER HXT  H N N 367 
THR N    N N N 368 
THR CA   C N S 369 
THR C    C N N 370 
THR O    O N N 371 
THR CB   C N R 372 
THR OG1  O N N 373 
THR CG2  C N N 374 
THR OXT  O N N 375 
THR H    H N N 376 
THR H2   H N N 377 
THR HA   H N N 378 
THR HB   H N N 379 
THR HG1  H N N 380 
THR HG21 H N N 381 
THR HG22 H N N 382 
THR HG23 H N N 383 
THR HXT  H N N 384 
TRP N    N N N 385 
TRP CA   C N S 386 
TRP C    C N N 387 
TRP O    O N N 388 
TRP CB   C N N 389 
TRP CG   C Y N 390 
TRP CD1  C Y N 391 
TRP CD2  C Y N 392 
TRP NE1  N Y N 393 
TRP CE2  C Y N 394 
TRP CE3  C Y N 395 
TRP CZ2  C Y N 396 
TRP CZ3  C Y N 397 
TRP CH2  C Y N 398 
TRP OXT  O N N 399 
TRP H    H N N 400 
TRP H2   H N N 401 
TRP HA   H N N 402 
TRP HB2  H N N 403 
TRP HB3  H N N 404 
TRP HD1  H N N 405 
TRP HE1  H N N 406 
TRP HE3  H N N 407 
TRP HZ2  H N N 408 
TRP HZ3  H N N 409 
TRP HH2  H N N 410 
TRP HXT  H N N 411 
TYR N    N N N 412 
TYR CA   C N S 413 
TYR C    C N N 414 
TYR O    O N N 415 
TYR CB   C N N 416 
TYR CG   C Y N 417 
TYR CD1  C Y N 418 
TYR CD2  C Y N 419 
TYR CE1  C Y N 420 
TYR CE2  C Y N 421 
TYR CZ   C Y N 422 
TYR OH   O N N 423 
TYR OXT  O N N 424 
TYR H    H N N 425 
TYR H2   H N N 426 
TYR HA   H N N 427 
TYR HB2  H N N 428 
TYR HB3  H N N 429 
TYR HD1  H N N 430 
TYR HD2  H N N 431 
TYR HE1  H N N 432 
TYR HE2  H N N 433 
TYR HH   H N N 434 
TYR HXT  H N N 435 
VAL N    N N N 436 
VAL CA   C N S 437 
VAL C    C N N 438 
VAL O    O N N 439 
VAL CB   C N N 440 
VAL CG1  C N N 441 
VAL CG2  C N N 442 
VAL OXT  O N N 443 
VAL H    H N N 444 
VAL H2   H N N 445 
VAL HA   H N N 446 
VAL HB   H N N 447 
VAL HG11 H N N 448 
VAL HG12 H N N 449 
VAL HG13 H N N 450 
VAL HG21 H N N 451 
VAL HG22 H N N 452 
VAL HG23 H N N 453 
VAL HXT  H N N 454 
# 
loop_
_chem_comp_bond.comp_id 
_chem_comp_bond.atom_id_1 
_chem_comp_bond.atom_id_2 
_chem_comp_bond.value_order 
_chem_comp_bond.pdbx_aromatic_flag 
_chem_comp_bond.pdbx_stereo_config 
_chem_comp_bond.pdbx_ordinal 
ALA N   CA   sing N N 1   
ALA N   H    sing N N 2   
ALA N   H2   sing N N 3   
ALA CA  C    sing N N 4   
ALA CA  CB   sing N N 5   
ALA CA  HA   sing N N 6   
ALA C   O    doub N N 7   
ALA C   OXT  sing N N 8   
ALA CB  HB1  sing N N 9   
ALA CB  HB2  sing N N 10  
ALA CB  HB3  sing N N 11  
ALA OXT HXT  sing N N 12  
ARG N   CA   sing N N 13  
ARG N   H    sing N N 14  
ARG N   H2   sing N N 15  
ARG CA  C    sing N N 16  
ARG CA  CB   sing N N 17  
ARG CA  HA   sing N N 18  
ARG C   O    doub N N 19  
ARG C   OXT  sing N N 20  
ARG CB  CG   sing N N 21  
ARG CB  HB2  sing N N 22  
ARG CB  HB3  sing N N 23  
ARG CG  CD   sing N N 24  
ARG CG  HG2  sing N N 25  
ARG CG  HG3  sing N N 26  
ARG CD  NE   sing N N 27  
ARG CD  HD2  sing N N 28  
ARG CD  HD3  sing N N 29  
ARG NE  CZ   sing N N 30  
ARG NE  HE   sing N N 31  
ARG CZ  NH1  sing N N 32  
ARG CZ  NH2  doub N N 33  
ARG NH1 HH11 sing N N 34  
ARG NH1 HH12 sing N N 35  
ARG NH2 HH21 sing N N 36  
ARG NH2 HH22 sing N N 37  
ARG OXT HXT  sing N N 38  
ASN N   CA   sing N N 39  
ASN N   H    sing N N 40  
ASN N   H2   sing N N 41  
ASN CA  C    sing N N 42  
ASN CA  CB   sing N N 43  
ASN CA  HA   sing N N 44  
ASN C   O    doub N N 45  
ASN C   OXT  sing N N 46  
ASN CB  CG   sing N N 47  
ASN CB  HB2  sing N N 48  
ASN CB  HB3  sing N N 49  
ASN CG  OD1  doub N N 50  
ASN CG  ND2  sing N N 51  
ASN ND2 HD21 sing N N 52  
ASN ND2 HD22 sing N N 53  
ASN OXT HXT  sing N N 54  
ASP N   CA   sing N N 55  
ASP N   H    sing N N 56  
ASP N   H2   sing N N 57  
ASP CA  C    sing N N 58  
ASP CA  CB   sing N N 59  
ASP CA  HA   sing N N 60  
ASP C   O    doub N N 61  
ASP C   OXT  sing N N 62  
ASP CB  CG   sing N N 63  
ASP CB  HB2  sing N N 64  
ASP CB  HB3  sing N N 65  
ASP CG  OD1  doub N N 66  
ASP CG  OD2  sing N N 67  
ASP OD2 HD2  sing N N 68  
ASP OXT HXT  sing N N 69  
CYS N   CA   sing N N 70  
CYS N   H    sing N N 71  
CYS N   H2   sing N N 72  
CYS CA  C    sing N N 73  
CYS CA  CB   sing N N 74  
CYS CA  HA   sing N N 75  
CYS C   O    doub N N 76  
CYS C   OXT  sing N N 77  
CYS CB  SG   sing N N 78  
CYS CB  HB2  sing N N 79  
CYS CB  HB3  sing N N 80  
CYS SG  HG   sing N N 81  
CYS OXT HXT  sing N N 82  
E0K CAU CAV  sing N N 83  
E0K CAU CAT  sing N N 84  
E0K CAV CAT  sing N N 85  
E0K CAT CAR  sing N N 86  
E0K CAR CAP  sing N N 87  
E0K CAP OAQ  sing N N 88  
E0K CAP CAO  sing N N 89  
E0K OAQ CAL  sing N N 90  
E0K OAS CAO  doub N N 91  
E0K CAO NAN  sing N N 92  
E0K CAL CAM  doub Y N 93  
E0K CAL CAK  sing Y N 94  
E0K CAM CAH  sing Y N 95  
E0K CAF CAB  sing N N 96  
E0K NAN CAK  sing N N 97  
E0K CAB OAC  sing Y N 98  
E0K CAB CAA  doub Y N 99  
E0K CAK CAJ  doub Y N 100 
E0K OAC NAD  sing Y N 101 
E0K CAH CAA  sing N N 102 
E0K CAH CAI  doub Y N 103 
E0K CAA CAE  sing Y N 104 
E0K NAD CAE  doub Y N 105 
E0K CAE CAG  sing N N 106 
E0K CAJ CAI  sing Y N 107 
E0K CAU H1   sing N N 108 
E0K CAU H2   sing N N 109 
E0K CAV H3   sing N N 110 
E0K CAV H4   sing N N 111 
E0K CAT H5   sing N N 112 
E0K CAR H6   sing N N 113 
E0K CAR H7   sing N N 114 
E0K CAP H8   sing N N 115 
E0K NAN H9   sing N N 116 
E0K CAM H10  sing N N 117 
E0K CAJ H11  sing N N 118 
E0K CAI H12  sing N N 119 
E0K CAF H13  sing N N 120 
E0K CAF H14  sing N N 121 
E0K CAF H15  sing N N 122 
E0K CAG H16  sing N N 123 
E0K CAG H17  sing N N 124 
E0K CAG H18  sing N N 125 
EDO C1  O1   sing N N 126 
EDO C1  C2   sing N N 127 
EDO C1  H11  sing N N 128 
EDO C1  H12  sing N N 129 
EDO O1  HO1  sing N N 130 
EDO C2  O2   sing N N 131 
EDO C2  H21  sing N N 132 
EDO C2  H22  sing N N 133 
EDO O2  HO2  sing N N 134 
GLN N   CA   sing N N 135 
GLN N   H    sing N N 136 
GLN N   H2   sing N N 137 
GLN CA  C    sing N N 138 
GLN CA  CB   sing N N 139 
GLN CA  HA   sing N N 140 
GLN C   O    doub N N 141 
GLN C   OXT  sing N N 142 
GLN CB  CG   sing N N 143 
GLN CB  HB2  sing N N 144 
GLN CB  HB3  sing N N 145 
GLN CG  CD   sing N N 146 
GLN CG  HG2  sing N N 147 
GLN CG  HG3  sing N N 148 
GLN CD  OE1  doub N N 149 
GLN CD  NE2  sing N N 150 
GLN NE2 HE21 sing N N 151 
GLN NE2 HE22 sing N N 152 
GLN OXT HXT  sing N N 153 
GLU N   CA   sing N N 154 
GLU N   H    sing N N 155 
GLU N   H2   sing N N 156 
GLU CA  C    sing N N 157 
GLU CA  CB   sing N N 158 
GLU CA  HA   sing N N 159 
GLU C   O    doub N N 160 
GLU C   OXT  sing N N 161 
GLU CB  CG   sing N N 162 
GLU CB  HB2  sing N N 163 
GLU CB  HB3  sing N N 164 
GLU CG  CD   sing N N 165 
GLU CG  HG2  sing N N 166 
GLU CG  HG3  sing N N 167 
GLU CD  OE1  doub N N 168 
GLU CD  OE2  sing N N 169 
GLU OE2 HE2  sing N N 170 
GLU OXT HXT  sing N N 171 
GLY N   CA   sing N N 172 
GLY N   H    sing N N 173 
GLY N   H2   sing N N 174 
GLY CA  C    sing N N 175 
GLY CA  HA2  sing N N 176 
GLY CA  HA3  sing N N 177 
GLY C   O    doub N N 178 
GLY C   OXT  sing N N 179 
GLY OXT HXT  sing N N 180 
GOL C1  O1   sing N N 181 
GOL C1  C2   sing N N 182 
GOL C1  H11  sing N N 183 
GOL C1  H12  sing N N 184 
GOL O1  HO1  sing N N 185 
GOL C2  O2   sing N N 186 
GOL C2  C3   sing N N 187 
GOL C2  H2   sing N N 188 
GOL O2  HO2  sing N N 189 
GOL C3  O3   sing N N 190 
GOL C3  H31  sing N N 191 
GOL C3  H32  sing N N 192 
GOL O3  HO3  sing N N 193 
HIS N   CA   sing N N 194 
HIS N   H    sing N N 195 
HIS N   H2   sing N N 196 
HIS CA  C    sing N N 197 
HIS CA  CB   sing N N 198 
HIS CA  HA   sing N N 199 
HIS C   O    doub N N 200 
HIS C   OXT  sing N N 201 
HIS CB  CG   sing N N 202 
HIS CB  HB2  sing N N 203 
HIS CB  HB3  sing N N 204 
HIS CG  ND1  sing Y N 205 
HIS CG  CD2  doub Y N 206 
HIS ND1 CE1  doub Y N 207 
HIS ND1 HD1  sing N N 208 
HIS CD2 NE2  sing Y N 209 
HIS CD2 HD2  sing N N 210 
HIS CE1 NE2  sing Y N 211 
HIS CE1 HE1  sing N N 212 
HIS NE2 HE2  sing N N 213 
HIS OXT HXT  sing N N 214 
HOH O   H1   sing N N 215 
HOH O   H2   sing N N 216 
ILE N   CA   sing N N 217 
ILE N   H    sing N N 218 
ILE N   H2   sing N N 219 
ILE CA  C    sing N N 220 
ILE CA  CB   sing N N 221 
ILE CA  HA   sing N N 222 
ILE C   O    doub N N 223 
ILE C   OXT  sing N N 224 
ILE CB  CG1  sing N N 225 
ILE CB  CG2  sing N N 226 
ILE CB  HB   sing N N 227 
ILE CG1 CD1  sing N N 228 
ILE CG1 HG12 sing N N 229 
ILE CG1 HG13 sing N N 230 
ILE CG2 HG21 sing N N 231 
ILE CG2 HG22 sing N N 232 
ILE CG2 HG23 sing N N 233 
ILE CD1 HD11 sing N N 234 
ILE CD1 HD12 sing N N 235 
ILE CD1 HD13 sing N N 236 
ILE OXT HXT  sing N N 237 
LEU N   CA   sing N N 238 
LEU N   H    sing N N 239 
LEU N   H2   sing N N 240 
LEU CA  C    sing N N 241 
LEU CA  CB   sing N N 242 
LEU CA  HA   sing N N 243 
LEU C   O    doub N N 244 
LEU C   OXT  sing N N 245 
LEU CB  CG   sing N N 246 
LEU CB  HB2  sing N N 247 
LEU CB  HB3  sing N N 248 
LEU CG  CD1  sing N N 249 
LEU CG  CD2  sing N N 250 
LEU CG  HG   sing N N 251 
LEU CD1 HD11 sing N N 252 
LEU CD1 HD12 sing N N 253 
LEU CD1 HD13 sing N N 254 
LEU CD2 HD21 sing N N 255 
LEU CD2 HD22 sing N N 256 
LEU CD2 HD23 sing N N 257 
LEU OXT HXT  sing N N 258 
LYS N   CA   sing N N 259 
LYS N   H    sing N N 260 
LYS N   H2   sing N N 261 
LYS CA  C    sing N N 262 
LYS CA  CB   sing N N 263 
LYS CA  HA   sing N N 264 
LYS C   O    doub N N 265 
LYS C   OXT  sing N N 266 
LYS CB  CG   sing N N 267 
LYS CB  HB2  sing N N 268 
LYS CB  HB3  sing N N 269 
LYS CG  CD   sing N N 270 
LYS CG  HG2  sing N N 271 
LYS CG  HG3  sing N N 272 
LYS CD  CE   sing N N 273 
LYS CD  HD2  sing N N 274 
LYS CD  HD3  sing N N 275 
LYS CE  NZ   sing N N 276 
LYS CE  HE2  sing N N 277 
LYS CE  HE3  sing N N 278 
LYS NZ  HZ1  sing N N 279 
LYS NZ  HZ2  sing N N 280 
LYS NZ  HZ3  sing N N 281 
LYS OXT HXT  sing N N 282 
MET N   CA   sing N N 283 
MET N   H    sing N N 284 
MET N   H2   sing N N 285 
MET CA  C    sing N N 286 
MET CA  CB   sing N N 287 
MET CA  HA   sing N N 288 
MET C   O    doub N N 289 
MET C   OXT  sing N N 290 
MET CB  CG   sing N N 291 
MET CB  HB2  sing N N 292 
MET CB  HB3  sing N N 293 
MET CG  SD   sing N N 294 
MET CG  HG2  sing N N 295 
MET CG  HG3  sing N N 296 
MET SD  CE   sing N N 297 
MET CE  HE1  sing N N 298 
MET CE  HE2  sing N N 299 
MET CE  HE3  sing N N 300 
MET OXT HXT  sing N N 301 
PHE N   CA   sing N N 302 
PHE N   H    sing N N 303 
PHE N   H2   sing N N 304 
PHE CA  C    sing N N 305 
PHE CA  CB   sing N N 306 
PHE CA  HA   sing N N 307 
PHE C   O    doub N N 308 
PHE C   OXT  sing N N 309 
PHE CB  CG   sing N N 310 
PHE CB  HB2  sing N N 311 
PHE CB  HB3  sing N N 312 
PHE CG  CD1  doub Y N 313 
PHE CG  CD2  sing Y N 314 
PHE CD1 CE1  sing Y N 315 
PHE CD1 HD1  sing N N 316 
PHE CD2 CE2  doub Y N 317 
PHE CD2 HD2  sing N N 318 
PHE CE1 CZ   doub Y N 319 
PHE CE1 HE1  sing N N 320 
PHE CE2 CZ   sing Y N 321 
PHE CE2 HE2  sing N N 322 
PHE CZ  HZ   sing N N 323 
PHE OXT HXT  sing N N 324 
PRO N   CA   sing N N 325 
PRO N   CD   sing N N 326 
PRO N   H    sing N N 327 
PRO CA  C    sing N N 328 
PRO CA  CB   sing N N 329 
PRO CA  HA   sing N N 330 
PRO C   O    doub N N 331 
PRO C   OXT  sing N N 332 
PRO CB  CG   sing N N 333 
PRO CB  HB2  sing N N 334 
PRO CB  HB3  sing N N 335 
PRO CG  CD   sing N N 336 
PRO CG  HG2  sing N N 337 
PRO CG  HG3  sing N N 338 
PRO CD  HD2  sing N N 339 
PRO CD  HD3  sing N N 340 
PRO OXT HXT  sing N N 341 
SER N   CA   sing N N 342 
SER N   H    sing N N 343 
SER N   H2   sing N N 344 
SER CA  C    sing N N 345 
SER CA  CB   sing N N 346 
SER CA  HA   sing N N 347 
SER C   O    doub N N 348 
SER C   OXT  sing N N 349 
SER CB  OG   sing N N 350 
SER CB  HB2  sing N N 351 
SER CB  HB3  sing N N 352 
SER OG  HG   sing N N 353 
SER OXT HXT  sing N N 354 
THR N   CA   sing N N 355 
THR N   H    sing N N 356 
THR N   H2   sing N N 357 
THR CA  C    sing N N 358 
THR CA  CB   sing N N 359 
THR CA  HA   sing N N 360 
THR C   O    doub N N 361 
THR C   OXT  sing N N 362 
THR CB  OG1  sing N N 363 
THR CB  CG2  sing N N 364 
THR CB  HB   sing N N 365 
THR OG1 HG1  sing N N 366 
THR CG2 HG21 sing N N 367 
THR CG2 HG22 sing N N 368 
THR CG2 HG23 sing N N 369 
THR OXT HXT  sing N N 370 
TRP N   CA   sing N N 371 
TRP N   H    sing N N 372 
TRP N   H2   sing N N 373 
TRP CA  C    sing N N 374 
TRP CA  CB   sing N N 375 
TRP CA  HA   sing N N 376 
TRP C   O    doub N N 377 
TRP C   OXT  sing N N 378 
TRP CB  CG   sing N N 379 
TRP CB  HB2  sing N N 380 
TRP CB  HB3  sing N N 381 
TRP CG  CD1  doub Y N 382 
TRP CG  CD2  sing Y N 383 
TRP CD1 NE1  sing Y N 384 
TRP CD1 HD1  sing N N 385 
TRP CD2 CE2  doub Y N 386 
TRP CD2 CE3  sing Y N 387 
TRP NE1 CE2  sing Y N 388 
TRP NE1 HE1  sing N N 389 
TRP CE2 CZ2  sing Y N 390 
TRP CE3 CZ3  doub Y N 391 
TRP CE3 HE3  sing N N 392 
TRP CZ2 CH2  doub Y N 393 
TRP CZ2 HZ2  sing N N 394 
TRP CZ3 CH2  sing Y N 395 
TRP CZ3 HZ3  sing N N 396 
TRP CH2 HH2  sing N N 397 
TRP OXT HXT  sing N N 398 
TYR N   CA   sing N N 399 
TYR N   H    sing N N 400 
TYR N   H2   sing N N 401 
TYR CA  C    sing N N 402 
TYR CA  CB   sing N N 403 
TYR CA  HA   sing N N 404 
TYR C   O    doub N N 405 
TYR C   OXT  sing N N 406 
TYR CB  CG   sing N N 407 
TYR CB  HB2  sing N N 408 
TYR CB  HB3  sing N N 409 
TYR CG  CD1  doub Y N 410 
TYR CG  CD2  sing Y N 411 
TYR CD1 CE1  sing Y N 412 
TYR CD1 HD1  sing N N 413 
TYR CD2 CE2  doub Y N 414 
TYR CD2 HD2  sing N N 415 
TYR CE1 CZ   doub Y N 416 
TYR CE1 HE1  sing N N 417 
TYR CE2 CZ   sing Y N 418 
TYR CE2 HE2  sing N N 419 
TYR CZ  OH   sing N N 420 
TYR OH  HH   sing N N 421 
TYR OXT HXT  sing N N 422 
VAL N   CA   sing N N 423 
VAL N   H    sing N N 424 
VAL N   H2   sing N N 425 
VAL CA  C    sing N N 426 
VAL CA  CB   sing N N 427 
VAL CA  HA   sing N N 428 
VAL C   O    doub N N 429 
VAL C   OXT  sing N N 430 
VAL CB  CG1  sing N N 431 
VAL CB  CG2  sing N N 432 
VAL CB  HB   sing N N 433 
VAL CG1 HG11 sing N N 434 
VAL CG1 HG12 sing N N 435 
VAL CG1 HG13 sing N N 436 
VAL CG2 HG21 sing N N 437 
VAL CG2 HG22 sing N N 438 
VAL CG2 HG23 sing N N 439 
VAL OXT HXT  sing N N 440 
# 
_atom_sites.entry_id                    5YQX 
_atom_sites.fract_transf_matrix[1][1]   -0.01741558 
_atom_sites.fract_transf_matrix[1][2]   -0.01025796 
_atom_sites.fract_transf_matrix[1][3]   -0.01105120 
_atom_sites.fract_transf_matrix[2][1]   0.01259811 
_atom_sites.fract_transf_matrix[2][2]   -0.00347110 
_atom_sites.fract_transf_matrix[2][3]   -0.01663141 
_atom_sites.fract_transf_matrix[3][1]   0.00447814 
_atom_sites.fract_transf_matrix[3][2]   -0.01452263 
_atom_sites.fract_transf_matrix[3][3]   0.00642312 
_atom_sites.fract_transf_vector[1]      -0.110982 
_atom_sites.fract_transf_vector[2]      -0.109368 
_atom_sites.fract_transf_vector[3]      0.323162 
# 
loop_
_atom_type.symbol 
C 
N 
O 
S 
# 
loop_
_atom_site.group_PDB 
_atom_site.id 
_atom_site.type_symbol 
_atom_site.label_atom_id 
_atom_site.label_alt_id 
_atom_site.label_comp_id 
_atom_site.label_asym_id 
_atom_site.label_entity_id 
_atom_site.label_seq_id 
_atom_site.pdbx_PDB_ins_code 
_atom_site.Cartn_x 
_atom_site.Cartn_y 
_atom_site.Cartn_z 
_atom_site.occupancy 
_atom_site.B_iso_or_equiv 
_atom_site.pdbx_formal_charge 
_atom_site.auth_seq_id 
_atom_site.auth_comp_id 
_atom_site.auth_asym_id 
_atom_site.auth_atom_id 
_atom_site.pdbx_PDB_model_num 
ATOM   1    N N   . GLY A 1 15  ? 16.190  11.467  12.792  1.00 47.29 ? 42  GLY A N   1 
ATOM   2    C CA  . GLY A 1 15  ? 16.008  9.981   12.718  1.00 42.76 ? 42  GLY A CA  1 
ATOM   3    C C   . GLY A 1 15  ? 14.582  9.667   13.093  1.00 38.85 ? 42  GLY A C   1 
ATOM   4    O O   . GLY A 1 15  ? 14.300  8.796   13.919  1.00 34.58 ? 42  GLY A O   1 
ATOM   5    N N   . SER A 1 16  ? 13.679  10.416  12.488  1.00 31.96 ? 43  SER A N   1 
ATOM   6    C CA  . SER A 1 16  ? 12.288  10.327  12.819  1.00 32.77 ? 43  SER A CA  1 
ATOM   7    C C   . SER A 1 16  ? 11.596  9.322   11.933  1.00 24.44 ? 43  SER A C   1 
ATOM   8    O O   . SER A 1 16  ? 10.393  9.533   11.639  1.00 31.53 ? 43  SER A O   1 
ATOM   9    C CB  . SER A 1 16  ? 11.636  11.732  12.683  1.00 37.23 ? 43  SER A CB  1 
ATOM   10   O OG  . SER A 1 16  ? 11.594  12.159  11.319  1.00 44.02 ? 43  SER A OG  1 
ATOM   11   N N   . ASN A 1 17  ? 12.313  8.338   11.350  1.00 21.91 ? 44  ASN A N   1 
ATOM   12   C CA  . ASN A 1 17  ? 11.587  7.266   10.600  1.00 18.62 ? 44  ASN A CA  1 
ATOM   13   C C   . ASN A 1 17  ? 11.456  6.052   11.502  1.00 16.02 ? 44  ASN A C   1 
ATOM   14   O O   . ASN A 1 17  ? 12.433  5.604   12.093  1.00 17.33 ? 44  ASN A O   1 
ATOM   15   C CB  . ASN A 1 17  ? 12.276  6.755   9.319   1.00 19.00 ? 44  ASN A CB  1 
ATOM   16   C CG  . ASN A 1 17  ? 12.304  7.791   8.200   1.00 18.77 ? 44  ASN A CG  1 
ATOM   17   O OD1 . ASN A 1 17  ? 11.404  8.608   8.070   1.00 19.99 ? 44  ASN A OD1 1 
ATOM   18   N ND2 . ASN A 1 17  ? 13.302  7.711   7.362   1.00 19.78 ? 44  ASN A ND2 1 
ATOM   19   N N   . PRO A 1 18  ? 10.254  5.468   11.539  1.00 15.66 ? 45  PRO A N   1 
ATOM   20   C CA  . PRO A 1 18  ? 10.052  4.209   12.285  1.00 15.02 ? 45  PRO A CA  1 
ATOM   21   C C   . PRO A 1 18  ? 10.598  3.024   11.501  1.00 16.67 ? 45  PRO A C   1 
ATOM   22   O O   . PRO A 1 18  ? 10.884  3.115   10.280  1.00 15.79 ? 45  PRO A O   1 
ATOM   23   C CB  . PRO A 1 18  ? 8.522   4.087   12.337  1.00 14.13 ? 45  PRO A CB  1 
ATOM   24   C CG  . PRO A 1 18  ? 8.085   4.654   11.015  1.00 13.72 ? 45  PRO A CG  1 
ATOM   25   C CD  . PRO A 1 18  ? 9.039   5.839   10.790  1.00 14.29 ? 45  PRO A CD  1 
ATOM   26   N N   . PRO A 1 19  ? 10.679  1.865   12.158  1.00 16.90 ? 46  PRO A N   1 
ATOM   27   C CA  . PRO A 1 19  ? 10.916  0.687   11.371  1.00 17.03 ? 46  PRO A CA  1 
ATOM   28   C C   . PRO A 1 19  ? 9.792   0.572   10.340  1.00 17.28 ? 46  PRO A C   1 
ATOM   29   O O   . PRO A 1 19  ? 8.653   0.985   10.645  1.00 17.77 ? 46  PRO A O   1 
ATOM   30   C CB  . PRO A 1 19  ? 10.748  -0.453  12.354  1.00 18.75 ? 46  PRO A CB  1 
ATOM   31   C CG  . PRO A 1 19  ? 10.427  0.109   13.647  1.00 19.29 ? 46  PRO A CG  1 
ATOM   32   C CD  . PRO A 1 19  ? 10.391  1.584   13.584  1.00 18.67 ? 46  PRO A CD  1 
ATOM   33   N N   . PRO A 1 20  ? 10.085  -0.014  9.178   1.00 15.71 ? 47  PRO A N   1 
ATOM   34   C CA  . PRO A 1 20  ? 8.943   -0.164  8.247   1.00 15.23 ? 47  PRO A CA  1 
ATOM   35   C C   . PRO A 1 20  ? 7.969   -1.220  8.717   1.00 14.63 ? 47  PRO A C   1 
ATOM   36   O O   . PRO A 1 20  ? 8.317   -2.030  9.604   1.00 14.95 ? 47  PRO A O   1 
ATOM   37   C CB  . PRO A 1 20  ? 9.621   -0.611  6.951   1.00 15.56 ? 47  PRO A CB  1 
ATOM   38   C CG  . PRO A 1 20  ? 10.833  -1.388  7.426   1.00 17.67 ? 47  PRO A CG  1 
ATOM   39   C CD  . PRO A 1 20  ? 11.335  -0.532  8.571   1.00 17.54 ? 47  PRO A CD  1 
ATOM   40   N N   . PRO A 1 21  ? 6.778   -1.267  8.122   1.00 14.17 ? 48  PRO A N   1 
ATOM   41   C CA  . PRO A 1 21  ? 5.840   -2.359  8.483   1.00 13.29 ? 48  PRO A CA  1 
ATOM   42   C C   . PRO A 1 21  ? 6.442   -3.714  8.190   1.00 13.77 ? 48  PRO A C   1 
ATOM   43   O O   . PRO A 1 21  ? 7.134   -3.878  7.202   1.00 13.87 ? 48  PRO A O   1 
ATOM   44   C CB  . PRO A 1 21  ? 4.599   -2.116  7.610   1.00 14.63 ? 48  PRO A CB  1 
ATOM   45   C CG  . PRO A 1 21  ? 4.773   -0.688  7.118   1.00 14.40 ? 48  PRO A CG  1 
ATOM   46   C CD  . PRO A 1 21  ? 6.250   -0.446  7.030   1.00 13.95 ? 48  PRO A CD  1 
ATOM   47   N N   . GLU A 1 22  ? 6.149   -4.687  9.034   1.00 14.01 ? 49  GLU A N   1 
ATOM   48   C CA  . GLU A 1 22  ? 6.691   -6.043  8.785   1.00 15.20 ? 49  GLU A CA  1 
ATOM   49   C C   . GLU A 1 22  ? 6.215   -6.599  7.464   1.00 15.16 ? 49  GLU A C   1 
ATOM   50   O O   . GLU A 1 22  ? 5.067   -6.365  7.018   1.00 14.27 ? 49  GLU A O   1 
ATOM   51   C CB  . GLU A 1 22  ? 6.320   -6.985  9.945   1.00 16.42 ? 49  GLU A CB  1 
ATOM   52   C CG  . GLU A 1 22  ? 4.865   -7.337  10.043  1.00 18.26 ? 49  GLU A CG  1 
ATOM   53   C CD  . GLU A 1 22  ? 4.538   -8.232  11.255  1.00 21.19 ? 49  GLU A CD  1 
ATOM   54   O OE1 . GLU A 1 22  ? 3.481   -8.862  11.218  1.00 19.91 ? 49  GLU A OE1 1 
ATOM   55   O OE2 . GLU A 1 22  ? 5.333   -8.239  12.228  1.00 21.30 ? 49  GLU A OE2 1 
ATOM   56   N N   . THR A 1 23  ? 7.095   -7.333  6.801   1.00 14.37 ? 50  THR A N   1 
ATOM   57   C CA  . THR A 1 23  ? 6.717   -8.003  5.563   1.00 15.48 ? 50  THR A CA  1 
ATOM   58   C C   . THR A 1 23  ? 6.763   -9.543  5.670   1.00 13.53 ? 50  THR A C   1 
ATOM   59   O O   . THR A 1 23  ? 6.440   -10.225 4.703   1.00 13.25 ? 50  THR A O   1 
ATOM   60   C CB  . THR A 1 23  ? 7.630   -7.544  4.408   1.00 16.09 ? 50  THR A CB  1 
ATOM   61   O OG1 . THR A 1 23  ? 8.999   -7.752  4.750   1.00 15.64 ? 50  THR A OG1 1 
ATOM   62   C CG2 . THR A 1 23  ? 7.446   -6.025  4.076   1.00 16.82 ? 50  THR A CG2 1 
ATOM   63   N N   . SER A 1 24  ? 7.149   -10.032 6.841   1.00 14.24 ? 51  SER A N   1 
ATOM   64   C CA  . SER A 1 24  ? 7.130   -11.439 7.187   1.00 14.54 ? 51  SER A CA  1 
ATOM   65   C C   . SER A 1 24  ? 6.957   -11.492 8.688   1.00 14.68 ? 51  SER A C   1 
ATOM   66   O O   . SER A 1 24  ? 7.234   -10.522 9.407   1.00 14.11 ? 51  SER A O   1 
ATOM   67   C CB  . SER A 1 24  ? 8.408   -12.164 6.754   1.00 14.20 ? 51  SER A CB  1 
ATOM   68   O OG  . SER A 1 24  ? 9.524   -11.738 7.463   1.00 15.88 ? 51  SER A OG  1 
ATOM   69   N N   . ASN A 1 25  ? 6.498   -12.635 9.170   1.00 15.23 ? 52  ASN A N   1 
ATOM   70   C CA  . ASN A 1 25  ? 6.324   -12.834 10.576  1.00 16.55 ? 52  ASN A CA  1 
ATOM   71   C C   . ASN A 1 25  ? 6.355   -14.322 10.891  1.00 16.52 ? 52  ASN A C   1 
ATOM   72   O O   . ASN A 1 25  ? 5.725   -15.135 10.159  1.00 15.71 ? 52  ASN A O   1 
ATOM   73   C CB  . ASN A 1 25  ? 5.032   -12.182 11.051  1.00 19.40 ? 52  ASN A CB  1 
ATOM   74   C CG  . ASN A 1 25  ? 4.781   -12.410 12.541  1.00 22.47 ? 52  ASN A CG  1 
ATOM   75   O OD1 . ASN A 1 25  ? 4.452   -13.517 12.973  1.00 21.09 ? 52  ASN A OD1 1 
ATOM   76   N ND2 . ASN A 1 25  ? 5.043   -11.375 13.352  1.00 29.54 ? 52  ASN A ND2 1 
ATOM   77   N N   . PRO A 1 26  ? 7.080   -14.705 11.973  1.00 16.26 ? 53  PRO A N   1 
ATOM   78   C CA  . PRO A 1 26  ? 7.260   -16.160 12.154  1.00 18.33 ? 53  PRO A CA  1 
ATOM   79   C C   . PRO A 1 26  ? 5.966   -16.926 12.459  1.00 19.29 ? 53  PRO A C   1 
ATOM   80   O O   . PRO A 1 26  ? 5.774   -18.058 11.991  1.00 18.93 ? 53  PRO A O   1 
ATOM   81   C CB  . PRO A 1 26  ? 8.183   -16.234 13.366  1.00 18.72 ? 53  PRO A CB  1 
ATOM   82   C CG  . PRO A 1 26  ? 8.001   -14.941 14.092  1.00 20.39 ? 53  PRO A CG  1 
ATOM   83   C CD  . PRO A 1 26  ? 7.885   -13.940 12.946  1.00 17.87 ? 53  PRO A CD  1 
ATOM   84   N N   . ASN A 1 27  ? 5.111   -16.335 13.297  1.00 19.35 ? 54  ASN A N   1 
ATOM   85   C CA  . ASN A 1 27  ? 3.903   -17.040 13.741  1.00 23.71 ? 54  ASN A CA  1 
ATOM   86   C C   . ASN A 1 27  ? 2.657   -16.780 12.907  1.00 21.29 ? 54  ASN A C   1 
ATOM   87   O O   . ASN A 1 27  ? 1.776   -17.659 12.794  1.00 20.97 ? 54  ASN A O   1 
ATOM   88   C CB  . ASN A 1 27  ? 3.640   -16.708 15.211  1.00 25.74 ? 54  ASN A CB  1 
ATOM   89   C CG  . ASN A 1 27  ? 4.757   -17.230 16.106  1.00 29.42 ? 54  ASN A CG  1 
ATOM   90   O OD1 . ASN A 1 27  ? 5.129   -18.386 15.997  1.00 34.33 ? 54  ASN A OD1 1 
ATOM   91   N ND2 . ASN A 1 27  ? 5.324   -16.379 16.916  1.00 33.54 ? 54  ASN A ND2 1 
ATOM   92   N N   . LYS A 1 28  ? 2.606   -15.656 12.217  1.00 17.89 ? 55  LYS A N   1 
ATOM   93   C CA  . LYS A 1 28  ? 1.381   -15.353 11.412  1.00 16.96 ? 55  LYS A CA  1 
ATOM   94   C C   . LYS A 1 28  ? 1.188   -16.380 10.294  1.00 16.76 ? 55  LYS A C   1 
ATOM   95   O O   . LYS A 1 28  ? 2.074   -16.522 9.414   1.00 17.44 ? 55  LYS A O   1 
ATOM   96   C CB  . LYS A 1 28  ? 1.493   -13.975 10.783  1.00 16.39 ? 55  LYS A CB  1 
ATOM   97   C CG  . LYS A 1 28  ? 0.241   -13.508 10.094  1.00 16.40 ? 55  LYS A CG  1 
ATOM   98   C CD  . LYS A 1 28  ? 0.418   -12.124 9.468   1.00 15.81 ? 55  LYS A CD  1 
ATOM   99   C CE  . LYS A 1 28  ? -0.889  -11.586 8.907   1.00 15.35 ? 55  LYS A CE  1 
ATOM   100  N NZ  . LYS A 1 28  ? -1.422  -12.455 7.830   1.00 13.95 ? 55  LYS A NZ  1 
ATOM   101  N N   . PRO A 1 29  ? 0.040   -17.078 10.268  1.00 17.02 ? 56  PRO A N   1 
ATOM   102  C CA  . PRO A 1 29  ? -0.058  -18.078 9.207   1.00 17.74 ? 56  PRO A CA  1 
ATOM   103  C C   . PRO A 1 29  ? -0.019  -17.440 7.804   1.00 16.11 ? 56  PRO A C   1 
ATOM   104  O O   . PRO A 1 29  ? -0.468  -16.269 7.613   1.00 16.64 ? 56  PRO A O   1 
ATOM   105  C CB  . PRO A 1 29  ? -1.426  -18.723 9.464   1.00 17.86 ? 56  PRO A CB  1 
ATOM   106  C CG  . PRO A 1 29  ? -1.579  -18.639 10.926  1.00 19.22 ? 56  PRO A CG  1 
ATOM   107  C CD  . PRO A 1 29  ? -1.042  -17.262 11.249  1.00 18.70 ? 56  PRO A CD  1 
ATOM   108  N N   . LYS A 1 30  ? 0.485   -18.225 6.860   1.00 15.80 ? 57  LYS A N   1 
ATOM   109  C CA  . LYS A 1 30  ? 0.798   -17.777 5.521   1.00 15.64 ? 57  LYS A CA  1 
ATOM   110  C C   . LYS A 1 30  ? -0.021  -18.555 4.481   1.00 16.47 ? 57  LYS A C   1 
ATOM   111  O O   . LYS A 1 30  ? -0.233  -19.789 4.626   1.00 16.40 ? 57  LYS A O   1 
ATOM   112  C CB  . LYS A 1 30  ? 2.311   -18.080 5.286   1.00 16.74 ? 57  LYS A CB  1 
ATOM   113  C CG  . LYS A 1 30  ? 3.277   -17.293 6.182   1.00 16.86 ? 57  LYS A CG  1 
ATOM   114  C CD  . LYS A 1 30  ? 4.523   -18.066 6.586   1.00 17.84 ? 57  LYS A CD  1 
ATOM   115  C CE  . LYS A 1 30  ? 5.369   -17.411 7.682   1.00 17.63 ? 57  LYS A CE  1 
ATOM   116  N NZ  . LYS A 1 30  ? 4.737   -17.361 9.051   1.00 18.05 ? 57  LYS A NZ  1 
ATOM   117  N N   . ARG A 1 31  ? -0.424  -17.893 3.403   1.00 16.52 ? 58  ARG A N   1 
ATOM   118  C CA  . ARG A 1 31  ? -1.198  -18.575 2.402   1.00 16.34 ? 58  ARG A CA  1 
ATOM   119  C C   . ARG A 1 31  ? -1.051  -17.935 1.030   1.00 19.42 ? 58  ARG A C   1 
ATOM   120  O O   . ARG A 1 31  ? -0.719  -16.766 0.911   1.00 16.45 ? 58  ARG A O   1 
ATOM   121  C CB  . ARG A 1 31  ? -2.686  -18.542 2.805   1.00 16.81 ? 58  ARG A CB  1 
ATOM   122  C CG  . ARG A 1 31  ? -3.526  -19.585 2.129   1.00 17.29 ? 58  ARG A CG  1 
ATOM   123  C CD  . ARG A 1 31  ? -4.815  -19.871 2.909   1.00 16.04 ? 58  ARG A CD  1 
ATOM   124  N NE  . ARG A 1 31  ? -5.697  -18.709 2.901   1.00 16.24 ? 58  ARG A NE  1 
ATOM   125  C CZ  . ARG A 1 31  ? -7.014  -18.732 2.848   1.00 17.56 ? 58  ARG A CZ  1 
ATOM   126  N NH1 . ARG A 1 31  ? -7.684  -19.895 2.868   1.00 20.19 ? 58  ARG A NH1 1 
ATOM   127  N NH2 . ARG A 1 31  ? -7.687  -17.598 2.818   1.00 16.94 ? 58  ARG A NH2 1 
ATOM   128  N N   . GLN A 1 32  ? -1.381  -18.718 0.026   1.00 22.01 ? 59  GLN A N   1 
ATOM   129  C CA  . GLN A 1 32  ? -1.503  -18.210 -1.352  1.00 26.26 ? 59  GLN A CA  1 
ATOM   130  C C   . GLN A 1 32  ? -2.880  -18.665 -1.799  1.00 27.82 ? 59  GLN A C   1 
ATOM   131  O O   . GLN A 1 32  ? -3.222  -19.844 -1.633  1.00 26.71 ? 59  GLN A O   1 
ATOM   132  C CB  . GLN A 1 32  ? -0.387  -18.817 -2.209  1.00 30.57 ? 59  GLN A CB  1 
ATOM   133  C CG  . GLN A 1 32  ? -0.474  -18.494 -3.707  1.00 38.84 ? 59  GLN A CG  1 
ATOM   134  C CD  . GLN A 1 32  ? -0.131  -17.048 -4.052  1.00 44.99 ? 59  GLN A CD  1 
ATOM   135  O OE1 . GLN A 1 32  ? 0.827   -16.787 -4.782  1.00 57.89 ? 59  GLN A OE1 1 
ATOM   136  N NE2 . GLN A 1 32  ? -0.923  -16.111 -3.566  1.00 46.16 ? 59  GLN A NE2 1 
ATOM   137  N N   . THR A 1 33  ? -3.710  -17.719 -2.178  1.00 26.52 ? 60  THR A N   1 
ATOM   138  C CA  . THR A 1 33  ? -5.037  -17.990 -2.760  1.00 26.33 ? 60  THR A CA  1 
ATOM   139  C C   . THR A 1 33  ? -5.059  -17.441 -4.187  1.00 24.57 ? 60  THR A C   1 
ATOM   140  O O   . THR A 1 33  ? -4.246  -16.582 -4.562  1.00 19.76 ? 60  THR A O   1 
ATOM   141  C CB  . THR A 1 33  ? -6.192  -17.359 -1.991  1.00 25.53 ? 60  THR A CB  1 
ATOM   142  O OG1 . THR A 1 33  ? -6.107  -15.928 -2.035  1.00 25.50 ? 60  THR A OG1 1 
ATOM   143  C CG2 . THR A 1 33  ? -6.263  -17.823 -0.532  1.00 26.36 ? 60  THR A CG2 1 
ATOM   144  N N   . ASN A 1 34  ? -5.993  -17.941 -4.992  1.00 27.09 ? 61  ASN A N   1 
ATOM   145  C CA  . ASN A 1 34  ? -6.206  -17.335 -6.332  1.00 27.04 ? 61  ASN A CA  1 
ATOM   146  C C   . ASN A 1 34  ? -6.414  -15.807 -6.271  1.00 24.21 ? 61  ASN A C   1 
ATOM   147  O O   . ASN A 1 34  ? -5.936  -15.060 -7.176  1.00 21.60 ? 61  ASN A O   1 
ATOM   148  C CB  . ASN A 1 34  ? -7.380  -18.024 -7.083  1.00 29.31 ? 61  ASN A CB  1 
ATOM   149  C CG  . ASN A 1 34  ? -8.736  -17.681 -6.518  1.00 33.55 ? 61  ASN A CG  1 
ATOM   150  O OD1 . ASN A 1 34  ? -9.625  -17.252 -7.268  1.00 42.75 ? 61  ASN A OD1 1 
ATOM   151  N ND2 . ASN A 1 34  ? -8.932  -17.868 -5.205  1.00 38.17 ? 61  ASN A ND2 1 
ATOM   152  N N   . GLN A 1 35  ? -7.121  -15.349 -5.245  1.00 23.83 ? 62  GLN A N   1 
ATOM   153  C CA  . GLN A 1 35  ? -7.376  -13.914 -5.055  1.00 23.02 ? 62  GLN A CA  1 
ATOM   154  C C   . GLN A 1 35  ? -6.077  -13.169 -4.773  1.00 22.09 ? 62  GLN A C   1 
ATOM   155  O O   . GLN A 1 35  ? -5.847  -12.088 -5.345  1.00 20.45 ? 62  GLN A O   1 
ATOM   156  C CB  . GLN A 1 35  ? -8.345  -13.620 -3.940  1.00 25.79 ? 62  GLN A CB  1 
ATOM   157  C CG  . GLN A 1 35  ? -9.735  -14.212 -4.156  1.00 28.74 ? 62  GLN A CG  1 
ATOM   158  C CD  . GLN A 1 35  ? -10.683 -13.727 -3.113  1.00 31.99 ? 62  GLN A CD  1 
ATOM   159  O OE1 . GLN A 1 35  ? -10.408 -13.832 -1.905  1.00 38.71 ? 62  GLN A OE1 1 
ATOM   160  N NE2 . GLN A 1 35  ? -11.812 -13.195 -3.548  1.00 39.40 ? 62  GLN A NE2 1 
ATOM   161  N N   . LEU A 1 36  ? -5.271  -13.728 -3.876  1.00 19.83 ? 63  LEU A N   1 
ATOM   162  C CA  . LEU A 1 36  ? -3.941  -13.130 -3.590  1.00 19.05 ? 63  LEU A CA  1 
ATOM   163  C C   . LEU A 1 36  ? -3.029  -13.153 -4.842  1.00 20.97 ? 63  LEU A C   1 
ATOM   164  O O   . LEU A 1 36  ? -2.303  -12.195 -5.090  1.00 18.87 ? 63  LEU A O   1 
ATOM   165  C CB  . LEU A 1 36  ? -3.280  -13.786 -2.359  1.00 18.31 ? 63  LEU A CB  1 
ATOM   166  C CG  . LEU A 1 36  ? -3.912  -13.434 -1.009  1.00 18.21 ? 63  LEU A CG  1 
ATOM   167  C CD1 . LEU A 1 36  ? -3.579  -14.481 0.039   1.00 17.63 ? 63  LEU A CD1 1 
ATOM   168  C CD2 . LEU A 1 36  ? -3.427  -12.067 -0.527  1.00 18.39 ? 63  LEU A CD2 1 
ATOM   169  N N   . GLN A 1 37  ? -3.083  -14.212 -5.635  1.00 20.77 ? 64  GLN A N   1 
ATOM   170  C CA  . GLN A 1 37  ? -2.319  -14.247 -6.886  1.00 23.90 ? 64  GLN A CA  1 
ATOM   171  C C   . GLN A 1 37  ? -2.797  -13.140 -7.829  1.00 21.63 ? 64  GLN A C   1 
ATOM   172  O O   . GLN A 1 37  ? -1.975  -12.507 -8.487  1.00 23.14 ? 64  GLN A O   1 
ATOM   173  C CB  . GLN A 1 37  ? -2.461  -15.608 -7.600  1.00 27.46 ? 64  GLN A CB  1 
ATOM   174  C CG  . GLN A 1 37  ? -1.788  -16.754 -6.880  1.00 34.75 ? 64  GLN A CG  1 
ATOM   175  C CD  . GLN A 1 37  ? -1.812  -18.078 -7.646  1.00 43.10 ? 64  GLN A CD  1 
ATOM   176  O OE1 . GLN A 1 37  ? -0.839  -18.862 -7.604  1.00 47.52 ? 64  GLN A OE1 1 
ATOM   177  N NE2 . GLN A 1 37  ? -2.896  -18.327 -8.367  1.00 46.37 ? 64  GLN A NE2 1 
ATOM   178  N N   . TYR A 1 38  ? -4.113  -12.924 -7.902  1.00 20.16 ? 65  TYR A N   1 
ATOM   179  C CA  . TYR A 1 38  ? -4.675  -11.865 -8.728  1.00 20.39 ? 65  TYR A CA  1 
ATOM   180  C C   . TYR A 1 38  ? -4.205  -10.502 -8.217  1.00 20.36 ? 65  TYR A C   1 
ATOM   181  O O   . TYR A 1 38  ? -3.863  -9.595  -8.995  1.00 17.44 ? 65  TYR A O   1 
ATOM   182  C CB  . TYR A 1 38  ? -6.202  -11.910 -8.705  1.00 22.57 ? 65  TYR A CB  1 
ATOM   183  C CG  . TYR A 1 38  ? -6.890  -10.791 -9.491  1.00 25.35 ? 65  TYR A CG  1 
ATOM   184  C CD1 . TYR A 1 38  ? -7.082  -10.881 -10.876 1.00 28.96 ? 65  TYR A CD1 1 
ATOM   185  C CD2 . TYR A 1 38  ? -7.395  -9.666  -8.836  1.00 27.04 ? 65  TYR A CD2 1 
ATOM   186  C CE1 . TYR A 1 38  ? -7.722  -9.841  -11.578 1.00 28.02 ? 65  TYR A CE1 1 
ATOM   187  C CE2 . TYR A 1 38  ? -8.035  -8.634  -9.529  1.00 27.37 ? 65  TYR A CE2 1 
ATOM   188  C CZ  . TYR A 1 38  ? -8.193  -8.727  -10.883 1.00 28.60 ? 65  TYR A CZ  1 
ATOM   189  O OH  . TYR A 1 38  ? -8.842  -7.693  -11.523 1.00 34.19 ? 65  TYR A OH  1 
ATOM   190  N N   . LEU A 1 39  ? -4.217  -10.326 -6.890  1.00 17.49 ? 66  LEU A N   1 
ATOM   191  C CA  . LEU A 1 39  ? -3.703  -9.066  -6.331  1.00 17.81 ? 66  LEU A CA  1 
ATOM   192  C C   . LEU A 1 39  ? -2.221  -8.759  -6.694  1.00 19.03 ? 66  LEU A C   1 
ATOM   193  O O   . LEU A 1 39  ? -1.855  -7.593  -6.947  1.00 17.38 ? 66  LEU A O   1 
ATOM   194  C CB  . LEU A 1 39  ? -3.904  -9.026  -4.829  1.00 17.90 ? 66  LEU A CB  1 
ATOM   195  C CG  . LEU A 1 39  ? -5.336  -8.706  -4.394  1.00 19.32 ? 66  LEU A CG  1 
ATOM   196  C CD1 . LEU A 1 39  ? -5.506  -9.233  -2.989  1.00 20.70 ? 66  LEU A CD1 1 
ATOM   197  C CD2 . LEU A 1 39  ? -5.712  -7.237  -4.445  1.00 20.83 ? 66  LEU A CD2 1 
ATOM   198  N N   . LEU A 1 40  ? -1.365  -9.769  -6.682  1.00 17.35 ? 67  LEU A N   1 
ATOM   199  C CA  . LEU A 1 40  ? 0.038   -9.539  -7.064  1.00 18.49 ? 67  LEU A CA  1 
ATOM   200  C C   . LEU A 1 40  ? 0.169   -9.332  -8.584  1.00 19.78 ? 67  LEU A C   1 
ATOM   201  O O   . LEU A 1 40  ? 0.812   -8.361  -9.038  1.00 19.22 ? 67  LEU A O   1 
ATOM   202  C CB  . LEU A 1 40  ? 0.912   -10.733 -6.670  1.00 19.43 ? 67  LEU A CB  1 
ATOM   203  C CG  . LEU A 1 40  ? 2.434   -10.676 -6.918  1.00 20.49 ? 67  LEU A CG  1 
ATOM   204  C CD1 . LEU A 1 40  ? 3.051   -9.392  -6.386  1.00 20.46 ? 67  LEU A CD1 1 
ATOM   205  C CD2 . LEU A 1 40  ? 3.156   -11.893 -6.343  1.00 20.78 ? 67  LEU A CD2 1 
ATOM   206  N N   . ARG A 1 41  ? -0.434  -10.231 -9.338  1.00 19.23 ? 68  ARG A N   1 
ATOM   207  C CA  . ARG A 1 41  ? -0.145  -10.357 -10.779 1.00 22.46 ? 68  ARG A CA  1 
ATOM   208  C C   . ARG A 1 41  ? -0.901  -9.325  -11.636 1.00 22.92 ? 68  ARG A C   1 
ATOM   209  O O   . ARG A 1 41  ? -0.413  -8.873  -12.685 1.00 20.50 ? 68  ARG A O   1 
ATOM   210  C CB  . ARG A 1 41  ? -0.440  -11.793 -11.233 1.00 27.23 ? 68  ARG A CB  1 
ATOM   211  C CG  . ARG A 1 41  ? 0.565   -12.761 -10.636 1.00 34.47 ? 68  ARG A CG  1 
ATOM   212  C CD  . ARG A 1 41  ? 0.743   -14.055 -11.400 1.00 43.56 ? 68  ARG A CD  1 
ATOM   213  N NE  . ARG A 1 41  ? -0.289  -15.019 -11.046 1.00 49.81 ? 68  ARG A NE  1 
ATOM   214  C CZ  . ARG A 1 41  ? -0.135  -16.344 -10.967 1.00 59.14 ? 68  ARG A CZ  1 
ATOM   215  N NH1 . ARG A 1 41  ? 1.045   -16.935 -11.183 1.00 61.78 ? 68  ARG A NH1 1 
ATOM   216  N NH2 . ARG A 1 41  ? -1.190  -17.097 -10.641 1.00 65.75 ? 68  ARG A NH2 1 
ATOM   217  N N   . VAL A 1 42  ? -2.073  -8.927  -11.173 1.00 20.07 ? 69  VAL A N   1 
ATOM   218  C CA  . VAL A 1 42  ? -2.874  -7.901  -11.863 1.00 18.88 ? 69  VAL A CA  1 
ATOM   219  C C   . VAL A 1 42  ? -3.002  -6.565  -11.147 1.00 18.06 ? 69  VAL A C   1 
ATOM   220  O O   . VAL A 1 42  ? -2.750  -5.505  -11.728 1.00 18.64 ? 69  VAL A O   1 
ATOM   221  C CB  . VAL A 1 42  ? -4.265  -8.488  -12.141 1.00 18.76 ? 69  VAL A CB  1 
ATOM   222  C CG1 . VAL A 1 42  ? -5.182  -7.490  -12.797 1.00 18.56 ? 69  VAL A CG1 1 
ATOM   223  C CG2 . VAL A 1 42  ? -4.095  -9.785  -12.926 1.00 21.34 ? 69  VAL A CG2 1 
ATOM   224  N N   . VAL A 1 43  ? -3.454  -6.545  -9.882  1.00 16.31 ? 70  VAL A N   1 
ATOM   225  C CA  . VAL A 1 43  ? -3.678  -5.250  -9.223  1.00 16.64 ? 70  VAL A CA  1 
ATOM   226  C C   . VAL A 1 43  ? -2.362  -4.538  -8.941  1.00 16.37 ? 70  VAL A C   1 
ATOM   227  O O   . VAL A 1 43  ? -2.142  -3.378  -9.391  1.00 18.48 ? 70  VAL A O   1 
ATOM   228  C CB  . VAL A 1 43  ? -4.495  -5.437  -7.918  1.00 16.49 ? 70  VAL A CB  1 
ATOM   229  C CG1 . VAL A 1 43  ? -4.851  -4.113  -7.272  1.00 16.15 ? 70  VAL A CG1 1 
ATOM   230  C CG2 . VAL A 1 43  ? -5.777  -6.220  -8.227  1.00 16.26 ? 70  VAL A CG2 1 
ATOM   231  N N   . LEU A 1 44  ? -1.485  -5.183  -8.188  1.00 17.64 ? 71  LEU A N   1 
ATOM   232  C CA  . LEU A 1 44  ? -0.234  -4.516  -7.751  1.00 20.26 ? 71  LEU A CA  1 
ATOM   233  C C   . LEU A 1 44  ? 0.567   -4.185  -9.026  1.00 21.86 ? 71  LEU A C   1 
ATOM   234  O O   . LEU A 1 44  ? 1.092   -3.077  -9.191  1.00 19.62 ? 71  LEU A O   1 
ATOM   235  C CB  . LEU A 1 44  ? 0.559   -5.444  -6.818  1.00 21.02 ? 71  LEU A CB  1 
ATOM   236  C CG  . LEU A 1 44  ? 1.839   -4.999  -6.101  1.00 22.19 ? 71  LEU A CG  1 
ATOM   237  C CD1 . LEU A 1 44  ? 3.025   -5.048  -6.992  1.00 23.16 ? 71  LEU A CD1 1 
ATOM   238  C CD2 . LEU A 1 44  ? 1.674   -3.625  -5.470  1.00 22.93 ? 71  LEU A CD2 1 
ATOM   239  N N   . LYS A 1 45  ? 0.604   -5.160  -9.935  1.00 24.00 ? 72  LYS A N   1 
ATOM   240  C CA  . LYS A 1 45  ? 1.339   -5.023  -11.184 1.00 27.60 ? 72  LYS A CA  1 
ATOM   241  C C   . LYS A 1 45  ? 0.865   -3.825  -11.948 1.00 25.36 ? 72  LYS A C   1 
ATOM   242  O O   . LYS A 1 45  ? 1.720   -3.022  -12.354 1.00 28.94 ? 72  LYS A O   1 
ATOM   243  C CB  . LYS A 1 45  ? 1.205   -6.321  -12.010 1.00 34.35 ? 72  LYS A CB  1 
ATOM   244  C CG  . LYS A 1 45  ? 1.840   -6.358  -13.400 1.00 39.11 ? 72  LYS A CG  1 
ATOM   245  C CD  . LYS A 1 45  ? 3.292   -5.903  -13.435 1.00 43.13 ? 72  LYS A CD  1 
ATOM   246  C CE  . LYS A 1 45  ? 4.277   -7.052  -13.254 1.00 44.60 ? 72  LYS A CE  1 
ATOM   247  N NZ  . LYS A 1 45  ? 5.635   -6.590  -13.679 1.00 45.91 ? 72  LYS A NZ  1 
ATOM   248  N N   . THR A 1 46  ? -0.459  -3.600  -12.072 1.00 22.68 ? 73  THR A N   1 
ATOM   249  C CA  . THR A 1 46  ? -0.869  -2.400  -12.816 1.00 23.52 ? 73  THR A CA  1 
ATOM   250  C C   . THR A 1 46  ? -0.564  -1.095  -12.084 1.00 24.26 ? 73  THR A C   1 
ATOM   251  O O   . THR A 1 46  ? -0.178  -0.090  -12.708 1.00 20.54 ? 73  THR A O   1 
ATOM   252  C CB  . THR A 1 46  ? -2.274  -2.384  -13.529 1.00 29.41 ? 73  THR A CB  1 
ATOM   253  O OG1 . THR A 1 46  ? -3.171  -1.387  -12.996 1.00 32.69 ? 73  THR A OG1 1 
ATOM   254  C CG2 . THR A 1 46  ? -2.915  -3.712  -13.683 1.00 24.72 ? 73  THR A CG2 1 
ATOM   255  N N   . LEU A 1 47  ? -0.782  -1.067  -10.762 1.00 20.19 ? 74  LEU A N   1 
ATOM   256  C CA  . LEU A 1 47  ? -0.454  0.138   -10.021 1.00 20.84 ? 74  LEU A CA  1 
ATOM   257  C C   . LEU A 1 47  ? 1.047   0.420   -9.975  1.00 19.45 ? 74  LEU A C   1 
ATOM   258  O O   . LEU A 1 47  ? 1.421   1.586   -10.072 1.00 17.30 ? 74  LEU A O   1 
ATOM   259  C CB  . LEU A 1 47  ? -0.998  0.110   -8.577  1.00 21.79 ? 74  LEU A CB  1 
ATOM   260  C CG  . LEU A 1 47  ? -2.522  0.064   -8.352  1.00 27.84 ? 74  LEU A CG  1 
ATOM   261  C CD1 . LEU A 1 47  ? -2.888  0.647   -6.988  1.00 28.39 ? 74  LEU A CD1 1 
ATOM   262  C CD2 . LEU A 1 47  ? -3.346  0.711   -9.413  1.00 31.84 ? 74  LEU A CD2 1 
ATOM   263  N N   . TRP A 1 48  ? 1.867   -0.626  -9.850  1.00 17.91 ? 75  TRP A N   1 
ATOM   264  C CA  . TRP A 1 48  ? 3.316   -0.508  -9.612  1.00 18.45 ? 75  TRP A CA  1 
ATOM   265  C C   . TRP A 1 48  ? 4.011   0.182   -10.786 1.00 19.48 ? 75  TRP A C   1 
ATOM   266  O O   . TRP A 1 48  ? 4.955   0.983   -10.602 1.00 17.72 ? 75  TRP A O   1 
ATOM   267  C CB  . TRP A 1 48  ? 3.951   -1.885  -9.397  1.00 20.38 ? 75  TRP A CB  1 
ATOM   268  C CG  . TRP A 1 48  ? 5.383   -1.827  -8.987  1.00 19.55 ? 75  TRP A CG  1 
ATOM   269  C CD1 . TRP A 1 48  ? 6.460   -1.855  -9.811  1.00 18.84 ? 75  TRP A CD1 1 
ATOM   270  C CD2 . TRP A 1 48  ? 5.898   -1.656  -7.656  1.00 17.43 ? 75  TRP A CD2 1 
ATOM   271  N NE1 . TRP A 1 48  ? 7.623   -1.728  -9.087  1.00 20.24 ? 75  TRP A NE1 1 
ATOM   272  C CE2 . TRP A 1 48  ? 7.301   -1.644  -7.751  1.00 18.50 ? 75  TRP A CE2 1 
ATOM   273  C CE3 . TRP A 1 48  ? 5.312   -1.568  -6.392  1.00 15.81 ? 75  TRP A CE3 1 
ATOM   274  C CZ2 . TRP A 1 48  ? 8.142   -1.457  -6.642  1.00 17.49 ? 75  TRP A CZ2 1 
ATOM   275  C CZ3 . TRP A 1 48  ? 6.145   -1.388  -5.279  1.00 16.23 ? 75  TRP A CZ3 1 
ATOM   276  C CH2 . TRP A 1 48  ? 7.540   -1.408  -5.397  1.00 15.19 ? 75  TRP A CH2 1 
ATOM   277  N N   . LYS A 1 49  ? 3.479   -0.074  -11.959 1.00 19.12 ? 76  LYS A N   1 
ATOM   278  C CA  . LYS A 1 49  ? 4.105   0.396   -13.200 1.00 23.54 ? 76  LYS A CA  1 
ATOM   279  C C   . LYS A 1 49  ? 3.491   1.714   -13.695 1.00 21.18 ? 76  LYS A C   1 
ATOM   280  O O   . LYS A 1 49  ? 3.900   2.259   -14.736 1.00 23.55 ? 76  LYS A O   1 
ATOM   281  C CB  . LYS A 1 49  ? 3.982   -0.728  -14.229 1.00 23.49 ? 76  LYS A CB  1 
ATOM   282  C CG  . LYS A 1 49  ? 4.855   -1.935  -13.919 1.00 28.02 ? 76  LYS A CG  1 
ATOM   283  C CD  . LYS A 1 49  ? 6.321   -1.560  -14.089 1.00 30.40 ? 76  LYS A CD  1 
ATOM   284  C CE  . LYS A 1 49  ? 7.234   -2.660  -13.663 1.00 34.94 ? 76  LYS A CE  1 
ATOM   285  N NZ  . LYS A 1 49  ? 8.617   -2.127  -13.832 1.00 40.04 ? 76  LYS A NZ  1 
ATOM   286  N N   . HIS A 1 50  ? 2.497   2.211   -12.975 1.00 20.10 ? 77  HIS A N   1 
ATOM   287  C CA  . HIS A 1 50  ? 1.861   3.470   -13.277 1.00 20.09 ? 77  HIS A CA  1 
ATOM   288  C C   . HIS A 1 50  ? 2.828   4.645   -13.047 1.00 18.65 ? 77  HIS A C   1 
ATOM   289  O O   . HIS A 1 50  ? 3.711   4.596   -12.187 1.00 17.83 ? 77  HIS A O   1 
ATOM   290  C CB  . HIS A 1 50  ? 0.597   3.613   -12.434 1.00 19.53 ? 77  HIS A CB  1 
ATOM   291  C CG  . HIS A 1 50  ? -0.303  4.709   -12.868 1.00 19.03 ? 77  HIS A CG  1 
ATOM   292  N ND1 . HIS A 1 50  ? -0.155  6.015   -12.459 1.00 20.43 ? 77  HIS A ND1 1 
ATOM   293  C CD2 . HIS A 1 50  ? -1.430  4.682   -13.621 1.00 23.49 ? 77  HIS A CD2 1 
ATOM   294  C CE1 . HIS A 1 50  ? -1.092  6.759   -12.999 1.00 22.19 ? 77  HIS A CE1 1 
ATOM   295  N NE2 . HIS A 1 50  ? -1.892  5.973   -13.699 1.00 21.57 ? 77  HIS A NE2 1 
ATOM   296  N N   . GLN A 1 51  ? 2.704   5.674   -13.879 1.00 18.38 ? 78  GLN A N   1 
ATOM   297  C CA  . GLN A 1 51  ? 3.565   6.863   -13.792 1.00 19.96 ? 78  GLN A CA  1 
ATOM   298  C C   . GLN A 1 51  ? 3.590   7.526   -12.413 1.00 18.90 ? 78  GLN A C   1 
ATOM   299  O O   . GLN A 1 51  ? 4.588   8.118   -12.036 1.00 18.59 ? 78  GLN A O   1 
ATOM   300  C CB  . GLN A 1 51  ? 3.182   7.914   -14.849 1.00 21.16 ? 78  GLN A CB  1 
ATOM   301  C CG  . GLN A 1 51  ? 1.744   8.414   -14.719 1.00 23.83 ? 78  GLN A CG  1 
ATOM   302  C CD  . GLN A 1 51  ? 0.720   7.675   -15.599 1.00 30.72 ? 78  GLN A CD  1 
ATOM   303  O OE1 . GLN A 1 51  ? 0.761   6.433   -15.739 1.00 34.10 ? 78  GLN A OE1 1 
ATOM   304  N NE2 . GLN A 1 51  ? -0.233  8.424   -16.155 1.00 31.25 ? 78  GLN A NE2 1 
ATOM   305  N N   . PHE A 1 52  ? 2.534   7.359   -11.647 1.00 18.38 ? 79  PHE A N   1 
ATOM   306  C CA  . PHE A 1 52  ? 2.420   7.990   -10.346 1.00 18.04 ? 79  PHE A CA  1 
ATOM   307  C C   . PHE A 1 52  ? 2.719   7.023   -9.180  1.00 17.14 ? 79  PHE A C   1 
ATOM   308  O O   . PHE A 1 52  ? 2.494   7.407   -8.018  1.00 18.74 ? 79  PHE A O   1 
ATOM   309  C CB  . PHE A 1 52  ? 1.008   8.558   -10.186 1.00 19.57 ? 79  PHE A CB  1 
ATOM   310  C CG  . PHE A 1 52  ? 0.658   9.686   -11.151 1.00 21.19 ? 79  PHE A CG  1 
ATOM   311  C CD1 . PHE A 1 52  ? 1.612   10.428  -11.830 1.00 22.94 ? 79  PHE A CD1 1 
ATOM   312  C CD2 . PHE A 1 52  ? -0.683  10.025  -11.314 1.00 25.82 ? 79  PHE A CD2 1 
ATOM   313  C CE1 . PHE A 1 52  ? 1.242   11.471  -12.681 1.00 25.70 ? 79  PHE A CE1 1 
ATOM   314  C CE2 . PHE A 1 52  ? -1.052  11.054  -12.156 1.00 26.83 ? 79  PHE A CE2 1 
ATOM   315  C CZ  . PHE A 1 52  ? -0.093  11.763  -12.837 1.00 25.12 ? 79  PHE A CZ  1 
ATOM   316  N N   . ALA A 1 53  ? 3.144   5.791   -9.466  1.00 17.16 ? 80  ALA A N   1 
ATOM   317  C CA  . ALA A 1 53  ? 3.409   4.796   -8.391  1.00 16.57 ? 80  ALA A CA  1 
ATOM   318  C C   . ALA A 1 53  ? 4.572   5.184   -7.538  1.00 16.51 ? 80  ALA A C   1 
ATOM   319  O O   . ALA A 1 53  ? 4.601   4.858   -6.363  1.00 14.63 ? 80  ALA A O   1 
ATOM   320  C CB  . ALA A 1 53  ? 3.700   3.442   -8.952  1.00 18.18 ? 80  ALA A CB  1 
ATOM   321  N N   . TRP A 1 54  ? 5.590   5.800   -8.141  1.00 15.14 ? 81  TRP A N   1 
ATOM   322  C CA  . TRP A 1 54  ? 6.881   5.851   -7.432  1.00 14.98 ? 81  TRP A CA  1 
ATOM   323  C C   . TRP A 1 54  ? 6.921   6.392   -6.019  1.00 12.72 ? 81  TRP A C   1 
ATOM   324  O O   . TRP A 1 54  ? 7.651   5.821   -5.170  1.00 11.93 ? 81  TRP A O   1 
ATOM   325  C CB  . TRP A 1 54  ? 7.994   6.441   -8.326  1.00 15.19 ? 81  TRP A CB  1 
ATOM   326  C CG  . TRP A 1 54  ? 7.795   7.879   -8.630  1.00 14.53 ? 81  TRP A CG  1 
ATOM   327  C CD1 . TRP A 1 54  ? 7.037   8.396   -9.661  1.00 15.93 ? 81  TRP A CD1 1 
ATOM   328  C CD2 . TRP A 1 54  ? 8.263   8.981   -7.895  1.00 14.85 ? 81  TRP A CD2 1 
ATOM   329  N NE1 . TRP A 1 54  ? 7.008   9.753   -9.603  1.00 15.94 ? 81  TRP A NE1 1 
ATOM   330  C CE2 . TRP A 1 54  ? 7.795   10.161  -8.568  1.00 15.29 ? 81  TRP A CE2 1 
ATOM   331  C CE3 . TRP A 1 54  ? 9.100   9.120   -6.772  1.00 15.62 ? 81  TRP A CE3 1 
ATOM   332  C CZ2 . TRP A 1 54  ? 8.080   11.431  -8.128  1.00 14.30 ? 81  TRP A CZ2 1 
ATOM   333  C CZ3 . TRP A 1 54  ? 9.403   10.429  -6.339  1.00 14.79 ? 81  TRP A CZ3 1 
ATOM   334  C CH2 . TRP A 1 54  ? 8.913   11.555  -7.046  1.00 13.75 ? 81  TRP A CH2 1 
ATOM   335  N N   . PRO A 1 55  ? 6.165   7.453   -5.681  1.00 13.41 ? 82  PRO A N   1 
ATOM   336  C CA  . PRO A 1 55  ? 6.278   7.878   -4.263  1.00 12.83 ? 82  PRO A CA  1 
ATOM   337  C C   . PRO A 1 55  ? 5.699   6.862   -3.269  1.00 12.81 ? 82  PRO A C   1 
ATOM   338  O O   . PRO A 1 55  ? 5.968   6.984   -2.073  1.00 12.90 ? 82  PRO A O   1 
ATOM   339  C CB  . PRO A 1 55  ? 5.389   9.133   -4.204  1.00 12.06 ? 82  PRO A CB  1 
ATOM   340  C CG  . PRO A 1 55  ? 5.398   9.643   -5.620  1.00 13.13 ? 82  PRO A CG  1 
ATOM   341  C CD  . PRO A 1 55  ? 5.273   8.379   -6.428  1.00 12.95 ? 82  PRO A CD  1 
ATOM   342  N N   . PHE A 1 56  ? 4.871   5.952   -3.790  1.00 11.98 ? 83  PHE A N   1 
ATOM   343  C CA  . PHE A 1 56  ? 4.222   4.895   -3.028  1.00 11.84 ? 83  PHE A CA  1 
ATOM   344  C C   . PHE A 1 56  ? 4.916   3.548   -3.061  1.00 13.46 ? 83  PHE A C   1 
ATOM   345  O O   . PHE A 1 56  ? 4.426   2.607   -2.436  1.00 13.76 ? 83  PHE A O   1 
ATOM   346  C CB  . PHE A 1 56  ? 2.796   4.735   -3.612  1.00 12.50 ? 83  PHE A CB  1 
ATOM   347  C CG  . PHE A 1 56  ? 1.995   6.004   -3.572  1.00 13.06 ? 83  PHE A CG  1 
ATOM   348  C CD1 . PHE A 1 56  ? 1.282   6.368   -2.434  1.00 13.50 ? 83  PHE A CD1 1 
ATOM   349  C CD2 . PHE A 1 56  ? 1.980   6.857   -4.644  1.00 13.41 ? 83  PHE A CD2 1 
ATOM   350  C CE1 . PHE A 1 56  ? 0.561   7.557   -2.411  1.00 14.21 ? 83  PHE A CE1 1 
ATOM   351  C CE2 . PHE A 1 56  ? 1.231   7.989   -4.646  1.00 14.46 ? 83  PHE A CE2 1 
ATOM   352  C CZ  . PHE A 1 56  ? 0.568   8.374   -3.515  1.00 13.78 ? 83  PHE A CZ  1 
ATOM   353  N N   . GLN A 1 57  ? 6.072   3.457   -3.732  1.00 12.54 ? 84  GLN A N   1 
ATOM   354  C CA  . GLN A 1 57  ? 6.825   2.207   -3.874  1.00 13.63 ? 84  GLN A CA  1 
ATOM   355  C C   . GLN A 1 57  ? 7.670   1.868   -2.677  1.00 13.08 ? 84  GLN A C   1 
ATOM   356  O O   . GLN A 1 57  ? 8.226   0.793   -2.644  1.00 13.36 ? 84  GLN A O   1 
ATOM   357  C CB  . GLN A 1 57  ? 7.719   2.223   -5.120  1.00 14.44 ? 84  GLN A CB  1 
ATOM   358  C CG  . GLN A 1 57  ? 6.885   2.097   -6.347  1.00 14.48 ? 84  GLN A CG  1 
ATOM   359  C CD  . GLN A 1 57  ? 7.698   2.209   -7.643  1.00 16.37 ? 84  GLN A CD  1 
ATOM   360  O OE1 . GLN A 1 57  ? 8.828   2.674   -7.631  1.00 16.57 ? 84  GLN A OE1 1 
ATOM   361  N NE2 . GLN A 1 57  ? 7.114   1.755   -8.759  1.00 18.19 ? 84  GLN A NE2 1 
ATOM   362  N N   . GLN A 1 58  ? 7.792   2.780   -1.750  1.00 13.23 ? 85  GLN A N   1 
ATOM   363  C CA  . GLN A 1 58  ? 8.503   2.529   -0.497  1.00 14.86 ? 85  GLN A CA  1 
ATOM   364  C C   . GLN A 1 58  ? 7.869   3.384   0.620   1.00 12.83 ? 85  GLN A C   1 
ATOM   365  O O   . GLN A 1 58  ? 7.140   4.310   0.346   1.00 12.93 ? 85  GLN A O   1 
ATOM   366  C CB  . GLN A 1 58  ? 9.996   2.847   -0.691  1.00 15.79 ? 85  GLN A CB  1 
ATOM   367  C CG  . GLN A 1 58  ? 10.329  4.268   -1.063  1.00 17.52 ? 85  GLN A CG  1 
ATOM   368  C CD  . GLN A 1 58  ? 9.996   4.515   -2.517  1.00 19.02 ? 85  GLN A CD  1 
ATOM   369  O OE1 . GLN A 1 58  ? 10.355  3.703   -3.409  1.00 19.67 ? 85  GLN A OE1 1 
ATOM   370  N NE2 . GLN A 1 58  ? 9.313   5.600   -2.772  1.00 18.72 ? 85  GLN A NE2 1 
ATOM   371  N N   . PRO A 1 59  ? 8.218   3.105   1.870   1.00 13.35 ? 86  PRO A N   1 
ATOM   372  C CA  . PRO A 1 59  ? 7.669   3.879   2.980   1.00 13.46 ? 86  PRO A CA  1 
ATOM   373  C C   . PRO A 1 59  ? 7.954   5.356   2.803   1.00 14.86 ? 86  PRO A C   1 
ATOM   374  O O   . PRO A 1 59  ? 9.021   5.765   2.226   1.00 15.49 ? 86  PRO A O   1 
ATOM   375  C CB  . PRO A 1 59  ? 8.419   3.303   4.187   1.00 13.51 ? 86  PRO A CB  1 
ATOM   376  C CG  . PRO A 1 59  ? 8.621   1.896   3.826   1.00 12.77 ? 86  PRO A CG  1 
ATOM   377  C CD  . PRO A 1 59  ? 9.067   2.008   2.376   1.00 14.01 ? 86  PRO A CD  1 
ATOM   378  N N   . VAL A 1 60  ? 7.069   6.165   3.342   1.00 14.10 ? 87  VAL A N   1 
ATOM   379  C CA  . VAL A 1 60  ? 7.375   7.608   3.427   1.00 14.38 ? 87  VAL A CA  1 
ATOM   380  C C   . VAL A 1 60  ? 8.664   7.876   4.238   1.00 14.92 ? 87  VAL A C   1 
ATOM   381  O O   . VAL A 1 60  ? 8.778   7.388   5.369   1.00 13.90 ? 87  VAL A O   1 
ATOM   382  C CB  . VAL A 1 60  ? 6.196   8.379   4.004   1.00 14.50 ? 87  VAL A CB  1 
ATOM   383  C CG1 . VAL A 1 60  ? 6.576   9.839   4.279   1.00 16.23 ? 87  VAL A CG1 1 
ATOM   384  C CG2 . VAL A 1 60  ? 4.999   8.292   3.056   1.00 14.75 ? 87  VAL A CG2 1 
ATOM   385  N N   . ASP A 1 61  ? 9.651   8.539   3.613   1.00 14.24 ? 88  ASP A N   1 
ATOM   386  C CA  . ASP A 1 61  ? 10.914  8.904   4.248   1.00 16.15 ? 88  ASP A CA  1 
ATOM   387  C C   . ASP A 1 61  ? 10.782  10.295  4.798   1.00 16.66 ? 88  ASP A C   1 
ATOM   388  O O   . ASP A 1 61  ? 11.091  11.320  4.140   1.00 19.69 ? 88  ASP A O   1 
ATOM   389  C CB  . ASP A 1 61  ? 12.108  8.725   3.280   1.00 16.58 ? 88  ASP A CB  1 
ATOM   390  C CG  . ASP A 1 61  ? 13.460  8.819   3.983   1.00 18.26 ? 88  ASP A CG  1 
ATOM   391  O OD1 . ASP A 1 61  ? 13.544  9.438   5.049   1.00 15.77 ? 88  ASP A OD1 1 
ATOM   392  O OD2 . ASP A 1 61  ? 14.402  8.230   3.421   1.00 20.70 ? 88  ASP A OD2 1 
ATOM   393  N N   . ALA A 1 62  ? 10.326  10.349  6.045   1.00 17.40 ? 89  ALA A N   1 
ATOM   394  C CA  . ALA A 1 62  ? 10.087  11.627  6.722   1.00 17.69 ? 89  ALA A CA  1 
ATOM   395  C C   . ALA A 1 62  ? 11.387  12.424  6.919   1.00 18.10 ? 89  ALA A C   1 
ATOM   396  O O   . ALA A 1 62  ? 11.354  13.645  6.898   1.00 21.44 ? 89  ALA A O   1 
ATOM   397  C CB  . ALA A 1 62  ? 9.400   11.417  8.074   1.00 18.46 ? 89  ALA A CB  1 
ATOM   398  N N   . VAL A 1 63  ? 12.500  11.707  7.010   1.00 18.14 ? 90  VAL A N   1 
ATOM   399  C CA  . VAL A 1 63  ? 13.810  12.319  7.172   1.00 20.61 ? 90  VAL A CA  1 
ATOM   400  C C   . VAL A 1 63  ? 14.198  13.017  5.845   1.00 21.53 ? 90  VAL A C   1 
ATOM   401  O O   . VAL A 1 63  ? 14.453  14.204  5.851   1.00 23.65 ? 90  VAL A O   1 
ATOM   402  C CB  . VAL A 1 63  ? 14.855  11.292  7.577   1.00 21.11 ? 90  VAL A CB  1 
ATOM   403  C CG1 . VAL A 1 63  ? 16.263  11.920  7.541   1.00 22.99 ? 90  VAL A CG1 1 
ATOM   404  C CG2 . VAL A 1 63  ? 14.529  10.740  8.966   1.00 21.46 ? 90  VAL A CG2 1 
ATOM   405  N N   . LYS A 1 64  ? 14.192  12.269  4.751   1.00 25.13 ? 91  LYS A N   1 
ATOM   406  C CA  . LYS A 1 64  ? 14.553  12.767  3.411   1.00 28.03 ? 91  LYS A CA  1 
ATOM   407  C C   . LYS A 1 64  ? 13.617  13.836  2.909   1.00 25.83 ? 91  LYS A C   1 
ATOM   408  O O   . LYS A 1 64  ? 14.085  14.808  2.294   1.00 27.17 ? 91  LYS A O   1 
ATOM   409  C CB  . LYS A 1 64  ? 14.616  11.639  2.387   1.00 32.27 ? 91  LYS A CB  1 
ATOM   410  C CG  . LYS A 1 64  ? 15.800  10.716  2.585   1.00 41.73 ? 91  LYS A CG  1 
ATOM   411  C CD  . LYS A 1 64  ? 17.131  11.328  2.167   1.00 48.12 ? 91  LYS A CD  1 
ATOM   412  C CE  . LYS A 1 64  ? 18.278  10.745  2.983   1.00 53.92 ? 91  LYS A CE  1 
ATOM   413  N NZ  . LYS A 1 64  ? 19.528  10.710  2.181   1.00 55.14 ? 91  LYS A NZ  1 
ATOM   414  N N   . LEU A 1 65  ? 12.320  13.705  3.210   1.00 21.04 ? 92  LEU A N   1 
ATOM   415  C CA  . LEU A 1 65  ? 11.318  14.718  2.858   1.00 20.97 ? 92  LEU A CA  1 
ATOM   416  C C   . LEU A 1 65  ? 11.267  15.938  3.755   1.00 23.06 ? 92  LEU A C   1 
ATOM   417  O O   . LEU A 1 65  ? 10.524  16.884  3.472   1.00 25.66 ? 92  LEU A O   1 
ATOM   418  C CB  . LEU A 1 65  ? 9.924   14.093  2.759   1.00 21.35 ? 92  LEU A CB  1 
ATOM   419  C CG  . LEU A 1 65  ? 9.787   13.064  1.620   1.00 21.59 ? 92  LEU A CG  1 
ATOM   420  C CD1 . LEU A 1 65  ? 8.529   12.229  1.709   1.00 21.71 ? 92  LEU A CD1 1 
ATOM   421  C CD2 . LEU A 1 65  ? 9.877   13.718  0.238   1.00 24.31 ? 92  LEU A CD2 1 
ATOM   422  N N   . ASN A 1 66  ? 12.016  15.918  4.843   1.00 25.98 ? 93  ASN A N   1 
ATOM   423  C CA  . ASN A 1 66  ? 11.905  16.942  5.871   1.00 27.71 ? 93  ASN A CA  1 
ATOM   424  C C   . ASN A 1 66  ? 10.465  17.149  6.341   1.00 28.35 ? 93  ASN A C   1 
ATOM   425  O O   . ASN A 1 66  ? 9.931   18.280  6.406   1.00 28.29 ? 93  ASN A O   1 
ATOM   426  C CB  . ASN A 1 66  ? 12.524  18.259  5.368   1.00 33.34 ? 93  ASN A CB  1 
ATOM   427  C CG  . ASN A 1 66  ? 12.833  19.213  6.498   1.00 38.91 ? 93  ASN A CG  1 
ATOM   428  O OD1 . ASN A 1 66  ? 13.216  18.783  7.591   1.00 43.13 ? 93  ASN A OD1 1 
ATOM   429  N ND2 . ASN A 1 66  ? 12.659  20.529  6.251   1.00 45.13 ? 93  ASN A ND2 1 
ATOM   430  N N   . LEU A 1 67  ? 9.826   16.039  6.692   1.00 25.01 ? 94  LEU A N   1 
ATOM   431  C CA  . LEU A 1 67  ? 8.487   16.074  7.227   1.00 22.92 ? 94  LEU A CA  1 
ATOM   432  C C   . LEU A 1 67  ? 8.527   15.453  8.587   1.00 26.91 ? 94  LEU A C   1 
ATOM   433  O O   . LEU A 1 67  ? 8.015   14.357  8.785   1.00 25.56 ? 94  LEU A O   1 
ATOM   434  C CB  . LEU A 1 67  ? 7.542   15.264  6.314   1.00 22.57 ? 94  LEU A CB  1 
ATOM   435  C CG  . LEU A 1 67  ? 7.350   15.910  4.954   1.00 25.11 ? 94  LEU A CG  1 
ATOM   436  C CD1 . LEU A 1 67  ? 6.437   14.975  4.168   1.00 27.13 ? 94  LEU A CD1 1 
ATOM   437  C CD2 . LEU A 1 67  ? 6.743   17.300  5.134   1.00 28.06 ? 94  LEU A CD2 1 
ATOM   438  N N   . PRO A 1 68  ? 9.101   16.161  9.554   1.00 28.45 ? 95  PRO A N   1 
ATOM   439  C CA  . PRO A 1 68  ? 9.298   15.492  10.844  1.00 30.47 ? 95  PRO A CA  1 
ATOM   440  C C   . PRO A 1 68  ? 8.004   15.101  11.568  1.00 28.81 ? 95  PRO A C   1 
ATOM   441  O O   . PRO A 1 68  ? 8.062   14.197  12.415  1.00 27.47 ? 95  PRO A O   1 
ATOM   442  C CB  . PRO A 1 68  ? 10.114  16.531  11.655  1.00 32.14 ? 95  PRO A CB  1 
ATOM   443  C CG  . PRO A 1 68  ? 9.804   17.838  11.001  1.00 31.71 ? 95  PRO A CG  1 
ATOM   444  C CD  . PRO A 1 68  ? 9.752   17.488  9.535   1.00 31.00 ? 95  PRO A CD  1 
ATOM   445  N N   . ASP A 1 69  ? 6.861   15.703  11.223  1.00 22.94 ? 96  ASP A N   1 
ATOM   446  C CA  . ASP A 1 69  ? 5.598   15.341  11.858  1.00 21.57 ? 96  ASP A CA  1 
ATOM   447  C C   . ASP A 1 69  ? 4.812   14.176  11.193  1.00 19.36 ? 96  ASP A C   1 
ATOM   448  O O   . ASP A 1 69  ? 3.739   13.851  11.647  1.00 20.98 ? 96  ASP A O   1 
ATOM   449  C CB  . ASP A 1 69  ? 4.690   16.535  11.918  1.00 24.03 ? 96  ASP A CB  1 
ATOM   450  C CG  . ASP A 1 69  ? 4.241   16.995  10.541  1.00 25.64 ? 96  ASP A CG  1 
ATOM   451  O OD1 . ASP A 1 69  ? 4.897   16.671  9.506   1.00 26.32 ? 96  ASP A OD1 1 
ATOM   452  O OD2 . ASP A 1 69  ? 3.267   17.732  10.521  1.00 27.19 ? 96  ASP A OD2 1 
ATOM   453  N N   . TYR A 1 70  ? 5.315   13.623  10.088  1.00 17.50 ? 97  TYR A N   1 
ATOM   454  C CA  . TYR A 1 70  ? 4.562   12.626  9.342   1.00 15.73 ? 97  TYR A CA  1 
ATOM   455  C C   . TYR A 1 70  ? 4.187   11.480  10.264  1.00 15.34 ? 97  TYR A C   1 
ATOM   456  O O   . TYR A 1 70  ? 3.019   11.112  10.305  1.00 15.37 ? 97  TYR A O   1 
ATOM   457  C CB  . TYR A 1 70  ? 5.319   12.109  8.119   1.00 16.77 ? 97  TYR A CB  1 
ATOM   458  C CG  . TYR A 1 70  ? 4.490   11.123  7.338   1.00 15.38 ? 97  TYR A CG  1 
ATOM   459  C CD1 . TYR A 1 70  ? 3.550   11.560  6.427   1.00 16.13 ? 97  TYR A CD1 1 
ATOM   460  C CD2 . TYR A 1 70  ? 4.615   9.744   7.563   1.00 15.66 ? 97  TYR A CD2 1 
ATOM   461  C CE1 . TYR A 1 70  ? 2.752   10.659  5.755   1.00 14.90 ? 97  TYR A CE1 1 
ATOM   462  C CE2 . TYR A 1 70  ? 3.795   8.822   6.904   1.00 14.84 ? 97  TYR A CE2 1 
ATOM   463  C CZ  . TYR A 1 70  ? 2.856   9.279   6.016   1.00 14.16 ? 97  TYR A CZ  1 
ATOM   464  O OH  . TYR A 1 70  ? 2.040   8.378   5.364   1.00 13.09 ? 97  TYR A OH  1 
ATOM   465  N N   . TYR A 1 71  ? 5.178   10.910  10.978  1.00 14.76 ? 98  TYR A N   1 
ATOM   466  C CA  . TYR A 1 71  ? 4.886   9.750   11.837  1.00 15.32 ? 98  TYR A CA  1 
ATOM   467  C C   . TYR A 1 71  ? 4.347   10.093  13.230  1.00 16.23 ? 98  TYR A C   1 
ATOM   468  O O   . TYR A 1 71  ? 4.041   9.205   14.031  1.00 14.90 ? 98  TYR A O   1 
ATOM   469  C CB  . TYR A 1 71  ? 6.059   8.812   11.888  1.00 15.00 ? 98  TYR A CB  1 
ATOM   470  C CG  . TYR A 1 71  ? 6.350   8.150   10.554  1.00 15.32 ? 98  TYR A CG  1 
ATOM   471  C CD1 . TYR A 1 71  ? 5.514   7.160   10.075  1.00 13.88 ? 98  TYR A CD1 1 
ATOM   472  C CD2 . TYR A 1 71  ? 7.396   8.571   9.741   1.00 15.18 ? 98  TYR A CD2 1 
ATOM   473  C CE1 . TYR A 1 71  ? 5.753   6.523   8.887   1.00 14.67 ? 98  TYR A CE1 1 
ATOM   474  C CE2 . TYR A 1 71  ? 7.633   7.946   8.507   1.00 15.24 ? 98  TYR A CE2 1 
ATOM   475  C CZ  . TYR A 1 71  ? 6.781   6.908   8.090   1.00 14.29 ? 98  TYR A CZ  1 
ATOM   476  O OH  . TYR A 1 71  ? 6.960   6.233   6.897   1.00 12.98 ? 98  TYR A OH  1 
ATOM   477  N N   . LYS A 1 72  ? 4.188   11.381  13.482  1.00 18.14 ? 99  LYS A N   1 
ATOM   478  C CA  . LYS A 1 72  ? 3.378   11.878  14.597  1.00 21.19 ? 99  LYS A CA  1 
ATOM   479  C C   . LYS A 1 72  ? 1.925   11.834  14.271  1.00 21.39 ? 99  LYS A C   1 
ATOM   480  O O   . LYS A 1 72  ? 1.126   11.615  15.151  1.00 23.10 ? 99  LYS A O   1 
ATOM   481  C CB  . LYS A 1 72  ? 3.806   13.304  15.022  1.00 23.31 ? 99  LYS A CB  1 
ATOM   482  C CG  . LYS A 1 72  ? 5.279   13.405  15.342  1.00 26.73 ? 99  LYS A CG  1 
ATOM   483  C CD  . LYS A 1 72  ? 5.660   14.742  15.937  1.00 30.70 ? 99  LYS A CD  1 
ATOM   484  C CE  . LYS A 1 72  ? 7.153   14.867  16.063  1.00 33.91 ? 99  LYS A CE  1 
ATOM   485  N NZ  . LYS A 1 72  ? 7.437   16.284  16.411  1.00 39.33 ? 99  LYS A NZ  1 
ATOM   486  N N   . ILE A 1 73  ? 1.581   11.992  12.990  1.00 19.06 ? 100 ILE A N   1 
ATOM   487  C CA  . ILE A 1 73  ? 0.202   12.073  12.546  1.00 19.72 ? 100 ILE A CA  1 
ATOM   488  C C   . ILE A 1 73  ? -0.251  10.709  12.041  1.00 18.47 ? 100 ILE A C   1 
ATOM   489  O O   . ILE A 1 73  ? -1.336  10.272  12.347  1.00 18.98 ? 100 ILE A O   1 
ATOM   490  C CB  . ILE A 1 73  ? 0.039   13.138  11.456  1.00 20.74 ? 100 ILE A CB  1 
ATOM   491  C CG1 . ILE A 1 73  ? 0.193   14.544  12.090  1.00 23.00 ? 100 ILE A CG1 1 
ATOM   492  C CG2 . ILE A 1 73  ? -1.326  13.048  10.792  1.00 20.30 ? 100 ILE A CG2 1 
ATOM   493  C CD1 . ILE A 1 73  ? 0.534   15.633  11.104  1.00 24.55 ? 100 ILE A CD1 1 
ATOM   494  N N   . ILE A 1 74  ? 0.594   10.051  11.259  1.00 16.85 ? 101 ILE A N   1 
ATOM   495  C CA  . ILE A 1 74  ? 0.252   8.748   10.656  1.00 16.31 ? 101 ILE A CA  1 
ATOM   496  C C   . ILE A 1 74  ? 0.855   7.617   11.471  1.00 15.56 ? 101 ILE A C   1 
ATOM   497  O O   . ILE A 1 74  ? 2.085   7.412   11.449  1.00 16.36 ? 101 ILE A O   1 
ATOM   498  C CB  . ILE A 1 74  ? 0.752   8.659   9.201   1.00 14.41 ? 101 ILE A CB  1 
ATOM   499  C CG1 . ILE A 1 74  ? 0.142   9.813   8.334   1.00 14.96 ? 101 ILE A CG1 1 
ATOM   500  C CG2 . ILE A 1 74  ? 0.510   7.264   8.609   1.00 14.53 ? 101 ILE A CG2 1 
ATOM   501  C CD1 . ILE A 1 74  ? -1.387  9.867   8.232   1.00 15.25 ? 101 ILE A CD1 1 
ATOM   502  N N   . LYS A 1 75  ? -0.009  6.924   12.212  1.00 14.67 ? 102 LYS A N   1 
ATOM   503  C CA  . LYS A 1 75  ? 0.426   5.810   13.054  1.00 16.68 ? 102 LYS A CA  1 
ATOM   504  C C   . LYS A 1 75  ? 0.232   4.429   12.468  1.00 14.86 ? 102 LYS A C   1 
ATOM   505  O O   . LYS A 1 75  ? 0.632   3.457   13.089  1.00 16.43 ? 102 LYS A O   1 
ATOM   506  C CB  . LYS A 1 75  ? -0.265  5.915   14.414  1.00 16.99 ? 102 LYS A CB  1 
ATOM   507  C CG  . LYS A 1 75  ? -0.026  7.241   15.138  1.00 18.22 ? 102 LYS A CG  1 
ATOM   508  C CD  . LYS A 1 75  ? 1.483   7.475   15.287  1.00 21.82 ? 102 LYS A CD  1 
ATOM   509  C CE  . LYS A 1 75  ? 1.857   8.168   16.528  1.00 22.70 ? 102 LYS A CE  1 
ATOM   510  N NZ  . LYS A 1 75  ? 3.245   8.624   16.598  1.00 19.63 ? 102 LYS A NZ  1 
ATOM   511  N N   . THR A 1 76  ? -0.445  4.318   11.312  1.00 13.40 ? 103 THR A N   1 
ATOM   512  C CA  A THR A 1 76  ? -0.584  3.044   10.619  0.50 15.34 ? 103 THR A CA  1 
ATOM   513  C CA  B THR A 1 76  ? -0.614  3.055   10.613  0.50 14.16 ? 103 THR A CA  1 
ATOM   514  C C   . THR A 1 76  ? -0.084  3.211   9.180   1.00 14.58 ? 103 THR A C   1 
ATOM   515  O O   . THR A 1 76  ? -0.847  3.199   8.219   1.00 13.47 ? 103 THR A O   1 
ATOM   516  C CB  A THR A 1 76  ? -2.008  2.462   10.733  0.50 18.25 ? 103 THR A CB  1 
ATOM   517  C CB  B THR A 1 76  ? -2.085  2.561   10.620  0.50 15.52 ? 103 THR A CB  1 
ATOM   518  O OG1 A THR A 1 76  ? -2.963  3.395   10.215  0.50 22.07 ? 103 THR A OG1 1 
ATOM   519  O OG1 B THR A 1 76  ? -2.620  2.652   11.955  0.50 14.84 ? 103 THR A OG1 1 
ATOM   520  C CG2 A THR A 1 76  ? -2.322  2.184   12.214  0.50 17.66 ? 103 THR A CG2 1 
ATOM   521  C CG2 B THR A 1 76  ? -2.160  1.125   10.132  0.50 14.96 ? 103 THR A CG2 1 
ATOM   522  N N   . PRO A 1 77  ? 1.233   3.374   9.038   1.00 14.18 ? 104 PRO A N   1 
ATOM   523  C CA  . PRO A 1 77  ? 1.760   3.644   7.663   1.00 13.11 ? 104 PRO A CA  1 
ATOM   524  C C   . PRO A 1 77  ? 1.687   2.443   6.776   1.00 12.93 ? 104 PRO A C   1 
ATOM   525  O O   . PRO A 1 77  ? 1.654   1.284   7.269   1.00 13.31 ? 104 PRO A O   1 
ATOM   526  C CB  . PRO A 1 77  ? 3.213   4.001   7.894   1.00 14.47 ? 104 PRO A CB  1 
ATOM   527  C CG  . PRO A 1 77  ? 3.524   3.519   9.278   1.00 15.19 ? 104 PRO A CG  1 
ATOM   528  C CD  . PRO A 1 77  ? 2.292   3.418   10.051  1.00 14.47 ? 104 PRO A CD  1 
ATOM   529  N N   . MET A 1 78  ? 1.663   2.690   5.462   1.00 13.10 ? 105 MET A N   1 
ATOM   530  C CA  . MET A 1 78  ? 1.573   1.617   4.488   1.00 12.06 ? 105 MET A CA  1 
ATOM   531  C C   . MET A 1 78  ? 1.944   2.153   3.146   1.00 12.96 ? 105 MET A C   1 
ATOM   532  O O   . MET A 1 78  ? 1.777   3.367   2.878   1.00 13.21 ? 105 MET A O   1 
ATOM   533  C CB  . MET A 1 78  ? 0.176   0.996   4.445   1.00 12.71 ? 105 MET A CB  1 
ATOM   534  C CG  . MET A 1 78  ? 0.080   -0.276  3.635   1.00 12.21 ? 105 MET A CG  1 
ATOM   535  S SD  . MET A 1 78  ? 1.287   -1.599  3.959   1.00 12.59 ? 105 MET A SD  1 
ATOM   536  C CE  . MET A 1 78  ? 0.971   -1.798  5.733   1.00 13.68 ? 105 MET A CE  1 
ATOM   537  N N   . ASP A 1 79  ? 2.533   1.277   2.338   1.00 12.07 ? 106 ASP A N   1 
ATOM   538  C CA  . ASP A 1 79  ? 3.062   1.661   1.036   1.00 11.60 ? 106 ASP A CA  1 
ATOM   539  C C   . ASP A 1 79  ? 3.013   0.422   0.142   1.00 12.00 ? 106 ASP A C   1 
ATOM   540  O O   . ASP A 1 79  ? 2.878   -0.718  0.603   1.00 11.86 ? 106 ASP A O   1 
ATOM   541  C CB  . ASP A 1 79  ? 4.482   2.248   1.226   1.00 11.62 ? 106 ASP A CB  1 
ATOM   542  C CG  . ASP A 1 79  ? 5.475   1.183   1.636   1.00 11.87 ? 106 ASP A CG  1 
ATOM   543  O OD1 . ASP A 1 79  ? 5.577   0.925   2.864   1.00 12.75 ? 106 ASP A OD1 1 
ATOM   544  O OD2 . ASP A 1 79  ? 6.085   0.491   0.764   1.00 12.33 ? 106 ASP A OD2 1 
ATOM   545  N N   . MET A 1 80  ? 3.178   0.605   -1.174  1.00 12.00 ? 107 MET A N   1 
ATOM   546  C CA  . MET A 1 80  ? 3.119   -0.511  -2.079  1.00 13.25 ? 107 MET A CA  1 
ATOM   547  C C   . MET A 1 80  ? 4.347   -1.408  -2.077  1.00 12.77 ? 107 MET A C   1 
ATOM   548  O O   . MET A 1 80  ? 4.242   -2.580  -2.455  1.00 13.07 ? 107 MET A O   1 
ATOM   549  C CB  . MET A 1 80  ? 2.806   -0.049  -3.545  1.00 13.92 ? 107 MET A CB  1 
ATOM   550  C CG  . MET A 1 80  ? 1.477   0.564   -3.723  1.00 15.34 ? 107 MET A CG  1 
ATOM   551  S SD  . MET A 1 80  ? 1.019   0.521   -5.499  1.00 19.01 ? 107 MET A SD  1 
ATOM   552  C CE  . MET A 1 80  ? 2.170   1.675   -6.163  1.00 18.45 ? 107 MET A CE  1 
ATOM   553  N N   . GLY A 1 81  ? 5.506   -0.900  -1.659  1.00 12.08 ? 108 GLY A N   1 
ATOM   554  C CA  . GLY A 1 81  ? 6.668   -1.716  -1.503  1.00 12.23 ? 108 GLY A CA  1 
ATOM   555  C C   . GLY A 1 81  ? 6.471   -2.803  -0.487  1.00 12.93 ? 108 GLY A C   1 
ATOM   556  O O   . GLY A 1 81  ? 6.767   -4.005  -0.717  1.00 12.56 ? 108 GLY A O   1 
ATOM   557  N N   . THR A 1 82  ? 5.884   -2.360  0.612   1.00 11.46 ? 109 THR A N   1 
ATOM   558  C CA  . THR A 1 82  ? 5.444   -3.253  1.705   1.00 12.09 ? 109 THR A CA  1 
ATOM   559  C C   . THR A 1 82  ? 4.406   -4.248  1.219   1.00 11.82 ? 109 THR A C   1 
ATOM   560  O O   . THR A 1 82  ? 4.504   -5.450  1.516   1.00 11.84 ? 109 THR A O   1 
ATOM   561  C CB  . THR A 1 82  ? 4.929   -2.406  2.877   1.00 12.75 ? 109 THR A CB  1 
ATOM   562  O OG1 . THR A 1 82  ? 6.005   -1.647  3.435   1.00 13.40 ? 109 THR A OG1 1 
ATOM   563  C CG2 . THR A 1 82  ? 4.295   -3.297  3.928   1.00 13.23 ? 109 THR A CG2 1 
ATOM   564  N N   . ILE A 1 83  ? 3.369   -3.780  0.515   1.00 11.01 ? 110 ILE A N   1 
ATOM   565  C CA  . ILE A 1 83  ? 2.343   -4.689  0.035   1.00 12.40 ? 110 ILE A CA  1 
ATOM   566  C C   . ILE A 1 83  ? 2.956   -5.746  -0.921  1.00 12.61 ? 110 ILE A C   1 
ATOM   567  O O   . ILE A 1 83  ? 2.639   -6.948  -0.872  1.00 12.72 ? 110 ILE A O   1 
ATOM   568  C CB  . ILE A 1 83  ? 1.254   -3.902  -0.657  1.00 12.06 ? 110 ILE A CB  1 
ATOM   569  C CG1 . ILE A 1 83  ? 0.506   -3.070  0.401   1.00 13.19 ? 110 ILE A CG1 1 
ATOM   570  C CG2 . ILE A 1 83  ? 0.330   -4.817  -1.470  1.00 13.27 ? 110 ILE A CG2 1 
ATOM   571  C CD1 . ILE A 1 83  ? -0.432  -2.029  -0.227  1.00 13.73 ? 110 ILE A CD1 1 
ATOM   572  N N   . LYS A 1 84  ? 3.798   -5.265  -1.852  1.00 13.40 ? 111 LYS A N   1 
ATOM   573  C CA  . LYS A 1 84  ? 4.453   -6.153  -2.821  1.00 13.55 ? 111 LYS A CA  1 
ATOM   574  C C   . LYS A 1 84  ? 5.279   -7.246  -2.075  1.00 14.39 ? 111 LYS A C   1 
ATOM   575  O O   . LYS A 1 84  ? 5.225   -8.477  -2.431  1.00 14.95 ? 111 LYS A O   1 
ATOM   576  C CB  . LYS A 1 84  ? 5.340   -5.331  -3.738  1.00 15.11 ? 111 LYS A CB  1 
ATOM   577  C CG  . LYS A 1 84  ? 6.170   -6.169  -4.771  1.00 16.48 ? 111 LYS A CG  1 
ATOM   578  C CD  . LYS A 1 84  ? 6.973   -5.238  -5.668  1.00 20.95 ? 111 LYS A CD  1 
ATOM   579  C CE  . LYS A 1 84  ? 7.544   -6.009  -6.854  1.00 23.78 ? 111 LYS A CE  1 
ATOM   580  N NZ  . LYS A 1 84  ? 8.790   -6.639  -6.428  1.00 24.20 ? 111 LYS A NZ  1 
ATOM   581  N N   . LYS A 1 85  ? 6.048   -6.849  -1.074  1.00 12.90 ? 112 LYS A N   1 
ATOM   582  C CA  . LYS A 1 85  ? 6.826   -7.853  -0.339  1.00 13.71 ? 112 LYS A CA  1 
ATOM   583  C C   . LYS A 1 85  ? 5.902   -8.784  0.416   1.00 13.15 ? 112 LYS A C   1 
ATOM   584  O O   . LYS A 1 85  ? 6.150   -10.004 0.485   1.00 12.75 ? 112 LYS A O   1 
ATOM   585  C CB  . LYS A 1 85  ? 7.826   -7.221  0.588   1.00 15.90 ? 112 LYS A CB  1 
ATOM   586  C CG  . LYS A 1 85  ? 8.967   -6.572  -0.140  1.00 20.43 ? 112 LYS A CG  1 
ATOM   587  C CD  . LYS A 1 85  ? 9.840   -5.843  0.830   1.00 24.80 ? 112 LYS A CD  1 
ATOM   588  C CE  . LYS A 1 85  ? 11.110  -5.370  0.132   1.00 30.81 ? 112 LYS A CE  1 
ATOM   589  N NZ  . LYS A 1 85  ? 11.349  -3.963  0.528   1.00 35.47 ? 112 LYS A NZ  1 
ATOM   590  N N   . ARG A 1 86  ? 4.831   -8.250  1.042   1.00 13.48 ? 113 ARG A N   1 
ATOM   591  C CA  . ARG A 1 86  ? 3.900   -9.135  1.744   1.00 12.96 ? 113 ARG A CA  1 
ATOM   592  C C   . ARG A 1 86  ? 3.322   -10.195 0.789   1.00 14.16 ? 113 ARG A C   1 
ATOM   593  O O   . ARG A 1 86  ? 3.243   -11.368 1.144   1.00 14.16 ? 113 ARG A O   1 
ATOM   594  C CB  . ARG A 1 86  ? 2.783   -8.356  2.414   1.00 13.27 ? 113 ARG A CB  1 
ATOM   595  C CG  . ARG A 1 86  ? 3.277   -7.551  3.612   1.00 13.11 ? 113 ARG A CG  1 
ATOM   596  C CD  . ARG A 1 86  ? 2.196   -6.636  4.225   1.00 13.65 ? 113 ARG A CD  1 
ATOM   597  N NE  . ARG A 1 86  ? 2.665   -6.164  5.554   1.00 13.87 ? 113 ARG A NE  1 
ATOM   598  C CZ  . ARG A 1 86  ? 1.919   -5.556  6.481   1.00 12.88 ? 113 ARG A CZ  1 
ATOM   599  N NH1 . ARG A 1 86  ? 0.625   -5.382  6.334   1.00 12.15 ? 113 ARG A NH1 1 
ATOM   600  N NH2 . ARG A 1 86  ? 2.468   -5.219  7.655   1.00 13.62 ? 113 ARG A NH2 1 
ATOM   601  N N   . LEU A 1 87  ? 2.913   -9.770  -0.406  1.00 13.73 ? 114 LEU A N   1 
ATOM   602  C CA  . LEU A 1 87  ? 2.347   -10.702 -1.382  1.00 13.91 ? 114 LEU A CA  1 
ATOM   603  C C   . LEU A 1 87  ? 3.377   -11.731 -1.829  1.00 15.44 ? 114 LEU A C   1 
ATOM   604  O O   . LEU A 1 87  ? 3.072   -12.935 -1.854  1.00 16.11 ? 114 LEU A O   1 
ATOM   605  C CB  . LEU A 1 87  ? 1.809   -9.954  -2.585  1.00 15.00 ? 114 LEU A CB  1 
ATOM   606  C CG  . LEU A 1 87  ? 0.488   -9.212  -2.411  1.00 14.12 ? 114 LEU A CG  1 
ATOM   607  C CD1 . LEU A 1 87  ? 0.286   -8.190  -3.559  1.00 15.89 ? 114 LEU A CD1 1 
ATOM   608  C CD2 . LEU A 1 87  ? -0.709  -10.161 -2.291  1.00 13.74 ? 114 LEU A CD2 1 
ATOM   609  N N   . GLU A 1 88  ? 4.605   -11.283 -2.100  1.00 14.66 ? 115 GLU A N   1 
ATOM   610  C CA  . GLU A 1 88  ? 5.660   -12.207 -2.521  1.00 15.76 ? 115 GLU A CA  1 
ATOM   611  C C   . GLU A 1 88  ? 6.051   -13.163 -1.436  1.00 16.73 ? 115 GLU A C   1 
ATOM   612  O O   . GLU A 1 88  ? 6.485   -14.293 -1.734  1.00 19.18 ? 115 GLU A O   1 
ATOM   613  C CB  . GLU A 1 88  ? 6.879   -11.434 -2.991  1.00 18.73 ? 115 GLU A CB  1 
ATOM   614  C CG  . GLU A 1 88  ? 6.594   -10.622 -4.261  1.00 19.77 ? 115 GLU A CG  1 
ATOM   615  C CD  . GLU A 1 88  ? 7.688   -9.645  -4.671  1.00 21.77 ? 115 GLU A CD  1 
ATOM   616  O OE1 . GLU A 1 88  ? 8.596   -9.308  -3.904  1.00 22.88 ? 115 GLU A OE1 1 
ATOM   617  O OE2 . GLU A 1 88  ? 7.564   -9.129  -5.780  1.00 23.64 ? 115 GLU A OE2 1 
ATOM   618  N N   . ASN A 1 89  ? 5.996   -12.717 -0.169  1.00 15.02 ? 116 ASN A N   1 
ATOM   619  C CA  . ASN A 1 89  ? 6.321   -13.549 0.948   1.00 15.66 ? 116 ASN A CA  1 
ATOM   620  C C   . ASN A 1 89  ? 5.144   -14.480 1.428   1.00 15.91 ? 116 ASN A C   1 
ATOM   621  O O   . ASN A 1 89  ? 5.326   -15.251 2.360   1.00 17.32 ? 116 ASN A O   1 
ATOM   622  C CB  . ASN A 1 89  ? 6.818   -12.683 2.132   1.00 15.56 ? 116 ASN A CB  1 
ATOM   623  C CG  . ASN A 1 89  ? 8.096   -11.892 1.833   1.00 18.33 ? 116 ASN A CG  1 
ATOM   624  O OD1 . ASN A 1 89  ? 8.857   -12.212 0.900   1.00 18.70 ? 116 ASN A OD1 1 
ATOM   625  N ND2 . ASN A 1 89  ? 8.377   -10.874 2.666   1.00 17.77 ? 116 ASN A ND2 1 
ATOM   626  N N   . ASN A 1 90  ? 3.958   -14.357 0.840   1.00 16.28 ? 117 ASN A N   1 
ATOM   627  C CA  . ASN A 1 90  ? 2.708   -15.003 1.332   1.00 17.24 ? 117 ASN A CA  1 
ATOM   628  C C   . ASN A 1 90  ? 2.424   -14.652 2.793   1.00 15.43 ? 117 ASN A C   1 
ATOM   629  O O   . ASN A 1 90  ? 1.944   -15.481 3.596   1.00 16.52 ? 117 ASN A O   1 
ATOM   630  C CB  . ASN A 1 90  ? 2.752   -16.505 1.142   1.00 19.97 ? 117 ASN A CB  1 
ATOM   631  C CG  . ASN A 1 90  ? 2.979   -16.869 -0.301  1.00 22.60 ? 117 ASN A CG  1 
ATOM   632  O OD1 . ASN A 1 90  ? 2.177   -16.516 -1.176  1.00 24.95 ? 117 ASN A OD1 1 
ATOM   633  N ND2 . ASN A 1 90  ? 4.082   -17.488 -0.566  1.00 24.87 ? 117 ASN A ND2 1 
ATOM   634  N N   . TYR A 1 91  ? 2.702   -13.395 3.134   1.00 14.94 ? 118 TYR A N   1 
ATOM   635  C CA  . TYR A 1 91  ? 2.423   -12.869 4.465   1.00 15.45 ? 118 TYR A CA  1 
ATOM   636  C C   . TYR A 1 91  ? 0.938   -12.894 4.809   1.00 14.58 ? 118 TYR A C   1 
ATOM   637  O O   . TYR A 1 91  ? 0.542   -13.066 5.979   1.00 14.84 ? 118 TYR A O   1 
ATOM   638  C CB  . TYR A 1 91  ? 2.986   -11.449 4.579   1.00 13.98 ? 118 TYR A CB  1 
ATOM   639  C CG  . TYR A 1 91  ? 2.664   -10.685 5.808   1.00 14.82 ? 118 TYR A CG  1 
ATOM   640  C CD1 . TYR A 1 91  ? 1.523   -9.886  5.885   1.00 15.66 ? 118 TYR A CD1 1 
ATOM   641  C CD2 . TYR A 1 91  ? 3.476   -10.745 6.921   1.00 15.23 ? 118 TYR A CD2 1 
ATOM   642  C CE1 . TYR A 1 91  ? 1.245   -9.138  7.013   1.00 15.59 ? 118 TYR A CE1 1 
ATOM   643  C CE2 . TYR A 1 91  ? 3.180   -10.018 8.089   1.00 15.93 ? 118 TYR A CE2 1 
ATOM   644  C CZ  . TYR A 1 91  ? 2.060   -9.244  8.117   1.00 14.75 ? 118 TYR A CZ  1 
ATOM   645  O OH  . TYR A 1 91  ? 1.801   -8.561  9.258   1.00 16.11 ? 118 TYR A OH  1 
ATOM   646  N N   . TYR A 1 92  ? 0.107   -12.675 3.796   1.00 14.60 ? 119 TYR A N   1 
ATOM   647  C CA  . TYR A 1 92  ? -1.316  -12.561 4.043   1.00 14.77 ? 119 TYR A CA  1 
ATOM   648  C C   . TYR A 1 92  ? -1.961  -13.919 4.079   1.00 16.06 ? 119 TYR A C   1 
ATOM   649  O O   . TYR A 1 92  ? -1.507  -14.830 3.387   1.00 15.70 ? 119 TYR A O   1 
ATOM   650  C CB  . TYR A 1 92  ? -1.983  -11.781 2.954   1.00 14.29 ? 119 TYR A CB  1 
ATOM   651  C CG  . TYR A 1 92  ? -1.511  -10.373 2.738   1.00 13.72 ? 119 TYR A CG  1 
ATOM   652  C CD1 . TYR A 1 92  ? -1.705  -9.392  3.692   1.00 13.65 ? 119 TYR A CD1 1 
ATOM   653  C CD2 . TYR A 1 92  ? -0.911  -10.005 1.523   1.00 13.59 ? 119 TYR A CD2 1 
ATOM   654  C CE1 . TYR A 1 92  ? -1.323  -8.085  3.436   1.00 13.12 ? 119 TYR A CE1 1 
ATOM   655  C CE2 . TYR A 1 92  ? -0.521  -8.720  1.277   1.00 13.40 ? 119 TYR A CE2 1 
ATOM   656  C CZ  . TYR A 1 92  ? -0.780  -7.754  2.216   1.00 12.59 ? 119 TYR A CZ  1 
ATOM   657  O OH  . TYR A 1 92  ? -0.435  -6.454  1.992   1.00 12.59 ? 119 TYR A OH  1 
ATOM   658  N N   . TRP A 1 93  ? -3.014  -14.050 4.876   1.00 15.46 ? 120 TRP A N   1 
ATOM   659  C CA  . TRP A 1 93  ? -3.893  -15.232 4.784   1.00 16.70 ? 120 TRP A CA  1 
ATOM   660  C C   . TRP A 1 93  ? -4.943  -15.021 3.709   1.00 15.84 ? 120 TRP A C   1 
ATOM   661  O O   . TRP A 1 93  ? -5.299  -15.954 2.983   1.00 18.83 ? 120 TRP A O   1 
ATOM   662  C CB  . TRP A 1 93  ? -4.553  -15.505 6.140   1.00 16.00 ? 120 TRP A CB  1 
ATOM   663  C CG  . TRP A 1 93  ? -5.242  -16.831 6.202   1.00 14.83 ? 120 TRP A CG  1 
ATOM   664  C CD1 . TRP A 1 93  ? -6.597  -17.045 6.136   1.00 15.51 ? 120 TRP A CD1 1 
ATOM   665  C CD2 . TRP A 1 93  ? -4.636  -18.100 6.340   1.00 13.89 ? 120 TRP A CD2 1 
ATOM   666  N NE1 . TRP A 1 93  ? -6.867  -18.404 6.200   1.00 14.50 ? 120 TRP A NE1 1 
ATOM   667  C CE2 . TRP A 1 93  ? -5.673  -19.069 6.357   1.00 14.67 ? 120 TRP A CE2 1 
ATOM   668  C CE3 . TRP A 1 93  ? -3.309  -18.540 6.421   1.00 14.45 ? 120 TRP A CE3 1 
ATOM   669  C CZ2 . TRP A 1 93  ? -5.410  -20.464 6.481   1.00 15.55 ? 120 TRP A CZ2 1 
ATOM   670  C CZ3 . TRP A 1 93  ? -3.052  -19.911 6.599   1.00 14.65 ? 120 TRP A CZ3 1 
ATOM   671  C CH2 . TRP A 1 93  ? -4.112  -20.861 6.617   1.00 15.41 ? 120 TRP A CH2 1 
ATOM   672  N N   . ASN A 1 94  ? -5.476  -13.824 3.583   1.00 17.04 ? 121 ASN A N   1 
ATOM   673  C CA  . ASN A 1 94  ? -6.555  -13.619 2.644   1.00 17.13 ? 121 ASN A CA  1 
ATOM   674  C C   . ASN A 1 94  ? -6.404  -12.306 1.903   1.00 17.99 ? 121 ASN A C   1 
ATOM   675  O O   . ASN A 1 94  ? -5.633  -11.420 2.307   1.00 16.92 ? 121 ASN A O   1 
ATOM   676  C CB  . ASN A 1 94  ? -7.933  -13.753 3.289   1.00 16.63 ? 121 ASN A CB  1 
ATOM   677  C CG  . ASN A 1 94  ? -8.208  -12.705 4.332   1.00 16.23 ? 121 ASN A CG  1 
ATOM   678  O OD1 . ASN A 1 94  ? -7.951  -11.506 4.152   1.00 16.81 ? 121 ASN A OD1 1 
ATOM   679  N ND2 . ASN A 1 94  ? -8.726  -13.151 5.477   1.00 16.77 ? 121 ASN A ND2 1 
ATOM   680  N N   . ALA A 1 95  ? -7.206  -12.181 0.860   1.00 18.95 ? 122 ALA A N   1 
ATOM   681  C CA  . ALA A 1 95  ? -7.183  -10.980 0.023   1.00 17.87 ? 122 ALA A CA  1 
ATOM   682  C C   . ALA A 1 95  ? -7.679  -9.727  0.723   1.00 16.39 ? 122 ALA A C   1 
ATOM   683  O O   . ALA A 1 95  ? -7.178  -8.625  0.453   1.00 15.63 ? 122 ALA A O   1 
ATOM   684  C CB  . ALA A 1 95  ? -8.027  -11.239 -1.215  1.00 18.00 ? 122 ALA A CB  1 
ATOM   685  N N   . GLN A 1 96  ? -8.620  -9.863  1.672   1.00 15.45 ? 123 GLN A N   1 
ATOM   686  C CA  . GLN A 1 96  ? -9.139  -8.719  2.392   1.00 18.15 ? 123 GLN A CA  1 
ATOM   687  C C   . GLN A 1 96  ? -8.052  -7.976  3.172   1.00 14.98 ? 123 GLN A C   1 
ATOM   688  O O   . GLN A 1 96  ? -8.076  -6.751  3.241   1.00 14.84 ? 123 GLN A O   1 
ATOM   689  C CB  . GLN A 1 96  ? -10.326 -9.080  3.311   1.00 22.20 ? 123 GLN A CB  1 
ATOM   690  C CG  . GLN A 1 96  ? -11.297 -7.928  3.489   1.00 31.44 ? 123 GLN A CG  1 
ATOM   691  C CD  . GLN A 1 96  ? -11.876 -7.320  2.174   1.00 32.87 ? 123 GLN A CD  1 
ATOM   692  O OE1 . GLN A 1 96  ? -12.188 -6.138  2.139   1.00 46.47 ? 123 GLN A OE1 1 
ATOM   693  N NE2 . GLN A 1 96  ? -12.048 -8.119  1.147   1.00 34.84 ? 123 GLN A NE2 1 
ATOM   694  N N   . GLU A 1 97  ? -7.099  -8.710  3.726   1.00 13.79 ? 124 GLU A N   1 
ATOM   695  C CA  . GLU A 1 97  ? -5.964  -8.104  4.438   1.00 14.44 ? 124 GLU A CA  1 
ATOM   696  C C   . GLU A 1 97  ? -5.188  -7.160  3.497   1.00 13.76 ? 124 GLU A C   1 
ATOM   697  O O   . GLU A 1 97  ? -4.693  -6.111  3.905   1.00 14.15 ? 124 GLU A O   1 
ATOM   698  C CB  . GLU A 1 97  ? -4.994  -9.154  4.919   1.00 14.72 ? 124 GLU A CB  1 
ATOM   699  C CG  . GLU A 1 97  ? -5.474  -10.029 6.100   1.00 16.08 ? 124 GLU A CG  1 
ATOM   700  C CD  . GLU A 1 97  ? -4.434  -11.065 6.426   1.00 16.30 ? 124 GLU A CD  1 
ATOM   701  O OE1 . GLU A 1 97  ? -4.542  -12.157 5.909   1.00 17.87 ? 124 GLU A OE1 1 
ATOM   702  O OE2 . GLU A 1 97  ? -3.456  -10.753 7.158   1.00 18.78 ? 124 GLU A OE2 1 
ATOM   703  N N   . CYS A 1 98  ? -5.012  -7.619  2.277   1.00 13.83 ? 125 CYS A N   1 
ATOM   704  C CA  . CYS A 1 98  ? -4.189  -6.884  1.300   1.00 14.23 ? 125 CYS A CA  1 
ATOM   705  C C   . CYS A 1 98  ? -4.949  -5.676  0.830   1.00 14.67 ? 125 CYS A C   1 
ATOM   706  O O   . CYS A 1 98  ? -4.421  -4.538  0.686   1.00 13.28 ? 125 CYS A O   1 
ATOM   707  C CB  . CYS A 1 98  ? -3.815  -7.828  0.165   1.00 13.06 ? 125 CYS A CB  1 
ATOM   708  S SG  . CYS A 1 98  ? -2.900  -7.004  -1.171  1.00 16.68 ? 125 CYS A SG  1 
ATOM   709  N N   . ILE A 1 99  ? -6.215  -5.898  0.528   1.00 14.30 ? 126 ILE A N   1 
ATOM   710  C CA  . ILE A 1 99  ? -7.078  -4.764  0.173   1.00 14.16 ? 126 ILE A CA  1 
ATOM   711  C C   . ILE A 1 99  ? -7.074  -3.676  1.230   1.00 14.07 ? 126 ILE A C   1 
ATOM   712  O O   . ILE A 1 99  ? -7.021  -2.449  0.908   1.00 13.47 ? 126 ILE A O   1 
ATOM   713  C CB  . ILE A 1 99  ? -8.491  -5.283  -0.185  1.00 14.55 ? 126 ILE A CB  1 
ATOM   714  C CG1 . ILE A 1 99  ? -8.414  -6.067  -1.465  1.00 15.89 ? 126 ILE A CG1 1 
ATOM   715  C CG2 . ILE A 1 99  ? -9.515  -4.163  -0.230  1.00 15.71 ? 126 ILE A CG2 1 
ATOM   716  C CD1 . ILE A 1 99  ? -9.650  -6.857  -1.753  1.00 16.14 ? 126 ILE A CD1 1 
ATOM   717  N N   A GLN A 1 100 ? -7.121  -4.100  2.498   0.50 13.64 ? 127 GLN A N   1 
ATOM   718  N N   B GLN A 1 100 ? -7.125  -4.080  2.505   0.50 13.49 ? 127 GLN A N   1 
ATOM   719  C CA  A GLN A 1 100 ? -7.036  -3.206  3.639   0.50 14.47 ? 127 GLN A CA  1 
ATOM   720  C CA  B GLN A 1 100 ? -7.072  -3.123  3.593   0.50 14.34 ? 127 GLN A CA  1 
ATOM   721  C C   A GLN A 1 100 ? -5.753  -2.373  3.637   0.50 13.53 ? 127 GLN A C   1 
ATOM   722  C C   B GLN A 1 100 ? -5.753  -2.343  3.606   0.50 13.42 ? 127 GLN A C   1 
ATOM   723  O O   A GLN A 1 100 ? -5.788  -1.184  3.915   0.50 12.80 ? 127 GLN A O   1 
ATOM   724  O O   B GLN A 1 100 ? -5.762  -1.152  3.870   0.50 12.71 ? 127 GLN A O   1 
ATOM   725  C CB  A GLN A 1 100 ? -7.199  -4.023  4.950   0.50 15.66 ? 127 GLN A CB  1 
ATOM   726  C CB  B GLN A 1 100 ? -7.331  -3.794  4.964   0.50 15.49 ? 127 GLN A CB  1 
ATOM   727  C CG  A GLN A 1 100 ? -8.609  -4.489  5.119   0.50 17.24 ? 127 GLN A CG  1 
ATOM   728  C CG  B GLN A 1 100 ? -7.332  -2.767  6.083   0.50 16.46 ? 127 GLN A CG  1 
ATOM   729  C CD  A GLN A 1 100 ? -8.781  -5.775  5.909   0.50 17.90 ? 127 GLN A CD  1 
ATOM   730  C CD  B GLN A 1 100 ? -8.459  -1.745  5.925   0.50 18.18 ? 127 GLN A CD  1 
ATOM   731  O OE1 A GLN A 1 100 ? -9.801  -6.452  5.774   0.50 20.50 ? 127 GLN A OE1 1 
ATOM   732  O OE1 B GLN A 1 100 ? -9.612  -2.103  6.127   0.50 20.99 ? 127 GLN A OE1 1 
ATOM   733  N NE2 A GLN A 1 100 ? -7.802  -6.116  6.736   0.50 18.31 ? 127 GLN A NE2 1 
ATOM   734  N NE2 B GLN A 1 100 ? -8.146  -0.477  5.521   0.50 17.00 ? 127 GLN A NE2 1 
ATOM   735  N N   . ASP A 1 101 ? -4.627  -3.004  3.303   1.00 12.74 ? 128 ASP A N   1 
ATOM   736  C CA  . ASP A 1 101 ? -3.337  -2.299  3.233   1.00 11.96 ? 128 ASP A CA  1 
ATOM   737  C C   . ASP A 1 101 ? -3.387  -1.226  2.151   1.00 11.63 ? 128 ASP A C   1 
ATOM   738  O O   . ASP A 1 101 ? -2.961  -0.076  2.383   1.00 12.20 ? 128 ASP A O   1 
ATOM   739  C CB  . ASP A 1 101 ? -2.171  -3.264  2.968   1.00 11.32 ? 128 ASP A CB  1 
ATOM   740  C CG  . ASP A 1 101 ? -1.753  -4.054  4.218   1.00 12.68 ? 128 ASP A CG  1 
ATOM   741  O OD1 . ASP A 1 101 ? -2.172  -3.657  5.328   1.00 13.86 ? 128 ASP A OD1 1 
ATOM   742  O OD2 . ASP A 1 101 ? -0.998  -5.049  4.115   1.00 14.49 ? 128 ASP A OD2 1 
ATOM   743  N N   . PHE A 1 102 ? -3.964  -1.546  0.983   1.00 11.61 ? 129 PHE A N   1 
ATOM   744  C CA  . PHE A 1 102 ? -4.044  -0.537  -0.074  1.00 12.35 ? 129 PHE A CA  1 
ATOM   745  C C   . PHE A 1 102 ? -4.914  0.652   0.400   1.00 12.14 ? 129 PHE A C   1 
ATOM   746  O O   . PHE A 1 102 ? -4.566  1.820   0.197   1.00 11.93 ? 129 PHE A O   1 
ATOM   747  C CB  . PHE A 1 102 ? -4.672  -1.094  -1.354  1.00 12.44 ? 129 PHE A CB  1 
ATOM   748  C CG  . PHE A 1 102 ? -3.725  -1.785  -2.279  1.00 12.61 ? 129 PHE A CG  1 
ATOM   749  C CD1 . PHE A 1 102 ? -2.896  -1.027  -3.134  1.00 13.34 ? 129 PHE A CD1 1 
ATOM   750  C CD2 . PHE A 1 102 ? -3.656  -3.166  -2.336  1.00 12.75 ? 129 PHE A CD2 1 
ATOM   751  C CE1 . PHE A 1 102 ? -2.047  -1.673  -4.038  1.00 13.11 ? 129 PHE A CE1 1 
ATOM   752  C CE2 . PHE A 1 102 ? -2.783  -3.801  -3.240  1.00 14.64 ? 129 PHE A CE2 1 
ATOM   753  C CZ  . PHE A 1 102 ? -1.979  -3.049  -4.070  1.00 13.66 ? 129 PHE A CZ  1 
ATOM   754  N N   . ASN A 1 103 ? -6.073  0.350   0.996   1.00 13.47 ? 130 ASN A N   1 
ATOM   755  C CA  . ASN A 1 103 ? -6.914  1.422   1.528   1.00 14.79 ? 130 ASN A CA  1 
ATOM   756  C C   . ASN A 1 103 ? -6.256  2.283   2.608   1.00 14.36 ? 130 ASN A C   1 
ATOM   757  O O   . ASN A 1 103 ? -6.420  3.512   2.618   1.00 14.79 ? 130 ASN A O   1 
ATOM   758  C CB  . ASN A 1 103 ? -8.241  0.840   1.998   1.00 16.38 ? 130 ASN A CB  1 
ATOM   759  C CG  . ASN A 1 103 ? -9.174  0.556   0.841   1.00 19.65 ? 130 ASN A CG  1 
ATOM   760  O OD1 . ASN A 1 103 ? -9.235  1.359   -0.087  1.00 23.41 ? 130 ASN A OD1 1 
ATOM   761  N ND2 . ASN A 1 103 ? -9.949  -0.493  0.920   1.00 21.63 ? 130 ASN A ND2 1 
ATOM   762  N N   . THR A 1 104 ? -5.463  1.663   3.469   1.00 13.03 ? 131 THR A N   1 
ATOM   763  C CA  . THR A 1 104 ? -4.717  2.377   4.475   1.00 14.31 ? 131 THR A CA  1 
ATOM   764  C C   . THR A 1 104 ? -3.708  3.341   3.812   1.00 13.51 ? 131 THR A C   1 
ATOM   765  O O   . THR A 1 104 ? -3.558  4.500   4.209   1.00 13.02 ? 131 THR A O   1 
ATOM   766  C CB  . THR A 1 104 ? -4.013  1.391   5.400   1.00 15.32 ? 131 THR A CB  1 
ATOM   767  O OG1 . THR A 1 104 ? -5.012  0.615   6.121   1.00 15.14 ? 131 THR A OG1 1 
ATOM   768  C CG2 . THR A 1 104 ? -3.105  2.102   6.412   1.00 16.09 ? 131 THR A CG2 1 
ATOM   769  N N   . MET A 1 105 ? -3.013  2.846   2.803   1.00 12.02 ? 132 MET A N   1 
ATOM   770  C CA  . MET A 1 105 ? -2.082  3.670   2.027   1.00 12.81 ? 132 MET A CA  1 
ATOM   771  C C   . MET A 1 105 ? -2.746  4.905   1.479   1.00 12.78 ? 132 MET A C   1 
ATOM   772  O O   . MET A 1 105 ? -2.263  6.022   1.661   1.00 12.52 ? 132 MET A O   1 
ATOM   773  C CB  . MET A 1 105 ? -1.425  2.830   0.931   1.00 13.74 ? 132 MET A CB  1 
ATOM   774  C CG  . MET A 1 105 ? -0.437  3.581   0.102   1.00 13.24 ? 132 MET A CG  1 
ATOM   775  S SD  . MET A 1 105 ? 0.200   2.595   -1.264  1.00 13.85 ? 132 MET A SD  1 
ATOM   776  C CE  . MET A 1 105 ? -1.169  2.687   -2.402  1.00 14.47 ? 132 MET A CE  1 
ATOM   777  N N   . PHE A 1 106 ? -3.879  4.731   0.808   1.00 13.94 ? 133 PHE A N   1 
ATOM   778  C CA  . PHE A 1 106 ? -4.573  5.852   0.253   1.00 13.50 ? 133 PHE A CA  1 
ATOM   779  C C   . PHE A 1 106 ? -5.073  6.821   1.347   1.00 14.13 ? 133 PHE A C   1 
ATOM   780  O O   . PHE A 1 106 ? -4.880  8.046   1.231   1.00 14.42 ? 133 PHE A O   1 
ATOM   781  C CB  . PHE A 1 106 ? -5.740  5.386   -0.675  1.00 14.38 ? 133 PHE A CB  1 
ATOM   782  C CG  . PHE A 1 106 ? -5.294  4.636   -1.937  1.00 14.09 ? 133 PHE A CG  1 
ATOM   783  C CD1 . PHE A 1 106 ? -4.388  5.178   -2.803  1.00 15.39 ? 133 PHE A CD1 1 
ATOM   784  C CD2 . PHE A 1 106 ? -5.796  3.378   -2.208  1.00 15.80 ? 133 PHE A CD2 1 
ATOM   785  C CE1 . PHE A 1 106 ? -3.943  4.456   -3.934  1.00 16.49 ? 133 PHE A CE1 1 
ATOM   786  C CE2 . PHE A 1 106 ? -5.369  2.642   -3.339  1.00 15.64 ? 133 PHE A CE2 1 
ATOM   787  C CZ  . PHE A 1 106 ? -4.448  3.197   -4.190  1.00 16.40 ? 133 PHE A CZ  1 
ATOM   788  N N   . THR A 1 107 ? -5.756  6.278   2.360   1.00 13.81 ? 134 THR A N   1 
ATOM   789  C CA  . THR A 1 107 ? -6.326  7.082   3.430   1.00 14.07 ? 134 THR A CA  1 
ATOM   790  C C   . THR A 1 107 ? -5.273  7.896   4.101   1.00 14.08 ? 134 THR A C   1 
ATOM   791  O O   . THR A 1 107 ? -5.477  9.084   4.365   1.00 14.22 ? 134 THR A O   1 
ATOM   792  C CB  . THR A 1 107 ? -7.090  6.191   4.393   1.00 15.91 ? 134 THR A CB  1 
ATOM   793  O OG1 . THR A 1 107 ? -8.125  5.584   3.620   1.00 18.80 ? 134 THR A OG1 1 
ATOM   794  C CG2 . THR A 1 107 ? -7.719  6.982   5.475   1.00 18.42 ? 134 THR A CG2 1 
ATOM   795  N N   . ASN A 1 108 ? -4.134  7.272   4.374   1.00 12.87 ? 135 ASN A N   1 
ATOM   796  C CA  . ASN A 1 108 ? -3.059  8.020   5.029   1.00 14.09 ? 135 ASN A CA  1 
ATOM   797  C C   . ASN A 1 108 ? -2.663  9.254   4.221   1.00 13.08 ? 135 ASN A C   1 
ATOM   798  O O   . ASN A 1 108 ? -2.407  10.332  4.742   1.00 13.68 ? 135 ASN A O   1 
ATOM   799  C CB  . ASN A 1 108 ? -1.841  7.123   5.142   1.00 13.35 ? 135 ASN A CB  1 
ATOM   800  C CG  . ASN A 1 108 ? -1.942  6.056   6.208   1.00 15.70 ? 135 ASN A CG  1 
ATOM   801  O OD1 . ASN A 1 108 ? -2.785  6.063   7.110   1.00 15.84 ? 135 ASN A OD1 1 
ATOM   802  N ND2 . ASN A 1 108 ? -1.002  5.135   6.132   1.00 14.21 ? 135 ASN A ND2 1 
ATOM   803  N N   . CYS A 1 109 ? -2.523  9.043   2.923   1.00 12.39 ? 136 CYS A N   1 
ATOM   804  C CA  . CYS A 1 109 ? -2.117  10.133  2.001   1.00 14.36 ? 136 CYS A CA  1 
ATOM   805  C C   . CYS A 1 109 ? -3.151  11.299  2.048   1.00 14.35 ? 136 CYS A C   1 
ATOM   806  O O   . CYS A 1 109 ? -2.795  12.469  2.161   1.00 14.45 ? 136 CYS A O   1 
ATOM   807  C CB  . CYS A 1 109 ? -2.030  9.560   0.580   1.00 13.69 ? 136 CYS A CB  1 
ATOM   808  S SG  . CYS A 1 109 ? -1.367  10.756  -0.610  1.00 15.67 ? 136 CYS A SG  1 
ATOM   809  N N   . TYR A 1 110 ? -4.414  10.936  2.061   1.00 16.40 ? 137 TYR A N   1 
ATOM   810  C CA  . TYR A 1 110 ? -5.511  11.920  2.090   1.00 18.40 ? 137 TYR A CA  1 
ATOM   811  C C   . TYR A 1 110 ? -5.594  12.621  3.438   1.00 20.19 ? 137 TYR A C   1 
ATOM   812  O O   . TYR A 1 110 ? -5.964  13.812  3.526   1.00 19.98 ? 137 TYR A O   1 
ATOM   813  C CB  . TYR A 1 110 ? -6.861  11.251  1.678   1.00 19.34 ? 137 TYR A CB  1 
ATOM   814  C CG  . TYR A 1 110 ? -6.917  10.590  0.338   1.00 19.43 ? 137 TYR A CG  1 
ATOM   815  C CD1 . TYR A 1 110 ? -6.246  11.103  -0.779  1.00 21.29 ? 137 TYR A CD1 1 
ATOM   816  C CD2 . TYR A 1 110 ? -7.610  9.411   0.177   1.00 20.61 ? 137 TYR A CD2 1 
ATOM   817  C CE1 . TYR A 1 110 ? -6.297  10.451  -2.010  1.00 19.87 ? 137 TYR A CE1 1 
ATOM   818  C CE2 . TYR A 1 110 ? -7.693  8.770   -1.024  1.00 18.62 ? 137 TYR A CE2 1 
ATOM   819  C CZ  . TYR A 1 110 ? -7.050  9.305   -2.125  1.00 20.76 ? 137 TYR A CZ  1 
ATOM   820  O OH  . TYR A 1 110 ? -7.102  8.646   -3.318  1.00 23.36 ? 137 TYR A OH  1 
ATOM   821  N N   . ILE A 1 111 ? -5.244  11.938  4.510   1.00 15.88 ? 138 ILE A N   1 
ATOM   822  C CA  . ILE A 1 111 ? -5.262  12.558  5.829   1.00 17.29 ? 138 ILE A CA  1 
ATOM   823  C C   . ILE A 1 111 ? -4.130  13.494  6.038   1.00 18.52 ? 138 ILE A C   1 
ATOM   824  O O   . ILE A 1 111 ? -4.346  14.590  6.576   1.00 17.37 ? 138 ILE A O   1 
ATOM   825  C CB  . ILE A 1 111 ? -5.277  11.521  6.973   1.00 17.74 ? 138 ILE A CB  1 
ATOM   826  C CG1 . ILE A 1 111 ? -6.625  10.832  6.934   1.00 17.92 ? 138 ILE A CG1 1 
ATOM   827  C CG2 . ILE A 1 111 ? -4.906  12.142  8.324   1.00 19.34 ? 138 ILE A CG2 1 
ATOM   828  C CD1 . ILE A 1 111 ? -6.678  9.615   7.795   1.00 19.74 ? 138 ILE A CD1 1 
ATOM   829  N N   . TYR A 1 112 ? -2.921  13.095  5.623   1.00 17.08 ? 139 TYR A N   1 
ATOM   830  C CA  . TYR A 1 112 ? -1.736  13.871  5.925   1.00 16.75 ? 139 TYR A CA  1 
ATOM   831  C C   . TYR A 1 112 ? -1.621  15.095  5.033   1.00 18.36 ? 139 TYR A C   1 
ATOM   832  O O   . TYR A 1 112 ? -1.238  16.202  5.512   1.00 17.38 ? 139 TYR A O   1 
ATOM   833  C CB  . TYR A 1 112 ? -0.449  13.028  5.813   1.00 17.18 ? 139 TYR A CB  1 
ATOM   834  C CG  . TYR A 1 112 ? 0.770   13.832  6.151   1.00 17.07 ? 139 TYR A CG  1 
ATOM   835  C CD1 . TYR A 1 112 ? 1.077   14.127  7.462   1.00 17.21 ? 139 TYR A CD1 1 
ATOM   836  C CD2 . TYR A 1 112 ? 1.548   14.427  5.140   1.00 16.46 ? 139 TYR A CD2 1 
ATOM   837  C CE1 . TYR A 1 112 ? 2.182   14.911  7.766   1.00 18.34 ? 139 TYR A CE1 1 
ATOM   838  C CE2 . TYR A 1 112 ? 2.633   15.233  5.440   1.00 17.54 ? 139 TYR A CE2 1 
ATOM   839  C CZ  . TYR A 1 112 ? 2.968   15.461  6.750   1.00 18.27 ? 139 TYR A CZ  1 
ATOM   840  O OH  . TYR A 1 112 ? 4.077   16.303  7.054   1.00 19.11 ? 139 TYR A OH  1 
ATOM   841  N N   . ASN A 1 113 ? -1.975  14.933  3.757   1.00 17.30 ? 140 ASN A N   1 
ATOM   842  C CA  . ASN A 1 113 ? -1.747  16.001  2.770   1.00 19.79 ? 140 ASN A CA  1 
ATOM   843  C C   . ASN A 1 113 ? -2.999  16.837  2.531   1.00 23.50 ? 140 ASN A C   1 
ATOM   844  O O   . ASN A 1 113 ? -4.043  16.527  3.034   1.00 24.44 ? 140 ASN A O   1 
ATOM   845  C CB  . ASN A 1 113 ? -1.235  15.377  1.477   1.00 18.25 ? 140 ASN A CB  1 
ATOM   846  C CG  . ASN A 1 113 ? 0.033   14.636  1.703   1.00 16.63 ? 140 ASN A CG  1 
ATOM   847  O OD1 . ASN A 1 113 ? 1.091   15.227  1.800   1.00 16.49 ? 140 ASN A OD1 1 
ATOM   848  N ND2 . ASN A 1 113 ? -0.061  13.328  1.887   1.00 17.03 ? 140 ASN A ND2 1 
ATOM   849  N N   . LYS A 1 114 ? -2.892  17.961  1.840   1.00 32.37 ? 141 LYS A N   1 
ATOM   850  C CA  . LYS A 1 114 ? -4.129  18.716  1.524   1.00 36.17 ? 141 LYS A CA  1 
ATOM   851  C C   . LYS A 1 114 ? -4.578  18.488  0.098   1.00 37.78 ? 141 LYS A C   1 
ATOM   852  O O   . LYS A 1 114 ? -3.739  18.167  -0.754  1.00 31.71 ? 141 LYS A O   1 
ATOM   853  C CB  . LYS A 1 114 ? -4.018  20.193  1.863   1.00 41.12 ? 141 LYS A CB  1 
ATOM   854  C CG  . LYS A 1 114 ? -2.852  20.929  1.271   1.00 45.02 ? 141 LYS A CG  1 
ATOM   855  C CD  . LYS A 1 114 ? -2.174  21.756  2.351   1.00 47.91 ? 141 LYS A CD  1 
ATOM   856  C CE  . LYS A 1 114 ? -1.210  22.748  1.733   1.00 48.07 ? 141 LYS A CE  1 
ATOM   857  N NZ  . LYS A 1 114 ? -0.297  23.220  2.800   1.00 52.97 ? 141 LYS A NZ  1 
ATOM   858  N N   . PRO A 1 115 ? -5.893  18.631  -0.169  1.00 39.70 ? 142 PRO A N   1 
ATOM   859  C CA  . PRO A 1 115 ? -6.394  18.485  -1.532  1.00 44.09 ? 142 PRO A CA  1 
ATOM   860  C C   . PRO A 1 115 ? -5.647  19.410  -2.500  1.00 39.93 ? 142 PRO A C   1 
ATOM   861  O O   . PRO A 1 115 ? -5.262  20.509  -2.132  1.00 37.51 ? 142 PRO A O   1 
ATOM   862  C CB  . PRO A 1 115 ? -7.881  18.895  -1.415  1.00 45.88 ? 142 PRO A CB  1 
ATOM   863  C CG  . PRO A 1 115 ? -8.235  18.669  0.001   1.00 44.46 ? 142 PRO A CG  1 
ATOM   864  C CD  . PRO A 1 115 ? -6.989  18.975  0.774   1.00 46.47 ? 142 PRO A CD  1 
ATOM   865  N N   . GLY A 1 116 ? -5.408  18.945  -3.712  1.00 42.40 ? 143 GLY A N   1 
ATOM   866  C CA  . GLY A 1 116 ? -4.587  19.715  -4.667  1.00 37.72 ? 143 GLY A CA  1 
ATOM   867  C C   . GLY A 1 116 ? -3.081  19.590  -4.500  1.00 35.65 ? 143 GLY A C   1 
ATOM   868  O O   . GLY A 1 116 ? -2.339  20.032  -5.379  1.00 35.30 ? 143 GLY A O   1 
ATOM   869  N N   . ASP A 1 117 ? -2.586  19.029  -3.380  1.00 27.51 ? 144 ASP A N   1 
ATOM   870  C CA  . ASP A 1 117 ? -1.174  18.632  -3.338  1.00 26.55 ? 144 ASP A CA  1 
ATOM   871  C C   . ASP A 1 117 ? -1.026  17.636  -4.468  1.00 21.99 ? 144 ASP A C   1 
ATOM   872  O O   . ASP A 1 117 ? -1.955  16.835  -4.701  1.00 21.49 ? 144 ASP A O   1 
ATOM   873  C CB  . ASP A 1 117 ? -0.789  17.955  -2.007  1.00 27.47 ? 144 ASP A CB  1 
ATOM   874  C CG  . ASP A 1 117 ? -0.497  18.930  -0.901  1.00 33.71 ? 144 ASP A CG  1 
ATOM   875  O OD1 . ASP A 1 117 ? -0.339  20.156  -1.178  1.00 35.16 ? 144 ASP A OD1 1 
ATOM   876  O OD2 . ASP A 1 117 ? -0.422  18.455  0.261   1.00 30.33 ? 144 ASP A OD2 1 
ATOM   877  N N   . ASP A 1 118 ? 0.134   17.646  -5.145  1.00 20.35 ? 145 ASP A N   1 
ATOM   878  C CA  . ASP A 1 118 ? 0.386   16.702  -6.214  1.00 19.00 ? 145 ASP A CA  1 
ATOM   879  C C   . ASP A 1 118 ? 0.247   15.254  -5.732  1.00 19.59 ? 145 ASP A C   1 
ATOM   880  O O   . ASP A 1 118 ? -0.262  14.387  -6.453  1.00 19.85 ? 145 ASP A O   1 
ATOM   881  C CB  . ASP A 1 118 ? 1.789   16.866  -6.829  1.00 20.11 ? 145 ASP A CB  1 
ATOM   882  C CG  . ASP A 1 118 ? 1.907   18.100  -7.721  1.00 24.50 ? 145 ASP A CG  1 
ATOM   883  O OD1 . ASP A 1 118 ? 0.865   18.609  -8.221  1.00 23.20 ? 145 ASP A OD1 1 
ATOM   884  O OD2 . ASP A 1 118 ? 3.035   18.589  -7.879  1.00 22.95 ? 145 ASP A OD2 1 
ATOM   885  N N   . ILE A 1 119 ? 0.692   14.993  -4.510  1.00 16.94 ? 146 ILE A N   1 
ATOM   886  C CA  . ILE A 1 119 ? 0.654   13.592  -3.998  1.00 16.79 ? 146 ILE A CA  1 
ATOM   887  C C   . ILE A 1 119 ? -0.754  13.093  -3.901  1.00 16.29 ? 146 ILE A C   1 
ATOM   888  O O   . ILE A 1 119 ? -1.006  11.921  -4.166  1.00 15.47 ? 146 ILE A O   1 
ATOM   889  C CB  . ILE A 1 119 ? 1.455   13.419  -2.699  1.00 16.26 ? 146 ILE A CB  1 
ATOM   890  C CG1 . ILE A 1 119 ? 1.816   11.948  -2.463  1.00 15.35 ? 146 ILE A CG1 1 
ATOM   891  C CG2 . ILE A 1 119 ? 0.770   14.057  -1.481  1.00 15.85 ? 146 ILE A CG2 1 
ATOM   892  C CD1 . ILE A 1 119 ? 2.783   11.319  -3.445  1.00 15.30 ? 146 ILE A CD1 1 
ATOM   893  N N   . VAL A 1 120 ? -1.676  14.007  -3.546  1.00 17.00 ? 147 VAL A N   1 
ATOM   894  C CA  . VAL A 1 120 ? -3.083  13.635  -3.414  1.00 17.23 ? 147 VAL A CA  1 
ATOM   895  C C   . VAL A 1 120 ? -3.672  13.298  -4.794  1.00 19.26 ? 147 VAL A C   1 
ATOM   896  O O   . VAL A 1 120 ? -4.387  12.298  -4.947  1.00 18.72 ? 147 VAL A O   1 
ATOM   897  C CB  . VAL A 1 120 ? -3.874  14.695  -2.627  1.00 19.13 ? 147 VAL A CB  1 
ATOM   898  C CG1 . VAL A 1 120 ? -5.369  14.539  -2.822  1.00 20.92 ? 147 VAL A CG1 1 
ATOM   899  C CG2 . VAL A 1 120 ? -3.471  14.679  -1.170  1.00 19.69 ? 147 VAL A CG2 1 
ATOM   900  N N   . LEU A 1 121 ? -3.285  14.054  -5.827  1.00 19.71 ? 148 LEU A N   1 
ATOM   901  C CA  . LEU A 1 121 ? -3.779  13.788  -7.180  1.00 22.39 ? 148 LEU A CA  1 
ATOM   902  C C   . LEU A 1 121 ? -3.224  12.459  -7.719  1.00 19.87 ? 148 LEU A C   1 
ATOM   903  O O   . LEU A 1 121 ? -3.917  11.723  -8.425  1.00 19.61 ? 148 LEU A O   1 
ATOM   904  C CB  . LEU A 1 121 ? -3.443  14.979  -8.116  1.00 23.99 ? 148 LEU A CB  1 
ATOM   905  C CG  . LEU A 1 121 ? -4.038  16.309  -7.631  1.00 28.32 ? 148 LEU A CG  1 
ATOM   906  C CD1 . LEU A 1 121 ? -3.311  17.496  -8.249  1.00 32.54 ? 148 LEU A CD1 1 
ATOM   907  C CD2 . LEU A 1 121 ? -5.516  16.420  -7.910  1.00 30.32 ? 148 LEU A CD2 1 
ATOM   908  N N   . MET A 1 122 ? -1.992  12.129  -7.325  1.00 19.36 ? 149 MET A N   1 
ATOM   909  C CA  . MET A 1 122 ? -1.354  10.881  -7.693  1.00 18.16 ? 149 MET A CA  1 
ATOM   910  C C   . MET A 1 122 ? -2.084  9.718   -7.016  1.00 18.81 ? 149 MET A C   1 
ATOM   911  O O   . MET A 1 122 ? -2.494  8.768   -7.685  1.00 18.47 ? 149 MET A O   1 
ATOM   912  C CB  . MET A 1 122 ? 0.135   10.949  -7.384  1.00 21.03 ? 149 MET A CB  1 
ATOM   913  C CG  . MET A 1 122 ? 0.855   12.038  -8.223  1.00 21.82 ? 149 MET A CG  1 
ATOM   914  S SD  . MET A 1 122 ? 2.555   12.346  -7.681  1.00 26.58 ? 149 MET A SD  1 
ATOM   915  C CE  . MET A 1 122 ? 3.348   10.949  -8.335  1.00 24.74 ? 149 MET A CE  1 
ATOM   916  N N   . ALA A 1 123 ? -2.368  9.862   -5.722  1.00 18.90 ? 150 ALA A N   1 
ATOM   917  C CA  . ALA A 1 123 ? -3.110  8.847   -4.966  1.00 17.52 ? 150 ALA A CA  1 
ATOM   918  C C   . ALA A 1 123 ? -4.512  8.642   -5.587  1.00 18.07 ? 150 ALA A C   1 
ATOM   919  O O   . ALA A 1 123 ? -4.970  7.505   -5.744  1.00 16.53 ? 150 ALA A O   1 
ATOM   920  C CB  . ALA A 1 123 ? -3.228  9.271   -3.550  1.00 17.54 ? 150 ALA A CB  1 
ATOM   921  N N   . GLU A 1 124 ? -5.178  9.748   -5.928  1.00 19.67 ? 151 GLU A N   1 
ATOM   922  C CA  . GLU A 1 124 ? -6.537  9.640   -6.522  1.00 21.81 ? 151 GLU A CA  1 
ATOM   923  C C   . GLU A 1 124 ? -6.514  8.827   -7.839  1.00 22.44 ? 151 GLU A C   1 
ATOM   924  O O   . GLU A 1 124 ? -7.390  8.013   -8.083  1.00 22.98 ? 151 GLU A O   1 
ATOM   925  C CB  . GLU A 1 124 ? -7.156  11.022  -6.721  1.00 24.84 ? 151 GLU A CB  1 
ATOM   926  C CG  . GLU A 1 124 ? -7.656  11.642  -5.408  1.00 26.75 ? 151 GLU A CG  1 
ATOM   927  C CD  . GLU A 1 124 ? -8.097  13.091  -5.561  1.00 29.32 ? 151 GLU A CD  1 
ATOM   928  O OE1 . GLU A 1 124 ? -8.061  13.646  -6.679  1.00 38.14 ? 151 GLU A OE1 1 
ATOM   929  O OE2 . GLU A 1 124 ? -8.498  13.676  -4.558  1.00 38.29 ? 151 GLU A OE2 1 
ATOM   930  N N   . ALA A 1 125 ? -5.498  9.042   -8.674  1.00 21.17 ? 152 ALA A N   1 
ATOM   931  C CA  . ALA A 1 125 ? -5.409  8.341   -9.957  1.00 22.78 ? 152 ALA A CA  1 
ATOM   932  C C   . ALA A 1 125 ? -5.123  6.877   -9.705  1.00 22.16 ? 152 ALA A C   1 
ATOM   933  O O   . ALA A 1 125 ? -5.769  5.992   -10.271 1.00 22.82 ? 152 ALA A O   1 
ATOM   934  C CB  . ALA A 1 125 ? -4.344  8.944   -10.857 1.00 22.38 ? 152 ALA A CB  1 
ATOM   935  N N   . LEU A 1 126 ? -4.189  6.598   -8.790  1.00 19.62 ? 153 LEU A N   1 
ATOM   936  C CA  . LEU A 1 126 ? -3.931  5.197   -8.447  1.00 18.83 ? 153 LEU A CA  1 
ATOM   937  C C   . LEU A 1 126 ? -5.141  4.505   -7.828  1.00 18.14 ? 153 LEU A C   1 
ATOM   938  O O   . LEU A 1 126 ? -5.388  3.335   -8.129  1.00 18.10 ? 153 LEU A O   1 
ATOM   939  C CB  . LEU A 1 126 ? -2.757  5.093   -7.491  1.00 18.53 ? 153 LEU A CB  1 
ATOM   940  C CG  . LEU A 1 126 ? -1.408  5.526   -8.020  1.00 19.87 ? 153 LEU A CG  1 
ATOM   941  C CD1 . LEU A 1 126 ? -0.401  5.420   -6.874  1.00 20.07 ? 153 LEU A CD1 1 
ATOM   942  C CD2 . LEU A 1 126 ? -0.955  4.693   -9.214  1.00 19.04 ? 153 LEU A CD2 1 
ATOM   943  N N   . GLU A 1 127 ? -5.909  5.231   -6.993  1.00 17.60 ? 154 GLU A N   1 
ATOM   944  C CA  . GLU A 1 127 ? -7.017  4.628   -6.291  1.00 18.91 ? 154 GLU A CA  1 
ATOM   945  C C   . GLU A 1 127 ? -8.157  4.261   -7.278  1.00 21.93 ? 154 GLU A C   1 
ATOM   946  O O   . GLU A 1 127 ? -8.819  3.211   -7.136  1.00 20.62 ? 154 GLU A O   1 
ATOM   947  C CB  . GLU A 1 127 ? -7.508  5.521   -5.153  1.00 19.02 ? 154 GLU A CB  1 
ATOM   948  C CG  . GLU A 1 127 ? -8.628  4.893   -4.352  1.00 21.05 ? 154 GLU A CG  1 
ATOM   949  C CD  . GLU A 1 127 ? -9.276  5.781   -3.292  1.00 23.44 ? 154 GLU A CD  1 
ATOM   950  O OE1 . GLU A 1 127 ? -9.109  7.002   -3.311  1.00 26.54 ? 154 GLU A OE1 1 
ATOM   951  O OE2 . GLU A 1 127 ? -10.044 5.241   -2.506  1.00 29.99 ? 154 GLU A OE2 1 
ATOM   952  N N   . LYS A 1 128 ? -8.402  5.155   -8.226  1.00 23.16 ? 155 LYS A N   1 
ATOM   953  C CA  . LYS A 1 128 ? -9.351  4.865   -9.350  1.00 24.81 ? 155 LYS A CA  1 
ATOM   954  C C   . LYS A 1 128 ? -9.047  3.544   -10.043 1.00 24.59 ? 155 LYS A C   1 
ATOM   955  O O   . LYS A 1 128 ? -9.917  2.672   -10.222 1.00 26.79 ? 155 LYS A O   1 
ATOM   956  C CB  . LYS A 1 128 ? -9.349  6.021   -10.354 1.00 28.15 ? 155 LYS A CB  1 
ATOM   957  C CG  . LYS A 1 128 ? -10.644 6.122   -11.126 1.00 32.39 ? 155 LYS A CG  1 
ATOM   958  C CD  . LYS A 1 128 ? -10.585 7.154   -12.251 1.00 36.54 ? 155 LYS A CD  1 
ATOM   959  C CE  . LYS A 1 128 ? -11.647 6.886   -13.314 1.00 40.43 ? 155 LYS A CE  1 
ATOM   960  N NZ  . LYS A 1 128 ? -11.231 7.400   -14.644 1.00 46.04 ? 155 LYS A NZ  1 
ATOM   961  N N   . LEU A 1 129 ? -7.789  3.372   -10.393 1.00 22.13 ? 156 LEU A N   1 
ATOM   962  C CA  . LEU A 1 129 ? -7.318  2.196   -11.062 1.00 23.52 ? 156 LEU A CA  1 
ATOM   963  C C   . LEU A 1 129 ? -7.435  0.956   -10.148 1.00 22.86 ? 156 LEU A C   1 
ATOM   964  O O   . LEU A 1 129 ? -7.891  -0.118  -10.575 1.00 23.57 ? 156 LEU A O   1 
ATOM   965  C CB  . LEU A 1 129 ? -5.876  2.449   -11.458 1.00 26.52 ? 156 LEU A CB  1 
ATOM   966  C CG  . LEU A 1 129 ? -5.293  2.008   -12.770 1.00 32.26 ? 156 LEU A CG  1 
ATOM   967  C CD1 . LEU A 1 129 ? -6.263  2.272   -13.921 1.00 33.20 ? 156 LEU A CD1 1 
ATOM   968  C CD2 . LEU A 1 129 ? -4.022  2.811   -12.933 1.00 30.76 ? 156 LEU A CD2 1 
ATOM   969  N N   . PHE A 1 130 ? -7.022  1.124   -8.897  1.00 20.56 ? 157 PHE A N   1 
ATOM   970  C CA  . PHE A 1 130 ? -7.179  0.105   -7.892  1.00 20.16 ? 157 PHE A CA  1 
ATOM   971  C C   . PHE A 1 130 ? -8.654  -0.392  -7.808  1.00 21.20 ? 157 PHE A C   1 
ATOM   972  O O   . PHE A 1 130 ? -8.945  -1.611  -7.861  1.00 19.89 ? 157 PHE A O   1 
ATOM   973  C CB  . PHE A 1 130 ? -6.726  0.631   -6.507  1.00 17.74 ? 157 PHE A CB  1 
ATOM   974  C CG  . PHE A 1 130 ? -7.007  -0.325  -5.350  1.00 16.53 ? 157 PHE A CG  1 
ATOM   975  C CD1 . PHE A 1 130 ? -6.356  -1.542  -5.255  1.00 16.23 ? 157 PHE A CD1 1 
ATOM   976  C CD2 . PHE A 1 130 ? -7.928  0.024   -4.339  1.00 17.45 ? 157 PHE A CD2 1 
ATOM   977  C CE1 . PHE A 1 130 ? -6.586  -2.391  -4.174  1.00 17.12 ? 157 PHE A CE1 1 
ATOM   978  C CE2 . PHE A 1 130 ? -8.206  -0.842  -3.279  1.00 18.75 ? 157 PHE A CE2 1 
ATOM   979  C CZ  . PHE A 1 130 ? -7.522  -2.064  -3.199  1.00 17.58 ? 157 PHE A CZ  1 
ATOM   980  N N   . LEU A 1 131 ? -9.561  0.555   -7.676  1.00 22.39 ? 158 LEU A N   1 
ATOM   981  C CA  . LEU A 1 131 ? -11.006 0.224   -7.581  1.00 28.90 ? 158 LEU A CA  1 
ATOM   982  C C   . LEU A 1 131 ? -11.530 -0.518  -8.806  1.00 29.22 ? 158 LEU A C   1 
ATOM   983  O O   . LEU A 1 131 ? -12.262 -1.506  -8.662  1.00 29.63 ? 158 LEU A O   1 
ATOM   984  C CB  . LEU A 1 131 ? -11.832 1.472   -7.288  1.00 29.42 ? 158 LEU A CB  1 
ATOM   985  C CG  . LEU A 1 131 ? -11.623 1.977   -5.851  1.00 31.68 ? 158 LEU A CG  1 
ATOM   986  C CD1 . LEU A 1 131 ? -12.310 3.321   -5.648  1.00 32.81 ? 158 LEU A CD1 1 
ATOM   987  C CD2 . LEU A 1 131 ? -12.090 0.994   -4.776  1.00 33.26 ? 158 LEU A CD2 1 
ATOM   988  N N   . GLN A 1 132 ? -11.086 -0.113  -9.980  1.00 31.93 ? 159 GLN A N   1 
ATOM   989  C CA  . GLN A 1 132 ? -11.415 -0.826  -11.229 1.00 33.97 ? 159 GLN A CA  1 
ATOM   990  C C   . GLN A 1 132 ? -10.877 -2.250  -11.248 1.00 36.02 ? 159 GLN A C   1 
ATOM   991  O O   . GLN A 1 132 ? -11.594 -3.193  -11.623 1.00 35.67 ? 159 GLN A O   1 
ATOM   992  C CB  . GLN A 1 132 ? -10.869 -0.076  -12.438 1.00 38.60 ? 159 GLN A CB  1 
ATOM   993  C CG  . GLN A 1 132 ? -11.579 1.235   -12.721 1.00 43.29 ? 159 GLN A CG  1 
ATOM   994  C CD  . GLN A 1 132 ? -10.875 2.057   -13.795 1.00 46.56 ? 159 GLN A CD  1 
ATOM   995  O OE1 . GLN A 1 132 ? -9.913  1.605   -14.430 1.00 45.69 ? 159 GLN A OE1 1 
ATOM   996  N NE2 . GLN A 1 132 ? -11.367 3.262   -14.011 1.00 50.62 ? 159 GLN A NE2 1 
ATOM   997  N N   . LYS A 1 133 ? -9.620  -2.435  -10.838 1.00 31.48 ? 160 LYS A N   1 
ATOM   998  C CA  . LYS A 1 133 ? -9.062  -3.798  -10.803 1.00 31.76 ? 160 LYS A CA  1 
ATOM   999  C C   . LYS A 1 133 ? -9.685  -4.653  -9.725  1.00 29.93 ? 160 LYS A C   1 
ATOM   1000 O O   . LYS A 1 133 ? -9.932  -5.842  -9.961  1.00 32.84 ? 160 LYS A O   1 
ATOM   1001 C CB  . LYS A 1 133 ? -7.547  -3.775  -10.685 1.00 33.12 ? 160 LYS A CB  1 
ATOM   1002 C CG  . LYS A 1 133 ? -6.882  -3.125  -11.861 1.00 36.62 ? 160 LYS A CG  1 
ATOM   1003 C CD  . LYS A 1 133 ? -6.914  -4.061  -13.060 1.00 41.30 ? 160 LYS A CD  1 
ATOM   1004 C CE  . LYS A 1 133 ? -6.920  -3.296  -14.363 1.00 45.18 ? 160 LYS A CE  1 
ATOM   1005 N NZ  . LYS A 1 133 ? -7.183  -4.253  -15.468 1.00 49.70 ? 160 LYS A NZ  1 
ATOM   1006 N N   . ILE A 1 134 ? -10.018 -4.049  -8.578  1.00 29.40 ? 161 ILE A N   1 
ATOM   1007 C CA  . ILE A 1 134 ? -10.681 -4.749  -7.483  1.00 32.55 ? 161 ILE A CA  1 
ATOM   1008 C C   . ILE A 1 134 ? -12.084 -5.240  -7.866  1.00 35.88 ? 161 ILE A C   1 
ATOM   1009 O O   . ILE A 1 134 ? -12.522 -6.265  -7.355  1.00 31.27 ? 161 ILE A O   1 
ATOM   1010 C CB  . ILE A 1 134 ? -10.690 -3.919  -6.162  1.00 33.14 ? 161 ILE A CB  1 
ATOM   1011 C CG1 . ILE A 1 134 ? -9.324  -4.070  -5.456  1.00 33.38 ? 161 ILE A CG1 1 
ATOM   1012 C CG2 . ILE A 1 134 ? -11.757 -4.344  -5.175  1.00 37.20 ? 161 ILE A CG2 1 
ATOM   1013 C CD1 . ILE A 1 134 ? -8.848  -5.476  -5.189  1.00 33.02 ? 161 ILE A CD1 1 
ATOM   1014 N N   . ASN A 1 135 ? -12.756 -4.510  -8.753  1.00 37.60 ? 162 ASN A N   1 
ATOM   1015 C CA  . ASN A 1 135 ? -14.094 -4.925  -9.227  1.00 41.35 ? 162 ASN A CA  1 
ATOM   1016 C C   . ASN A 1 135 ? -14.107 -6.242  -9.978  1.00 35.00 ? 162 ASN A C   1 
ATOM   1017 O O   . ASN A 1 135 ? -15.143 -6.868  -10.024 1.00 35.52 ? 162 ASN A O   1 
ATOM   1018 C CB  . ASN A 1 135 ? -14.774 -3.824  -10.063 1.00 45.42 ? 162 ASN A CB  1 
ATOM   1019 C CG  . ASN A 1 135 ? -15.479 -2.786  -9.195  1.00 51.09 ? 162 ASN A CG  1 
ATOM   1020 O OD1 . ASN A 1 135 ? -15.984 -3.100  -8.118  1.00 58.91 ? 162 ASN A OD1 1 
ATOM   1021 N ND2 . ASN A 1 135 ? -15.524 -1.541  -9.667  1.00 56.35 ? 162 ASN A ND2 1 
ATOM   1022 N N   . GLU A 1 136 ? -12.975 -6.653  -10.548 1.00 32.57 ? 163 GLU A N   1 
ATOM   1023 C CA  . GLU A 1 136 ? -12.841 -7.867  -11.320 1.00 34.16 ? 163 GLU A CA  1 
ATOM   1024 C C   . GLU A 1 136 ? -12.199 -8.972  -10.476 1.00 31.62 ? 163 GLU A C   1 
ATOM   1025 O O   . GLU A 1 136 ? -11.745 -9.948  -11.041 1.00 30.80 ? 163 GLU A O   1 
ATOM   1026 C CB  . GLU A 1 136 ? -11.983 -7.689  -12.617 1.00 44.20 ? 163 GLU A CB  1 
ATOM   1027 C CG  . GLU A 1 136 ? -11.758 -6.289  -13.216 1.00 49.96 ? 163 GLU A CG  1 
ATOM   1028 C CD  . GLU A 1 136 ? -12.796 -5.868  -14.251 1.00 58.34 ? 163 GLU A CD  1 
ATOM   1029 O OE1 . GLU A 1 136 ? -12.987 -6.596  -15.257 1.00 54.36 ? 163 GLU A OE1 1 
ATOM   1030 O OE2 . GLU A 1 136 ? -13.400 -4.778  -14.074 1.00 67.25 ? 163 GLU A OE2 1 
ATOM   1031 N N   . LEU A 1 137 ? -12.144 -8.817  -9.152  1.00 29.84 ? 164 LEU A N   1 
ATOM   1032 C CA  . LEU A 1 137 ? -11.458 -9.779  -8.268  1.00 32.40 ? 164 LEU A CA  1 
ATOM   1033 C C   . LEU A 1 137 ? -12.129 -11.153 -8.430  1.00 35.96 ? 164 LEU A C   1 
ATOM   1034 O O   . LEU A 1 137 ? -13.337 -11.228 -8.233  1.00 36.31 ? 164 LEU A O   1 
ATOM   1035 C CB  . LEU A 1 137 ? -11.570 -9.317  -6.799  1.00 35.14 ? 164 LEU A CB  1 
ATOM   1036 C CG  . LEU A 1 137 ? -10.845 -10.117 -5.705  1.00 37.40 ? 164 LEU A CG  1 
ATOM   1037 C CD1 . LEU A 1 137 ? -9.327  -10.016 -5.837  1.00 37.91 ? 164 LEU A CD1 1 
ATOM   1038 C CD2 . LEU A 1 137 ? -11.301 -9.603  -4.339  1.00 39.16 ? 164 LEU A CD2 1 
ATOM   1039 N N   . PRO A 1 138 ? -11.359 -12.209 -8.806  1.00 41.59 ? 165 PRO A N   1 
ATOM   1040 C CA  . PRO A 1 138 ? -11.923 -13.543 -9.050  1.00 48.16 ? 165 PRO A CA  1 
ATOM   1041 C C   . PRO A 1 138 ? -12.358 -14.256 -7.786  1.00 48.63 ? 165 PRO A C   1 
ATOM   1042 O O   . PRO A 1 138 ? -12.461 -13.632 -6.722  1.00 48.14 ? 165 PRO A O   1 
ATOM   1043 C CB  . PRO A 1 138 ? -10.773 -14.293 -9.763  1.00 48.07 ? 165 PRO A CB  1 
ATOM   1044 C CG  . PRO A 1 138 ? -9.552  -13.625 -9.282  1.00 46.50 ? 165 PRO A CG  1 
ATOM   1045 C CD  . PRO A 1 138 ? -9.917  -12.187 -9.113  1.00 42.53 ? 165 PRO A CD  1 
ATOM   1046 N N   . THR A 1 139 ? -12.595 -15.568 -7.926  1.00 58.63 ? 166 THR A N   1 
ATOM   1047 C CA  . THR A 1 139 ? -13.312 -16.412 -6.963  1.00 57.54 ? 166 THR A CA  1 
ATOM   1048 C C   . THR A 1 139 ? -14.825 -16.082 -7.157  1.00 61.82 ? 166 THR A C   1 
ATOM   1049 O O   . THR A 1 139 ? -15.611 -16.017 -6.208  1.00 62.30 ? 166 THR A O   1 
ATOM   1050 C CB  . THR A 1 139 ? -12.641 -16.392 -5.536  1.00 52.15 ? 166 THR A CB  1 
ATOM   1051 O OG1 . THR A 1 139 ? -11.988 -17.648 -5.301  1.00 57.30 ? 166 THR A OG1 1 
ATOM   1052 C CG2 . THR A 1 139 ? -13.585 -16.108 -4.381  1.00 54.43 ? 166 THR A CG2 1 
ATOM   1053 N N   . GLU A 1 140 ? -15.197 -15.938 -8.445  1.00 53.49 ? 167 GLU A N   1 
ATOM   1054 C CA  . GLU A 1 140 ? -16.510 -15.518 -8.894  1.00 52.04 ? 167 GLU A CA  1 
ATOM   1055 C C   . GLU A 1 140 ? -17.260 -16.702 -9.492  1.00 49.97 ? 167 GLU A C   1 
ATOM   1056 O O   . GLU A 1 140 ? -18.391 -16.966 -9.090  1.00 39.92 ? 167 GLU A O   1 
ATOM   1057 C CB  . GLU A 1 140 ? -16.420 -14.426 -9.972  1.00 48.98 ? 167 GLU A CB  1 
ATOM   1058 C CG  . GLU A 1 140 ? -15.936 -13.075 -9.492  1.00 47.14 ? 167 GLU A CG  1 
ATOM   1059 C CD  . GLU A 1 140 ? -16.312 -11.985 -10.455 1.00 50.47 ? 167 GLU A CD  1 
ATOM   1060 O OE1 . GLU A 1 140 ? -17.457 -11.448 -10.316 1.00 36.30 ? 167 GLU A OE1 1 
ATOM   1061 O OE2 . GLU A 1 140 ? -15.458 -11.686 -11.343 1.00 50.01 ? 167 GLU A OE2 1 
HETATM 1062 C CAU . E0K B 2 .   ? 5.299   15.531  -5.084  1.00 19.46 ? 201 E0K A CAU 1 
HETATM 1063 C CAV . E0K B 2 .   ? 4.705   14.432  -5.696  1.00 19.39 ? 201 E0K A CAV 1 
HETATM 1064 C CAT . E0K B 2 .   ? 5.431   14.275  -4.422  1.00 20.18 ? 201 E0K A CAT 1 
HETATM 1065 C CAR . E0K B 2 .   ? 6.730   13.417  -4.583  1.00 18.21 ? 201 E0K A CAR 1 
HETATM 1066 C CAP . E0K B 2 .   ? 7.688   13.895  -3.510  1.00 15.61 ? 201 E0K A CAP 1 
HETATM 1067 C CAO . E0K B 2 .   ? 8.823   13.037  -3.439  1.00 15.81 ? 201 E0K A CAO 1 
HETATM 1068 O OAS . E0K B 2 .   ? 9.844   13.208  -4.117  1.00 14.62 ? 201 E0K A OAS 1 
HETATM 1069 N NAN . E0K B 2 .   ? 8.730   11.849  -2.714  1.00 15.16 ? 201 E0K A NAN 1 
HETATM 1070 O OAQ . E0K B 2 .   ? 6.981   13.932  -2.239  1.00 15.54 ? 201 E0K A OAQ 1 
HETATM 1071 C CAL . E0K B 2 .   ? 6.682   12.709  -1.654  1.00 14.51 ? 201 E0K A CAL 1 
HETATM 1072 C CAM . E0K B 2 .   ? 5.514   12.555  -0.923  1.00 14.33 ? 201 E0K A CAM 1 
HETATM 1073 C CAK . E0K B 2 .   ? 7.530   11.628  -1.918  1.00 13.94 ? 201 E0K A CAK 1 
HETATM 1074 C CAJ . E0K B 2 .   ? 7.240   10.388  -1.360  1.00 14.66 ? 201 E0K A CAJ 1 
HETATM 1075 C CAI . E0K B 2 .   ? 6.090   10.243  -0.576  1.00 13.91 ? 201 E0K A CAI 1 
HETATM 1076 C CAH . E0K B 2 .   ? 5.249   11.313  -0.290  1.00 15.08 ? 201 E0K A CAH 1 
HETATM 1077 C CAA . E0K B 2 .   ? 4.096   11.180  0.468   1.00 18.09 ? 201 E0K A CAA 1 
HETATM 1078 C CAB . E0K B 2 .   ? 3.631   12.032  1.448   1.00 18.94 ? 201 E0K A CAB 1 
HETATM 1079 C CAF . E0K B 2 .   ? 4.248   13.291  2.029   1.00 20.24 ? 201 E0K A CAF 1 
HETATM 1080 O OAC . E0K B 2 .   ? 2.482   11.603  1.944   1.00 19.40 ? 201 E0K A OAC 1 
HETATM 1081 N NAD . E0K B 2 .   ? 2.202   10.387  1.263   1.00 18.73 ? 201 E0K A NAD 1 
HETATM 1082 C CAE . E0K B 2 .   ? 3.203   10.157  0.399   1.00 17.84 ? 201 E0K A CAE 1 
HETATM 1083 C CAG . E0K B 2 .   ? 3.136   8.977   -0.525  1.00 17.84 ? 201 E0K A CAG 1 
HETATM 1084 C C1  . EDO C 3 .   ? -0.774  0.164   -15.707 1.00 45.29 ? 202 EDO A C1  1 
HETATM 1085 O O1  . EDO C 3 .   ? -0.286  1.333   -15.080 1.00 37.30 ? 202 EDO A O1  1 
HETATM 1086 C C2  . EDO C 3 .   ? -0.164  0.107   -17.102 1.00 46.34 ? 202 EDO A C2  1 
HETATM 1087 O O2  . EDO C 3 .   ? 1.268   0.084   -16.951 1.00 43.78 ? 202 EDO A O2  1 
HETATM 1088 C C1  . GOL D 4 .   ? -3.460  6.199   12.001  1.00 30.96 ? 203 GOL A C1  1 
HETATM 1089 O O1  . GOL D 4 .   ? -2.736  7.319   12.493  1.00 26.51 ? 203 GOL A O1  1 
HETATM 1090 C C2  . GOL D 4 .   ? -3.599  6.301   10.488  1.00 32.26 ? 203 GOL A C2  1 
HETATM 1091 O O2  . GOL D 4 .   ? -2.379  5.915   9.843   1.00 24.96 ? 203 GOL A O2  1 
HETATM 1092 C C3  . GOL D 4 .   ? -4.003  7.712   10.071  1.00 37.23 ? 203 GOL A C3  1 
HETATM 1093 O O3  . GOL D 4 .   ? -5.259  8.017   10.698  1.00 42.69 ? 203 GOL A O3  1 
HETATM 1094 O O   . HOH E 5 .   ? -10.980 -4.475  3.253   1.00 45.72 ? 301 HOH A O   1 
HETATM 1095 O O   . HOH E 5 .   ? -6.908  6.529   9.509   1.00 24.38 ? 302 HOH A O   1 
HETATM 1096 O O   . HOH E 5 .   ? -10.201 -1.735  3.670   1.00 37.13 ? 303 HOH A O   1 
HETATM 1097 O O   . HOH E 5 .   ? 1.288   -0.003  9.516   1.00 26.62 ? 304 HOH A O   1 
HETATM 1098 O O   . HOH E 5 .   ? 8.060   -2.632  4.771   1.00 19.43 ? 305 HOH A O   1 
HETATM 1099 O O   . HOH E 5 .   ? 0.633   9.187   3.273   1.00 14.31 ? 306 HOH A O   1 
HETATM 1100 O O   . HOH E 5 .   ? 11.023  -10.951 0.008   1.00 25.44 ? 307 HOH A O   1 
HETATM 1101 O O   . HOH E 5 .   ? 7.910   11.610  11.811  1.00 29.11 ? 308 HOH A O   1 
HETATM 1102 O O   . HOH E 5 .   ? 10.689  3.905   -6.142  1.00 26.93 ? 309 HOH A O   1 
HETATM 1103 O O   . HOH E 5 .   ? 6.311   1.792   9.575   1.00 16.95 ? 310 HOH A O   1 
HETATM 1104 O O   . HOH E 5 .   ? 1.713   5.761   4.794   1.00 13.24 ? 311 HOH A O   1 
HETATM 1105 O O   . HOH E 5 .   ? 9.938   -4.052  10.391  1.00 28.11 ? 312 HOH A O   1 
HETATM 1106 O O   . HOH E 5 .   ? -5.803  12.433  -10.242 1.00 32.06 ? 313 HOH A O   1 
HETATM 1107 O O   . HOH E 5 .   ? 10.703  -9.567  6.325   1.00 22.11 ? 314 HOH A O   1 
HETATM 1108 O O   . HOH E 5 .   ? 6.887   8.793   -13.328 1.00 24.80 ? 315 HOH A O   1 
HETATM 1109 O O   . HOH E 5 .   ? 4.930   2.413   5.056   1.00 13.08 ? 316 HOH A O   1 
HETATM 1110 O O   . HOH E 5 .   ? 11.591  4.855   2.118   1.00 19.34 ? 317 HOH A O   1 
HETATM 1111 O O   . HOH E 5 .   ? 8.157   7.037   -0.445  1.00 15.31 ? 318 HOH A O   1 
HETATM 1112 O O   . HOH E 5 .   ? 0.611   -14.107 -1.645  1.00 25.10 ? 319 HOH A O   1 
HETATM 1113 O O   . HOH E 5 .   ? -2.572  -8.209  7.639   1.00 30.71 ? 320 HOH A O   1 
HETATM 1114 O O   . HOH E 5 .   ? 4.971   5.988   0.423   1.00 13.23 ? 321 HOH A O   1 
HETATM 1115 O O   . HOH E 5 .   ? 9.890   15.439  -5.716  1.00 17.45 ? 322 HOH A O   1 
HETATM 1116 O O   . HOH E 5 .   ? 0.357   6.720   2.114   1.00 16.69 ? 323 HOH A O   1 
HETATM 1117 O O   . HOH E 5 .   ? 6.440   -9.216  -13.564 1.00 42.74 ? 324 HOH A O   1 
HETATM 1118 O O   . HOH E 5 .   ? 2.353   5.413   1.132   1.00 13.13 ? 325 HOH A O   1 
HETATM 1119 O O   . HOH E 5 .   ? -2.482  -14.866 8.872   1.00 16.18 ? 326 HOH A O   1 
HETATM 1120 O O   . HOH E 5 .   ? -3.816  -1.768  6.849   1.00 27.19 ? 327 HOH A O   1 
HETATM 1121 O O   . HOH E 5 .   ? -8.094  -14.871 -0.418  1.00 22.48 ? 328 HOH A O   1 
HETATM 1122 O O   . HOH E 5 .   ? 2.449   -14.300 7.567   1.00 14.83 ? 329 HOH A O   1 
HETATM 1123 O O   . HOH E 5 .   ? 8.892   -4.014  -2.506  1.00 23.38 ? 330 HOH A O   1 
HETATM 1124 O O   . HOH E 5 .   ? 6.139   5.384   -11.087 1.00 18.26 ? 331 HOH A O   1 
HETATM 1125 O O   . HOH E 5 .   ? -7.226  -20.243 -4.005  1.00 35.02 ? 332 HOH A O   1 
HETATM 1126 O O   . HOH E 5 .   ? -5.504  5.465   7.342   1.00 22.38 ? 333 HOH A O   1 
HETATM 1127 O O   . HOH E 5 .   ? 3.508   -7.937  -9.700  1.00 35.59 ? 334 HOH A O   1 
HETATM 1128 O O   . HOH E 5 .   ? -6.537  6.344   -12.965 1.00 26.13 ? 335 HOH A O   1 
HETATM 1129 O O   . HOH E 5 .   ? 10.622  9.744   -2.500  1.00 23.97 ? 336 HOH A O   1 
HETATM 1130 O O   . HOH E 5 .   ? 5.218   -13.960 7.006   1.00 16.06 ? 337 HOH A O   1 
HETATM 1131 O O   . HOH E 5 .   ? 9.639   -7.456  8.091   1.00 27.32 ? 338 HOH A O   1 
HETATM 1132 O O   . HOH E 5 .   ? 1.850   10.789  17.829  1.00 40.33 ? 339 HOH A O   1 
HETATM 1133 O O   . HOH E 5 .   ? 2.423   -20.284 11.834  1.00 26.26 ? 340 HOH A O   1 
HETATM 1134 O O   . HOH E 5 .   ? -10.402 -12.106 1.489   1.00 24.57 ? 341 HOH A O   1 
HETATM 1135 O O   . HOH E 5 .   ? 10.643  5.513   6.502   1.00 18.07 ? 342 HOH A O   1 
HETATM 1136 O O   . HOH E 5 .   ? 9.621   3.281   7.688   1.00 17.08 ? 343 HOH A O   1 
HETATM 1137 O O   . HOH E 5 .   ? 6.015   11.993  -11.153 1.00 17.09 ? 344 HOH A O   1 
HETATM 1138 O O   . HOH E 5 .   ? 4.561   4.963   4.185   1.00 14.15 ? 345 HOH A O   1 
HETATM 1139 O O   . HOH E 5 .   ? 6.706   -5.937  13.352  1.00 28.56 ? 346 HOH A O   1 
HETATM 1140 O O   . HOH E 5 .   ? 12.597  4.381   14.729  1.00 16.50 ? 347 HOH A O   1 
HETATM 1141 O O   . HOH E 5 .   ? 2.413   16.780  -2.973  1.00 18.42 ? 348 HOH A O   1 
HETATM 1142 O O   . HOH E 5 .   ? -9.839  -15.790 6.075   1.00 21.82 ? 349 HOH A O   1 
HETATM 1143 O O   . HOH E 5 .   ? -0.126  -13.650 1.021   1.00 16.98 ? 350 HOH A O   1 
HETATM 1144 O O   . HOH E 5 .   ? -12.012 -1.122  -1.113  1.00 33.41 ? 351 HOH A O   1 
HETATM 1145 O O   . HOH E 5 .   ? 9.702   9.058   0.688   1.00 20.07 ? 352 HOH A O   1 
HETATM 1146 O O   . HOH E 5 .   ? -9.798  -18.770 5.857   1.00 14.44 ? 353 HOH A O   1 
HETATM 1147 O O   . HOH E 5 .   ? -0.873  17.316  8.248   1.00 32.15 ? 354 HOH A O   1 
HETATM 1148 O O   . HOH E 5 .   ? 14.912  5.250   7.859   1.00 27.97 ? 355 HOH A O   1 
HETATM 1149 O O   . HOH E 5 .   ? 4.005   -20.184 9.686   1.00 25.52 ? 356 HOH A O   1 
HETATM 1150 O O   . HOH E 5 .   ? -3.531  -5.996  6.660   1.00 27.38 ? 357 HOH A O   1 
HETATM 1151 O O   . HOH E 5 .   ? -0.937  -7.371  9.663   1.00 32.71 ? 358 HOH A O   1 
HETATM 1152 O O   . HOH E 5 .   ? -9.459  -10.931 7.383   1.00 33.77 ? 359 HOH A O   1 
HETATM 1153 O O   . HOH E 5 .   ? 6.696   3.228   7.193   1.00 17.28 ? 360 HOH A O   1 
HETATM 1154 O O   . HOH E 5 .   ? 5.165   -4.033  11.868  1.00 26.24 ? 361 HOH A O   1 
HETATM 1155 O O   . HOH E 5 .   ? -1.038  -21.805 0.578   1.00 28.99 ? 362 HOH A O   1 
HETATM 1156 O O   . HOH E 5 .   ? 5.959   10.114  17.214  1.00 12.17 ? 363 HOH A O   1 
HETATM 1157 O O   . HOH E 5 .   ? 9.051   -1.273  1.246   1.00 35.96 ? 364 HOH A O   1 
HETATM 1158 O O   . HOH E 5 .   ? 7.642   10.708  14.815  1.00 22.71 ? 365 HOH A O   1 
HETATM 1159 O O   . HOH E 5 .   ? 12.484  5.074   4.758   1.00 27.18 ? 366 HOH A O   1 
HETATM 1160 O O   . HOH E 5 .   ? 5.066   -5.624  -9.825  1.00 50.49 ? 367 HOH A O   1 
HETATM 1161 O O   . HOH E 5 .   ? 11.563  10.198  -0.313  1.00 35.23 ? 368 HOH A O   1 
# 
